data_3OUF
# 
_entry.id   3OUF 
# 
_audit_conform.dict_name       mmcif_pdbx.dic 
_audit_conform.dict_version    5.387 
_audit_conform.dict_location   http://mmcif.pdb.org/dictionaries/ascii/mmcif_pdbx.dic 
# 
loop_
_database_2.database_id 
_database_2.database_code 
_database_2.pdbx_database_accession 
_database_2.pdbx_DOI 
PDB   3OUF         pdb_00003ouf 10.2210/pdb3ouf/pdb 
RCSB  RCSB061586   ?            ?                   
WWPDB D_1000061586 ?            ?                   
# 
loop_
_pdbx_audit_revision_history.ordinal 
_pdbx_audit_revision_history.data_content_type 
_pdbx_audit_revision_history.major_revision 
_pdbx_audit_revision_history.minor_revision 
_pdbx_audit_revision_history.revision_date 
1 'Structure model' 1 0 2011-01-12 
2 'Structure model' 1 1 2011-07-13 
3 'Structure model' 1 2 2017-11-08 
4 'Structure model' 1 3 2024-02-21 
# 
_pdbx_audit_revision_details.ordinal             1 
_pdbx_audit_revision_details.revision_ordinal    1 
_pdbx_audit_revision_details.data_content_type   'Structure model' 
_pdbx_audit_revision_details.provider            repository 
_pdbx_audit_revision_details.type                'Initial release' 
_pdbx_audit_revision_details.description         ? 
_pdbx_audit_revision_details.details             ? 
# 
loop_
_pdbx_audit_revision_group.ordinal 
_pdbx_audit_revision_group.revision_ordinal 
_pdbx_audit_revision_group.data_content_type 
_pdbx_audit_revision_group.group 
1 2 'Structure model' 'Version format compliance' 
2 3 'Structure model' 'Refinement description'    
3 4 'Structure model' 'Data collection'           
4 4 'Structure model' 'Database references'       
5 4 'Structure model' 'Derived calculations'      
# 
loop_
_pdbx_audit_revision_category.ordinal 
_pdbx_audit_revision_category.revision_ordinal 
_pdbx_audit_revision_category.data_content_type 
_pdbx_audit_revision_category.category 
1 3 'Structure model' software               
2 4 'Structure model' chem_comp_atom         
3 4 'Structure model' chem_comp_bond         
4 4 'Structure model' database_2             
5 4 'Structure model' pdbx_struct_conn_angle 
6 4 'Structure model' struct_conn            
7 4 'Structure model' struct_ref_seq_dif     
8 4 'Structure model' struct_site            
# 
loop_
_pdbx_audit_revision_item.ordinal 
_pdbx_audit_revision_item.revision_ordinal 
_pdbx_audit_revision_item.data_content_type 
_pdbx_audit_revision_item.item 
1  4 'Structure model' '_database_2.pdbx_DOI'                        
2  4 'Structure model' '_database_2.pdbx_database_accession'         
3  4 'Structure model' '_pdbx_struct_conn_angle.ptnr1_auth_asym_id'  
4  4 'Structure model' '_pdbx_struct_conn_angle.ptnr1_auth_comp_id'  
5  4 'Structure model' '_pdbx_struct_conn_angle.ptnr1_auth_seq_id'   
6  4 'Structure model' '_pdbx_struct_conn_angle.ptnr1_label_asym_id' 
7  4 'Structure model' '_pdbx_struct_conn_angle.ptnr1_label_atom_id' 
8  4 'Structure model' '_pdbx_struct_conn_angle.ptnr1_label_comp_id' 
9  4 'Structure model' '_pdbx_struct_conn_angle.ptnr1_label_seq_id'  
10 4 'Structure model' '_pdbx_struct_conn_angle.ptnr2_auth_asym_id'  
11 4 'Structure model' '_pdbx_struct_conn_angle.ptnr2_auth_seq_id'   
12 4 'Structure model' '_pdbx_struct_conn_angle.ptnr2_label_asym_id' 
13 4 'Structure model' '_pdbx_struct_conn_angle.ptnr3_auth_asym_id'  
14 4 'Structure model' '_pdbx_struct_conn_angle.ptnr3_auth_comp_id'  
15 4 'Structure model' '_pdbx_struct_conn_angle.ptnr3_auth_seq_id'   
16 4 'Structure model' '_pdbx_struct_conn_angle.ptnr3_label_asym_id' 
17 4 'Structure model' '_pdbx_struct_conn_angle.ptnr3_label_comp_id' 
18 4 'Structure model' '_pdbx_struct_conn_angle.ptnr3_label_seq_id'  
19 4 'Structure model' '_pdbx_struct_conn_angle.value'               
20 4 'Structure model' '_struct_conn.pdbx_dist_value'                
21 4 'Structure model' '_struct_conn.ptnr1_auth_asym_id'             
22 4 'Structure model' '_struct_conn.ptnr1_auth_comp_id'             
23 4 'Structure model' '_struct_conn.ptnr1_auth_seq_id'              
24 4 'Structure model' '_struct_conn.ptnr1_label_asym_id'            
25 4 'Structure model' '_struct_conn.ptnr1_label_atom_id'            
26 4 'Structure model' '_struct_conn.ptnr1_label_comp_id'            
27 4 'Structure model' '_struct_conn.ptnr1_label_seq_id'             
28 4 'Structure model' '_struct_conn.ptnr2_auth_asym_id'             
29 4 'Structure model' '_struct_conn.ptnr2_auth_comp_id'             
30 4 'Structure model' '_struct_conn.ptnr2_auth_seq_id'              
31 4 'Structure model' '_struct_conn.ptnr2_label_asym_id'            
32 4 'Structure model' '_struct_conn.ptnr2_label_atom_id'            
33 4 'Structure model' '_struct_conn.ptnr2_label_comp_id'            
34 4 'Structure model' '_struct_conn.ptnr2_label_seq_id'             
35 4 'Structure model' '_struct_ref_seq_dif.details'                 
36 4 'Structure model' '_struct_site.pdbx_auth_asym_id'              
37 4 'Structure model' '_struct_site.pdbx_auth_comp_id'              
38 4 'Structure model' '_struct_site.pdbx_auth_seq_id'               
# 
_pdbx_database_status.entry_id                        3OUF 
_pdbx_database_status.deposit_site                    RCSB 
_pdbx_database_status.process_site                    RCSB 
_pdbx_database_status.recvd_initial_deposition_date   2010-09-14 
_pdbx_database_status.status_code                     REL 
_pdbx_database_status.status_code_sf                  REL 
_pdbx_database_status.status_code_mr                  ? 
_pdbx_database_status.SG_entry                        ? 
_pdbx_database_status.status_code_cs                  ? 
_pdbx_database_status.pdb_format_compatible           Y 
_pdbx_database_status.methods_development_category    ? 
_pdbx_database_status.status_code_nmr_data            ? 
# 
loop_
_audit_author.name 
_audit_author.pdbx_ordinal 
'Derebe, M.G.' 1 
'Sauer, D.B.'  2 
'Zeng, W.'     3 
'Alam, A.'     4 
'Shi, N.'      5 
'Jiang, Y.'    6 
# 
_citation.id                        primary 
_citation.title                     
'Tuning the ion selectivity of tetrameric cation channels by changing the number of ion binding sites.' 
_citation.journal_abbrev            Proc.Natl.Acad.Sci.USA 
_citation.journal_volume            108 
_citation.page_first                598 
_citation.page_last                 602 
_citation.year                      2011 
_citation.journal_id_ASTM           PNASA6 
_citation.country                   US 
_citation.journal_id_ISSN           0027-8424 
_citation.journal_id_CSD            0040 
_citation.book_publisher            ? 
_citation.pdbx_database_id_PubMed   21187421 
_citation.pdbx_database_id_DOI      10.1073/pnas.1013636108 
# 
loop_
_citation_author.citation_id 
_citation_author.name 
_citation_author.ordinal 
_citation_author.identifier_ORCID 
primary 'Derebe, M.G.' 1 ? 
primary 'Sauer, D.B.'  2 ? 
primary 'Zeng, W.'     3 ? 
primary 'Alam, A.'     4 ? 
primary 'Shi, N.'      5 ? 
primary 'Jiang, Y.'    6 ? 
# 
loop_
_entity.id 
_entity.type 
_entity.src_method 
_entity.pdbx_description 
_entity.formula_weight 
_entity.pdbx_number_of_molecules 
_entity.pdbx_ec 
_entity.pdbx_mutation 
_entity.pdbx_fragment 
_entity.details 
1 polymer     man 'Potassium channel protein'     10771.673 2  ? D66Y ? ? 
2 non-polymer syn '(4S)-2-METHYL-2,4-PENTANEDIOL' 118.174   5  ? ?    ? ? 
3 non-polymer syn 'POTASSIUM ION'                 39.098    9  ? ?    ? ? 
4 water       nat water                           18.015    72 ? ?    ? ? 
# 
_entity_poly.entity_id                      1 
_entity_poly.type                           'polypeptide(L)' 
_entity_poly.nstd_linkage                   no 
_entity_poly.nstd_monomer                   no 
_entity_poly.pdbx_seq_one_letter_code       
;MAKDKEFQVLFVLTILTLISGTIFYSTVEGLRPIDALYFSVVTLTTVGYGDFSPQTDFGKIFTILYIFIGIGLVFGFIHK
LAVNVQLPSILSNLVPR
;
_entity_poly.pdbx_seq_one_letter_code_can   
;MAKDKEFQVLFVLTILTLISGTIFYSTVEGLRPIDALYFSVVTLTTVGYGDFSPQTDFGKIFTILYIFIGIGLVFGFIHK
LAVNVQLPSILSNLVPR
;
_entity_poly.pdbx_strand_id                 A,B 
_entity_poly.pdbx_target_identifier         ? 
# 
loop_
_pdbx_entity_nonpoly.entity_id 
_pdbx_entity_nonpoly.name 
_pdbx_entity_nonpoly.comp_id 
2 '(4S)-2-METHYL-2,4-PENTANEDIOL' MPD 
3 'POTASSIUM ION'                 K   
4 water                           HOH 
# 
loop_
_entity_poly_seq.entity_id 
_entity_poly_seq.num 
_entity_poly_seq.mon_id 
_entity_poly_seq.hetero 
1 1  MET n 
1 2  ALA n 
1 3  LYS n 
1 4  ASP n 
1 5  LYS n 
1 6  GLU n 
1 7  PHE n 
1 8  GLN n 
1 9  VAL n 
1 10 LEU n 
1 11 PHE n 
1 12 VAL n 
1 13 LEU n 
1 14 THR n 
1 15 ILE n 
1 16 LEU n 
1 17 THR n 
1 18 LEU n 
1 19 ILE n 
1 20 SER n 
1 21 GLY n 
1 22 THR n 
1 23 ILE n 
1 24 PHE n 
1 25 TYR n 
1 26 SER n 
1 27 THR n 
1 28 VAL n 
1 29 GLU n 
1 30 GLY n 
1 31 LEU n 
1 32 ARG n 
1 33 PRO n 
1 34 ILE n 
1 35 ASP n 
1 36 ALA n 
1 37 LEU n 
1 38 TYR n 
1 39 PHE n 
1 40 SER n 
1 41 VAL n 
1 42 VAL n 
1 43 THR n 
1 44 LEU n 
1 45 THR n 
1 46 THR n 
1 47 VAL n 
1 48 GLY n 
1 49 TYR n 
1 50 GLY n 
1 51 ASP n 
1 52 PHE n 
1 53 SER n 
1 54 PRO n 
1 55 GLN n 
1 56 THR n 
1 57 ASP n 
1 58 PHE n 
1 59 GLY n 
1 60 LYS n 
1 61 ILE n 
1 62 PHE n 
1 63 THR n 
1 64 ILE n 
1 65 LEU n 
1 66 TYR n 
1 67 ILE n 
1 68 PHE n 
1 69 ILE n 
1 70 GLY n 
1 71 ILE n 
1 72 GLY n 
1 73 LEU n 
1 74 VAL n 
1 75 PHE n 
1 76 GLY n 
1 77 PHE n 
1 78 ILE n 
1 79 HIS n 
1 80 LYS n 
1 81 LEU n 
1 82 ALA n 
1 83 VAL n 
1 84 ASN n 
1 85 VAL n 
1 86 GLN n 
1 87 LEU n 
1 88 PRO n 
1 89 SER n 
1 90 ILE n 
1 91 LEU n 
1 92 SER n 
1 93 ASN n 
1 94 LEU n 
1 95 VAL n 
1 96 PRO n 
1 97 ARG n 
# 
_entity_src_gen.entity_id                          1 
_entity_src_gen.pdbx_src_id                        1 
_entity_src_gen.pdbx_alt_source_flag               sample 
_entity_src_gen.pdbx_seq_type                      ? 
_entity_src_gen.pdbx_beg_seq_num                   ? 
_entity_src_gen.pdbx_end_seq_num                   ? 
_entity_src_gen.gene_src_common_name               ? 
_entity_src_gen.gene_src_genus                     ? 
_entity_src_gen.pdbx_gene_src_gene                 bcere0011_5790 
_entity_src_gen.gene_src_species                   ? 
_entity_src_gen.gene_src_strain                    m1550 
_entity_src_gen.gene_src_tissue                    ? 
_entity_src_gen.gene_src_tissue_fraction           ? 
_entity_src_gen.gene_src_details                   ? 
_entity_src_gen.pdbx_gene_src_fragment             ? 
_entity_src_gen.pdbx_gene_src_scientific_name      'Bacillus cereus' 
_entity_src_gen.pdbx_gene_src_ncbi_taxonomy_id     526969 
_entity_src_gen.pdbx_gene_src_variant              ? 
_entity_src_gen.pdbx_gene_src_cell_line            ? 
_entity_src_gen.pdbx_gene_src_atcc                 ? 
_entity_src_gen.pdbx_gene_src_organ                ? 
_entity_src_gen.pdbx_gene_src_organelle            ? 
_entity_src_gen.pdbx_gene_src_cell                 ? 
_entity_src_gen.pdbx_gene_src_cellular_location    ? 
_entity_src_gen.host_org_common_name               ? 
_entity_src_gen.pdbx_host_org_scientific_name      'Escherichia coli' 
_entity_src_gen.pdbx_host_org_ncbi_taxonomy_id     562 
_entity_src_gen.host_org_genus                     ? 
_entity_src_gen.pdbx_host_org_gene                 ? 
_entity_src_gen.pdbx_host_org_organ                ? 
_entity_src_gen.host_org_species                   ? 
_entity_src_gen.pdbx_host_org_tissue               ? 
_entity_src_gen.pdbx_host_org_tissue_fraction      ? 
_entity_src_gen.pdbx_host_org_strain               Sg13009 
_entity_src_gen.pdbx_host_org_variant              ? 
_entity_src_gen.pdbx_host_org_cell_line            ? 
_entity_src_gen.pdbx_host_org_atcc                 ? 
_entity_src_gen.pdbx_host_org_culture_collection   ? 
_entity_src_gen.pdbx_host_org_cell                 ? 
_entity_src_gen.pdbx_host_org_organelle            ? 
_entity_src_gen.pdbx_host_org_cellular_location    ? 
_entity_src_gen.pdbx_host_org_vector_type          Plasmid 
_entity_src_gen.pdbx_host_org_vector               ? 
_entity_src_gen.host_org_details                   ? 
_entity_src_gen.expression_system_id               ? 
_entity_src_gen.plasmid_name                       pQE60 
_entity_src_gen.plasmid_details                    ? 
_entity_src_gen.pdbx_description                   ? 
# 
loop_
_chem_comp.id 
_chem_comp.type 
_chem_comp.mon_nstd_flag 
_chem_comp.name 
_chem_comp.pdbx_synonyms 
_chem_comp.formula 
_chem_comp.formula_weight 
ALA 'L-peptide linking' y ALANINE                         ? 'C3 H7 N O2'     89.093  
ARG 'L-peptide linking' y ARGININE                        ? 'C6 H15 N4 O2 1' 175.209 
ASN 'L-peptide linking' y ASPARAGINE                      ? 'C4 H8 N2 O3'    132.118 
ASP 'L-peptide linking' y 'ASPARTIC ACID'                 ? 'C4 H7 N O4'     133.103 
GLN 'L-peptide linking' y GLUTAMINE                       ? 'C5 H10 N2 O3'   146.144 
GLU 'L-peptide linking' y 'GLUTAMIC ACID'                 ? 'C5 H9 N O4'     147.129 
GLY 'peptide linking'   y GLYCINE                         ? 'C2 H5 N O2'     75.067  
HIS 'L-peptide linking' y HISTIDINE                       ? 'C6 H10 N3 O2 1' 156.162 
HOH non-polymer         . WATER                           ? 'H2 O'           18.015  
ILE 'L-peptide linking' y ISOLEUCINE                      ? 'C6 H13 N O2'    131.173 
K   non-polymer         . 'POTASSIUM ION'                 ? 'K 1'            39.098  
LEU 'L-peptide linking' y LEUCINE                         ? 'C6 H13 N O2'    131.173 
LYS 'L-peptide linking' y LYSINE                          ? 'C6 H15 N2 O2 1' 147.195 
MET 'L-peptide linking' y METHIONINE                      ? 'C5 H11 N O2 S'  149.211 
MPD non-polymer         . '(4S)-2-METHYL-2,4-PENTANEDIOL' ? 'C6 H14 O2'      118.174 
PHE 'L-peptide linking' y PHENYLALANINE                   ? 'C9 H11 N O2'    165.189 
PRO 'L-peptide linking' y PROLINE                         ? 'C5 H9 N O2'     115.130 
SER 'L-peptide linking' y SERINE                          ? 'C3 H7 N O3'     105.093 
THR 'L-peptide linking' y THREONINE                       ? 'C4 H9 N O3'     119.119 
TYR 'L-peptide linking' y TYROSINE                        ? 'C9 H11 N O3'    181.189 
VAL 'L-peptide linking' y VALINE                          ? 'C5 H11 N O2'    117.146 
# 
loop_
_pdbx_poly_seq_scheme.asym_id 
_pdbx_poly_seq_scheme.entity_id 
_pdbx_poly_seq_scheme.seq_id 
_pdbx_poly_seq_scheme.mon_id 
_pdbx_poly_seq_scheme.ndb_seq_num 
_pdbx_poly_seq_scheme.pdb_seq_num 
_pdbx_poly_seq_scheme.auth_seq_num 
_pdbx_poly_seq_scheme.pdb_mon_id 
_pdbx_poly_seq_scheme.auth_mon_id 
_pdbx_poly_seq_scheme.pdb_strand_id 
_pdbx_poly_seq_scheme.pdb_ins_code 
_pdbx_poly_seq_scheme.hetero 
A 1 1  MET 1  18  ?   ?   ?   A . n 
A 1 2  ALA 2  19  ?   ?   ?   A . n 
A 1 3  LYS 3  20  ?   ?   ?   A . n 
A 1 4  ASP 4  21  21  ASP ASP A . n 
A 1 5  LYS 5  22  22  LYS LYS A . n 
A 1 6  GLU 6  23  23  GLU GLU A . n 
A 1 7  PHE 7  24  24  PHE PHE A . n 
A 1 8  GLN 8  25  25  GLN GLN A . n 
A 1 9  VAL 9  26  26  VAL VAL A . n 
A 1 10 LEU 10 27  27  LEU LEU A . n 
A 1 11 PHE 11 28  28  PHE PHE A . n 
A 1 12 VAL 12 29  29  VAL VAL A . n 
A 1 13 LEU 13 30  30  LEU LEU A . n 
A 1 14 THR 14 31  31  THR THR A . n 
A 1 15 ILE 15 32  32  ILE ILE A . n 
A 1 16 LEU 16 33  33  LEU LEU A . n 
A 1 17 THR 17 34  34  THR THR A . n 
A 1 18 LEU 18 35  35  LEU LEU A . n 
A 1 19 ILE 19 36  36  ILE ILE A . n 
A 1 20 SER 20 37  37  SER SER A . n 
A 1 21 GLY 21 38  38  GLY GLY A . n 
A 1 22 THR 22 39  39  THR THR A . n 
A 1 23 ILE 23 40  40  ILE ILE A . n 
A 1 24 PHE 24 41  41  PHE PHE A . n 
A 1 25 TYR 25 42  42  TYR TYR A . n 
A 1 26 SER 26 43  43  SER SER A . n 
A 1 27 THR 27 44  44  THR THR A . n 
A 1 28 VAL 28 45  45  VAL VAL A . n 
A 1 29 GLU 29 46  46  GLU GLU A . n 
A 1 30 GLY 30 47  47  GLY GLY A . n 
A 1 31 LEU 31 48  48  LEU LEU A . n 
A 1 32 ARG 32 49  49  ARG ARG A . n 
A 1 33 PRO 33 50  50  PRO PRO A . n 
A 1 34 ILE 34 51  51  ILE ILE A . n 
A 1 35 ASP 35 52  52  ASP ASP A . n 
A 1 36 ALA 36 53  53  ALA ALA A . n 
A 1 37 LEU 37 54  54  LEU LEU A . n 
A 1 38 TYR 38 55  55  TYR TYR A . n 
A 1 39 PHE 39 56  56  PHE PHE A . n 
A 1 40 SER 40 57  57  SER SER A . n 
A 1 41 VAL 41 58  58  VAL VAL A . n 
A 1 42 VAL 42 59  59  VAL VAL A . n 
A 1 43 THR 43 60  60  THR THR A . n 
A 1 44 LEU 44 61  61  LEU LEU A . n 
A 1 45 THR 45 62  62  THR THR A . n 
A 1 46 THR 46 63  63  THR THR A . n 
A 1 47 VAL 47 64  64  VAL VAL A . n 
A 1 48 GLY 48 65  65  GLY GLY A . n 
A 1 49 TYR 49 66  66  TYR TYR A . n 
A 1 50 GLY 50 67  67  GLY GLY A . n 
A 1 51 ASP 51 68  68  ASP ASP A . n 
A 1 52 PHE 52 69  69  PHE PHE A . n 
A 1 53 SER 53 70  70  SER SER A . n 
A 1 54 PRO 54 71  71  PRO PRO A . n 
A 1 55 GLN 55 72  72  GLN GLN A . n 
A 1 56 THR 56 73  73  THR THR A . n 
A 1 57 ASP 57 74  74  ASP ASP A . n 
A 1 58 PHE 58 75  75  PHE PHE A . n 
A 1 59 GLY 59 76  76  GLY GLY A . n 
A 1 60 LYS 60 77  77  LYS LYS A . n 
A 1 61 ILE 61 78  78  ILE ILE A . n 
A 1 62 PHE 62 79  79  PHE PHE A . n 
A 1 63 THR 63 80  80  THR THR A . n 
A 1 64 ILE 64 81  81  ILE ILE A . n 
A 1 65 LEU 65 82  82  LEU LEU A . n 
A 1 66 TYR 66 83  83  TYR TYR A . n 
A 1 67 ILE 67 84  84  ILE ILE A . n 
A 1 68 PHE 68 85  85  PHE PHE A . n 
A 1 69 ILE 69 86  86  ILE ILE A . n 
A 1 70 GLY 70 87  87  GLY GLY A . n 
A 1 71 ILE 71 88  88  ILE ILE A . n 
A 1 72 GLY 72 89  89  GLY GLY A . n 
A 1 73 LEU 73 90  90  LEU LEU A . n 
A 1 74 VAL 74 91  91  VAL VAL A . n 
A 1 75 PHE 75 92  92  PHE PHE A . n 
A 1 76 GLY 76 93  93  GLY GLY A . n 
A 1 77 PHE 77 94  94  PHE PHE A . n 
A 1 78 ILE 78 95  95  ILE ILE A . n 
A 1 79 HIS 79 96  96  HIS HIS A . n 
A 1 80 LYS 80 97  97  LYS LYS A . n 
A 1 81 LEU 81 98  98  LEU LEU A . n 
A 1 82 ALA 82 99  99  ALA ALA A . n 
A 1 83 VAL 83 100 100 VAL VAL A . n 
A 1 84 ASN 84 101 101 ASN ASN A . n 
A 1 85 VAL 85 102 102 VAL VAL A . n 
A 1 86 GLN 86 103 103 GLN GLN A . n 
A 1 87 LEU 87 104 104 LEU LEU A . n 
A 1 88 PRO 88 105 105 PRO PRO A . n 
A 1 89 SER 89 106 106 SER SER A . n 
A 1 90 ILE 90 107 107 ILE ILE A . n 
A 1 91 LEU 91 108 108 LEU LEU A . n 
A 1 92 SER 92 109 109 SER SER A . n 
A 1 93 ASN 93 110 110 ASN ASN A . n 
A 1 94 LEU 94 111 111 LEU LEU A . n 
A 1 95 VAL 95 112 112 VAL VAL A . n 
A 1 96 PRO 96 113 113 PRO PRO A . n 
A 1 97 ARG 97 114 ?   ?   ?   A . n 
B 1 1  MET 1  18  ?   ?   ?   B . n 
B 1 2  ALA 2  19  19  ALA ALA B . n 
B 1 3  LYS 3  20  20  LYS LYS B . n 
B 1 4  ASP 4  21  21  ASP ASP B . n 
B 1 5  LYS 5  22  22  LYS LYS B . n 
B 1 6  GLU 6  23  23  GLU GLU B . n 
B 1 7  PHE 7  24  24  PHE PHE B . n 
B 1 8  GLN 8  25  25  GLN GLN B . n 
B 1 9  VAL 9  26  26  VAL VAL B . n 
B 1 10 LEU 10 27  27  LEU LEU B . n 
B 1 11 PHE 11 28  28  PHE PHE B . n 
B 1 12 VAL 12 29  29  VAL VAL B . n 
B 1 13 LEU 13 30  30  LEU LEU B . n 
B 1 14 THR 14 31  31  THR THR B . n 
B 1 15 ILE 15 32  32  ILE ILE B . n 
B 1 16 LEU 16 33  33  LEU LEU B . n 
B 1 17 THR 17 34  34  THR THR B . n 
B 1 18 LEU 18 35  35  LEU LEU B . n 
B 1 19 ILE 19 36  36  ILE ILE B . n 
B 1 20 SER 20 37  37  SER SER B . n 
B 1 21 GLY 21 38  38  GLY GLY B . n 
B 1 22 THR 22 39  39  THR THR B . n 
B 1 23 ILE 23 40  40  ILE ILE B . n 
B 1 24 PHE 24 41  41  PHE PHE B . n 
B 1 25 TYR 25 42  42  TYR TYR B . n 
B 1 26 SER 26 43  43  SER SER B . n 
B 1 27 THR 27 44  44  THR THR B . n 
B 1 28 VAL 28 45  45  VAL VAL B . n 
B 1 29 GLU 29 46  46  GLU GLU B . n 
B 1 30 GLY 30 47  47  GLY GLY B . n 
B 1 31 LEU 31 48  48  LEU LEU B . n 
B 1 32 ARG 32 49  49  ARG ARG B . n 
B 1 33 PRO 33 50  50  PRO PRO B . n 
B 1 34 ILE 34 51  51  ILE ILE B . n 
B 1 35 ASP 35 52  52  ASP ASP B . n 
B 1 36 ALA 36 53  53  ALA ALA B . n 
B 1 37 LEU 37 54  54  LEU LEU B . n 
B 1 38 TYR 38 55  55  TYR TYR B . n 
B 1 39 PHE 39 56  56  PHE PHE B . n 
B 1 40 SER 40 57  57  SER SER B . n 
B 1 41 VAL 41 58  58  VAL VAL B . n 
B 1 42 VAL 42 59  59  VAL VAL B . n 
B 1 43 THR 43 60  60  THR THR B . n 
B 1 44 LEU 44 61  61  LEU LEU B . n 
B 1 45 THR 45 62  62  THR THR B . n 
B 1 46 THR 46 63  63  THR THR B . n 
B 1 47 VAL 47 64  64  VAL VAL B . n 
B 1 48 GLY 48 65  65  GLY GLY B . n 
B 1 49 TYR 49 66  66  TYR TYR B . n 
B 1 50 GLY 50 67  67  GLY GLY B . n 
B 1 51 ASP 51 68  68  ASP ASP B . n 
B 1 52 PHE 52 69  69  PHE PHE B . n 
B 1 53 SER 53 70  70  SER SER B . n 
B 1 54 PRO 54 71  71  PRO PRO B . n 
B 1 55 GLN 55 72  72  GLN GLN B . n 
B 1 56 THR 56 73  73  THR THR B . n 
B 1 57 ASP 57 74  74  ASP ASP B . n 
B 1 58 PHE 58 75  75  PHE PHE B . n 
B 1 59 GLY 59 76  76  GLY GLY B . n 
B 1 60 LYS 60 77  77  LYS LYS B . n 
B 1 61 ILE 61 78  78  ILE ILE B . n 
B 1 62 PHE 62 79  79  PHE PHE B . n 
B 1 63 THR 63 80  80  THR THR B . n 
B 1 64 ILE 64 81  81  ILE ILE B . n 
B 1 65 LEU 65 82  82  LEU LEU B . n 
B 1 66 TYR 66 83  83  TYR TYR B . n 
B 1 67 ILE 67 84  84  ILE ILE B . n 
B 1 68 PHE 68 85  85  PHE PHE B . n 
B 1 69 ILE 69 86  86  ILE ILE B . n 
B 1 70 GLY 70 87  87  GLY GLY B . n 
B 1 71 ILE 71 88  88  ILE ILE B . n 
B 1 72 GLY 72 89  89  GLY GLY B . n 
B 1 73 LEU 73 90  90  LEU LEU B . n 
B 1 74 VAL 74 91  91  VAL VAL B . n 
B 1 75 PHE 75 92  92  PHE PHE B . n 
B 1 76 GLY 76 93  93  GLY GLY B . n 
B 1 77 PHE 77 94  94  PHE PHE B . n 
B 1 78 ILE 78 95  95  ILE ILE B . n 
B 1 79 HIS 79 96  96  HIS HIS B . n 
B 1 80 LYS 80 97  97  LYS LYS B . n 
B 1 81 LEU 81 98  98  LEU LEU B . n 
B 1 82 ALA 82 99  99  ALA ALA B . n 
B 1 83 VAL 83 100 100 VAL VAL B . n 
B 1 84 ASN 84 101 101 ASN ASN B . n 
B 1 85 VAL 85 102 102 VAL VAL B . n 
B 1 86 GLN 86 103 103 GLN GLN B . n 
B 1 87 LEU 87 104 104 LEU LEU B . n 
B 1 88 PRO 88 105 105 PRO PRO B . n 
B 1 89 SER 89 106 106 SER SER B . n 
B 1 90 ILE 90 107 107 ILE ILE B . n 
B 1 91 LEU 91 108 108 LEU LEU B . n 
B 1 92 SER 92 109 109 SER SER B . n 
B 1 93 ASN 93 110 110 ASN ASN B . n 
B 1 94 LEU 94 111 111 LEU LEU B . n 
B 1 95 VAL 95 112 112 VAL VAL B . n 
B 1 96 PRO 96 113 113 PRO PRO B . n 
B 1 97 ARG 97 114 114 ARG ARG B . n 
# 
loop_
_pdbx_nonpoly_scheme.asym_id 
_pdbx_nonpoly_scheme.entity_id 
_pdbx_nonpoly_scheme.mon_id 
_pdbx_nonpoly_scheme.ndb_seq_num 
_pdbx_nonpoly_scheme.pdb_seq_num 
_pdbx_nonpoly_scheme.auth_seq_num 
_pdbx_nonpoly_scheme.pdb_mon_id 
_pdbx_nonpoly_scheme.auth_mon_id 
_pdbx_nonpoly_scheme.pdb_strand_id 
_pdbx_nonpoly_scheme.pdb_ins_code 
C 2 MPD 1  501 501 MPD MPD A . 
D 2 MPD 1  503 503 MPD MPD A . 
E 3 K   1  5   5   K   K   A . 
F 3 K   1  6   6   K   K   A . 
G 3 K   1  7   7   K   K   A . 
H 3 K   1  8   8   K   K   A . 
I 3 K   1  9   9   K   K   A . 
J 2 MPD 1  502 502 MPD MPD B . 
K 2 MPD 1  504 504 MPD MPD B . 
L 2 MPD 1  505 505 MPD MPD B . 
M 3 K   1  1   1   K   K   B . 
N 3 K   1  2   2   K   K   B . 
O 3 K   1  3   3   K   K   B . 
P 3 K   1  4   4   K   K   B . 
Q 4 HOH 1  1   1   HOH HOH A . 
Q 4 HOH 2  2   2   HOH HOH A . 
Q 4 HOH 3  4   4   HOH HOH A . 
Q 4 HOH 4  10  10  HOH HOH A . 
Q 4 HOH 5  11  11  HOH HOH A . 
Q 4 HOH 6  13  13  HOH HOH A . 
Q 4 HOH 7  14  14  HOH HOH A . 
Q 4 HOH 8  15  15  HOH HOH A . 
Q 4 HOH 9  115 6   HOH HOH A . 
Q 4 HOH 10 116 9   HOH HOH A . 
Q 4 HOH 11 117 18  HOH HOH A . 
Q 4 HOH 12 118 19  HOH HOH A . 
Q 4 HOH 13 119 20  HOH HOH A . 
Q 4 HOH 14 120 21  HOH HOH A . 
Q 4 HOH 15 121 22  HOH HOH A . 
Q 4 HOH 16 122 30  HOH HOH A . 
Q 4 HOH 17 123 31  HOH HOH A . 
Q 4 HOH 18 124 33  HOH HOH A . 
Q 4 HOH 19 125 34  HOH HOH A . 
Q 4 HOH 20 126 37  HOH HOH A . 
Q 4 HOH 21 127 41  HOH HOH A . 
Q 4 HOH 22 128 42  HOH HOH A . 
Q 4 HOH 23 129 43  HOH HOH A . 
Q 4 HOH 24 130 44  HOH HOH A . 
Q 4 HOH 25 131 45  HOH HOH A . 
Q 4 HOH 26 132 46  HOH HOH A . 
Q 4 HOH 27 133 49  HOH HOH A . 
Q 4 HOH 28 134 52  HOH HOH A . 
Q 4 HOH 29 135 54  HOH HOH A . 
Q 4 HOH 30 136 55  HOH HOH A . 
Q 4 HOH 31 137 56  HOH HOH A . 
Q 4 HOH 32 138 58  HOH HOH A . 
Q 4 HOH 33 139 60  HOH HOH A . 
Q 4 HOH 34 140 61  HOH HOH A . 
Q 4 HOH 35 141 64  HOH HOH A . 
Q 4 HOH 36 142 65  HOH HOH A . 
Q 4 HOH 37 143 66  HOH HOH A . 
Q 4 HOH 38 144 68  HOH HOH A . 
Q 4 HOH 39 145 29  HOH HOH A . 
R 4 HOH 1  5   5   HOH HOH B . 
R 4 HOH 2  7   7   HOH HOH B . 
R 4 HOH 3  8   8   HOH HOH B . 
R 4 HOH 4  12  12  HOH HOH B . 
R 4 HOH 5  16  16  HOH HOH B . 
R 4 HOH 6  17  17  HOH HOH B . 
R 4 HOH 7  115 3   HOH HOH B . 
R 4 HOH 8  116 23  HOH HOH B . 
R 4 HOH 9  117 24  HOH HOH B . 
R 4 HOH 10 118 25  HOH HOH B . 
R 4 HOH 11 119 26  HOH HOH B . 
R 4 HOH 12 120 27  HOH HOH B . 
R 4 HOH 13 121 28  HOH HOH B . 
R 4 HOH 14 123 32  HOH HOH B . 
R 4 HOH 15 124 35  HOH HOH B . 
R 4 HOH 16 125 36  HOH HOH B . 
R 4 HOH 17 126 38  HOH HOH B . 
R 4 HOH 18 127 39  HOH HOH B . 
R 4 HOH 19 128 40  HOH HOH B . 
R 4 HOH 20 129 47  HOH HOH B . 
R 4 HOH 21 130 48  HOH HOH B . 
R 4 HOH 22 131 50  HOH HOH B . 
R 4 HOH 23 132 51  HOH HOH B . 
R 4 HOH 24 133 53  HOH HOH B . 
R 4 HOH 25 134 57  HOH HOH B . 
R 4 HOH 26 135 59  HOH HOH B . 
R 4 HOH 27 136 62  HOH HOH B . 
R 4 HOH 28 137 63  HOH HOH B . 
R 4 HOH 29 138 67  HOH HOH B . 
R 4 HOH 30 139 69  HOH HOH B . 
R 4 HOH 31 140 70  HOH HOH B . 
R 4 HOH 32 141 71  HOH HOH B . 
R 4 HOH 33 142 72  HOH HOH B . 
# 
loop_
_software.pdbx_ordinal 
_software.name 
_software.version 
_software.date 
_software.type 
_software.contact_author 
_software.contact_author_email 
_software.classification 
_software.location 
_software.language 
_software.citation_id 
1 DENZO       .    ?               package 'Zbyszek Otwinowski' hkl@hkl-xray.com         'data reduction'  
http://www.hkl-xray.com/                  ?          ? 
2 SCALEPACK   .    ?               package 'Zbyszek Otwinowski' hkl@hkl-xray.com         'data scaling'    
http://www.hkl-xray.com/                  ?          ? 
3 CNS         .    ?               package 'Axel T. Brunger'    axel.brunger@yale.edu    refinement        http://cns-online.org/ 
Fortran_77 ? 
4 PDB_EXTRACT 3.10 'June 10, 2010' package PDB                  deposit@deposit.rcsb.org 'data extraction' 
http://sw-tools.pdb.org/apps/PDB_EXTRACT/ C++        ? 
5 HKL-2000    .    ?               ?       ?                    ?                        'data collection' ? ?          ? 
6 CNS         .    ?               ?       ?                    ?                        phasing           ? ?          ? 
# 
_cell.length_a           67.939 
_cell.length_b           67.939 
_cell.length_c           89.638 
_cell.angle_alpha        90.000 
_cell.angle_beta         90.000 
_cell.angle_gamma        90.000 
_cell.entry_id           3OUF 
_cell.pdbx_unique_axis   ? 
_cell.Z_PDB              16 
_cell.length_a_esd       ? 
_cell.length_b_esd       ? 
_cell.length_c_esd       ? 
_cell.angle_alpha_esd    ? 
_cell.angle_beta_esd     ? 
_cell.angle_gamma_esd    ? 
# 
_symmetry.space_group_name_H-M             'I 4' 
_symmetry.entry_id                         3OUF 
_symmetry.pdbx_full_space_group_name_H-M   ? 
_symmetry.Int_Tables_number                79 
_symmetry.cell_setting                     ? 
_symmetry.space_group_name_Hall            ? 
# 
_exptl.crystals_number   1 
_exptl.entry_id          3OUF 
_exptl.method            'X-RAY DIFFRACTION' 
# 
_exptl_crystal.id                    1 
_exptl_crystal.density_Matthews      2.40 
_exptl_crystal.density_meas          ? 
_exptl_crystal.density_percent_sol   48.76 
_exptl_crystal.description           ? 
_exptl_crystal.F_000                 ? 
_exptl_crystal.preparation           ? 
# 
_exptl_crystal_grow.crystal_id      1 
_exptl_crystal_grow.method          'VAPOR DIFFUSION, SITTING DROP' 
_exptl_crystal_grow.pH              6.0 
_exptl_crystal_grow.temp            293 
_exptl_crystal_grow.temp_details    ? 
_exptl_crystal_grow.pdbx_details    '65% MPD, pH 6.0, VAPOR DIFFUSION, SITTING DROP, temperature 293K' 
_exptl_crystal_grow.pdbx_pH_range   ? 
# 
_diffrn.id                     1 
_diffrn.ambient_temp           78 
_diffrn.ambient_temp_details   ? 
_diffrn.crystal_id             1 
# 
_diffrn_detector.diffrn_id              1 
_diffrn_detector.detector               CCD 
_diffrn_detector.type                   'ADSC QUANTUM 315r' 
_diffrn_detector.pdbx_collection_date   2009-02-21 
_diffrn_detector.details                ? 
# 
_diffrn_radiation.diffrn_id                        1 
_diffrn_radiation.wavelength_id                    1 
_diffrn_radiation.pdbx_diffrn_protocol             'SINGLE WAVELENGTH' 
_diffrn_radiation.monochromator                    ? 
_diffrn_radiation.pdbx_monochromatic_or_laue_m_l   M 
_diffrn_radiation.pdbx_scattering_type             x-ray 
# 
_diffrn_radiation_wavelength.id           1 
_diffrn_radiation_wavelength.wavelength   1.0 
_diffrn_radiation_wavelength.wt           1.0 
# 
_diffrn_source.diffrn_id                   1 
_diffrn_source.source                      SYNCHROTRON 
_diffrn_source.type                        'APS BEAMLINE 19-ID' 
_diffrn_source.pdbx_wavelength             ? 
_diffrn_source.pdbx_wavelength_list        1.0 
_diffrn_source.pdbx_synchrotron_site       APS 
_diffrn_source.pdbx_synchrotron_beamline   19-ID 
# 
_reflns.entry_id                     3OUF 
_reflns.observed_criterion_sigma_F   ? 
_reflns.observed_criterion_sigma_I   ? 
_reflns.d_resolution_high            1.55 
_reflns.d_resolution_low             50 
_reflns.number_all                   28703 
_reflns.number_obs                   28666 
_reflns.percent_possible_obs         ? 
_reflns.pdbx_Rmerge_I_obs            ? 
_reflns.pdbx_Rsym_value              ? 
_reflns.pdbx_netI_over_sigmaI        ? 
_reflns.B_iso_Wilson_estimate        ? 
_reflns.pdbx_redundancy              ? 
_reflns.R_free_details               ? 
_reflns.limit_h_max                  ? 
_reflns.limit_h_min                  ? 
_reflns.limit_k_max                  ? 
_reflns.limit_k_min                  ? 
_reflns.limit_l_max                  ? 
_reflns.limit_l_min                  ? 
_reflns.observed_criterion_F_max     ? 
_reflns.observed_criterion_F_min     ? 
_reflns.pdbx_chi_squared             ? 
_reflns.pdbx_scaling_rejects         ? 
_reflns.pdbx_diffrn_id               1 
_reflns.pdbx_ordinal                 1 
# 
_refine.entry_id                                 3OUF 
_refine.ls_d_res_high                            1.5500 
_refine.ls_d_res_low                             50.0000 
_refine.pdbx_ls_sigma_F                          0.000 
_refine.pdbx_data_cutoff_high_absF               ? 
_refine.pdbx_data_cutoff_low_absF                ? 
_refine.ls_percent_reflns_obs                    97.2000 
_refine.ls_number_reflns_obs                     28666 
_refine.ls_number_reflns_all                     28703 
_refine.pdbx_ls_cross_valid_method               ? 
_refine.pdbx_R_Free_selection_details            ? 
_refine.details                                  ? 
_refine.ls_R_factor_all                          ? 
_refine.ls_R_factor_obs                          ? 
_refine.ls_R_factor_R_work                       0.1995 
_refine.ls_wR_factor_R_work                      ? 
_refine.ls_R_factor_R_free                       0.2154 
_refine.ls_wR_factor_R_free                      ? 
_refine.ls_percent_reflns_R_free                 4.9000 
_refine.ls_number_reflns_R_free                  1436 
_refine.ls_R_factor_R_free_error                 ? 
_refine.B_iso_mean                               29.1961 
_refine.solvent_model_param_bsol                 101.7430 
_refine.solvent_model_param_ksol                 ? 
_refine.pdbx_isotropic_thermal_model             ? 
_refine.aniso_B[1][1]                            1.0930 
_refine.aniso_B[2][2]                            1.0930 
_refine.aniso_B[3][3]                            -2.1860 
_refine.aniso_B[1][2]                            0.0000 
_refine.aniso_B[1][3]                            0.0000 
_refine.aniso_B[2][3]                            0.0000 
_refine.correlation_coeff_Fo_to_Fc               ? 
_refine.correlation_coeff_Fo_to_Fc_free          ? 
_refine.overall_SU_R_Cruickshank_DPI             ? 
_refine.overall_SU_R_free                        ? 
_refine.pdbx_overall_ESU_R_Free                  ? 
_refine.overall_SU_ML                            ? 
_refine.overall_SU_B                             ? 
_refine.solvent_model_details                    ? 
_refine.pdbx_solvent_vdw_probe_radii             ? 
_refine.pdbx_solvent_ion_probe_radii             ? 
_refine.pdbx_solvent_shrinkage_radii             ? 
_refine.ls_number_parameters                     ? 
_refine.ls_number_restraints                     ? 
_refine.pdbx_starting_model                      ? 
_refine.pdbx_method_to_determine_struct          'MOLECULAR REPLACEMENT' 
_refine.pdbx_stereochemistry_target_values       ? 
_refine.pdbx_stereochem_target_val_spec_case     ? 
_refine.overall_FOM_work_R_set                   ? 
_refine.B_iso_max                                75.160 
_refine.B_iso_min                                10.360 
_refine.occupancy_max                            1.000 
_refine.occupancy_min                            1.000 
_refine.pdbx_ls_sigma_I                          ? 
_refine.ls_redundancy_reflns_obs                 ? 
_refine.ls_R_factor_R_free_error_details         ? 
_refine.pdbx_data_cutoff_high_rms_absF           ? 
_refine.overall_FOM_free_R_set                   ? 
_refine.pdbx_overall_phase_error                 ? 
_refine.pdbx_refine_id                           'X-RAY DIFFRACTION' 
_refine.pdbx_overall_ESU_R                       ? 
_refine.pdbx_diffrn_id                           1 
_refine.pdbx_TLS_residual_ADP_flag               ? 
_refine.pdbx_overall_SU_R_free_Cruickshank_DPI   ? 
_refine.pdbx_overall_SU_R_Blow_DPI               ? 
_refine.pdbx_overall_SU_R_free_Blow_DPI          ? 
# 
_refine_hist.pdbx_refine_id                   'X-RAY DIFFRACTION' 
_refine_hist.cycle_id                         LAST 
_refine_hist.pdbx_number_atoms_protein        1486 
_refine_hist.pdbx_number_atoms_nucleic_acid   0 
_refine_hist.pdbx_number_atoms_ligand         49 
_refine_hist.number_atoms_solvent             72 
_refine_hist.number_atoms_total               1607 
_refine_hist.d_res_high                       1.5500 
_refine_hist.d_res_low                        50.0000 
# 
loop_
_refine_ls_restr.type 
_refine_ls_restr.number 
_refine_ls_restr.dev_ideal 
_refine_ls_restr.dev_ideal_target 
_refine_ls_restr.weight 
_refine_ls_restr.pdbx_refine_id 
_refine_ls_restr.pdbx_restraint_function 
c_bond_d  ? 0.005 ? ? 'X-RAY DIFFRACTION' ? 
c_angle_d ? 1.410 ? ? 'X-RAY DIFFRACTION' ? 
# 
loop_
_pdbx_xplor_file.serial_no 
_pdbx_xplor_file.param_file 
_pdbx_xplor_file.topol_file 
_pdbx_xplor_file.pdbx_refine_id 
1 protein_rep.param ? 'X-RAY DIFFRACTION' 
2 ion.param         ? 'X-RAY DIFFRACTION' 
3 water_rep.param   ? 'X-RAY DIFFRACTION' 
4 MPD.par           ? 'X-RAY DIFFRACTION' 
# 
_struct.entry_id                  3OUF 
_struct.title                     'Structure of a K+ selective NaK mutant' 
_struct.pdbx_model_details        ? 
_struct.pdbx_CASP_flag            ? 
_struct.pdbx_model_type_details   ? 
# 
_struct_keywords.entry_id        3OUF 
_struct_keywords.pdbx_keywords   'MEMBRANE PROTEIN' 
_struct_keywords.text            'Ion channel, membrane, MEMBRANE PROTEIN' 
# 
loop_
_struct_asym.id 
_struct_asym.pdbx_blank_PDB_chainid_flag 
_struct_asym.pdbx_modified 
_struct_asym.entity_id 
_struct_asym.details 
A N N 1 ? 
B N N 1 ? 
C N N 2 ? 
D N N 2 ? 
E N N 3 ? 
F N N 3 ? 
G N N 3 ? 
H N N 3 ? 
I N N 3 ? 
J N N 2 ? 
K N N 2 ? 
L N N 2 ? 
M N N 3 ? 
N N N 3 ? 
O N N 3 ? 
P N N 3 ? 
Q N N 4 ? 
R N N 4 ? 
# 
_struct_ref.id                         1 
_struct_ref.db_name                    UNP 
_struct_ref.db_code                    C2R3K4_BACCE 
_struct_ref.pdbx_db_accession          C2R3K4 
_struct_ref.entity_id                  1 
_struct_ref.pdbx_seq_one_letter_code   
;KDKEFQVLFILTILTLISGTIFYSTVEGLRPIDALYFSVVTLTTVGDGDFSPQTDFGKIFTILYIFIGIGLVFGFIHKLA
VNVQLPSILSN
;
_struct_ref.pdbx_align_begin           20 
_struct_ref.pdbx_db_isoform            ? 
# 
loop_
_struct_ref_seq.align_id 
_struct_ref_seq.ref_id 
_struct_ref_seq.pdbx_PDB_id_code 
_struct_ref_seq.pdbx_strand_id 
_struct_ref_seq.seq_align_beg 
_struct_ref_seq.pdbx_seq_align_beg_ins_code 
_struct_ref_seq.seq_align_end 
_struct_ref_seq.pdbx_seq_align_end_ins_code 
_struct_ref_seq.pdbx_db_accession 
_struct_ref_seq.db_align_beg 
_struct_ref_seq.pdbx_db_align_beg_ins_code 
_struct_ref_seq.db_align_end 
_struct_ref_seq.pdbx_db_align_end_ins_code 
_struct_ref_seq.pdbx_auth_seq_align_beg 
_struct_ref_seq.pdbx_auth_seq_align_end 
1 1 3OUF A 3 ? 93 ? C2R3K4 20 ? 110 ? 20 110 
2 1 3OUF B 3 ? 93 ? C2R3K4 20 ? 110 ? 20 110 
# 
loop_
_struct_ref_seq_dif.align_id 
_struct_ref_seq_dif.pdbx_pdb_id_code 
_struct_ref_seq_dif.mon_id 
_struct_ref_seq_dif.pdbx_pdb_strand_id 
_struct_ref_seq_dif.seq_num 
_struct_ref_seq_dif.pdbx_pdb_ins_code 
_struct_ref_seq_dif.pdbx_seq_db_name 
_struct_ref_seq_dif.pdbx_seq_db_accession_code 
_struct_ref_seq_dif.db_mon_id 
_struct_ref_seq_dif.pdbx_seq_db_seq_num 
_struct_ref_seq_dif.details 
_struct_ref_seq_dif.pdbx_auth_seq_num 
_struct_ref_seq_dif.pdbx_ordinal 
1 3OUF MET A 1  ? UNP C2R3K4 ?   ?  'expression tag'      18  1  
1 3OUF ALA A 2  ? UNP C2R3K4 ?   ?  'expression tag'      19  2  
1 3OUF VAL A 12 ? UNP C2R3K4 ILE 29 conflict              29  3  
1 3OUF TYR A 49 ? UNP C2R3K4 ASP 66 'engineered mutation' 66  4  
1 3OUF LEU A 94 ? UNP C2R3K4 ?   ?  'expression tag'      111 5  
1 3OUF VAL A 95 ? UNP C2R3K4 ?   ?  'expression tag'      112 6  
1 3OUF PRO A 96 ? UNP C2R3K4 ?   ?  'expression tag'      113 7  
1 3OUF ARG A 97 ? UNP C2R3K4 ?   ?  'expression tag'      114 8  
2 3OUF MET B 1  ? UNP C2R3K4 ?   ?  'expression tag'      18  9  
2 3OUF ALA B 2  ? UNP C2R3K4 ?   ?  'expression tag'      19  10 
2 3OUF VAL B 12 ? UNP C2R3K4 ILE 29 conflict              29  11 
2 3OUF TYR B 49 ? UNP C2R3K4 ASP 66 'engineered mutation' 66  12 
2 3OUF LEU B 94 ? UNP C2R3K4 ?   ?  'expression tag'      111 13 
2 3OUF VAL B 95 ? UNP C2R3K4 ?   ?  'expression tag'      112 14 
2 3OUF PRO B 96 ? UNP C2R3K4 ?   ?  'expression tag'      113 15 
2 3OUF ARG B 97 ? UNP C2R3K4 ?   ?  'expression tag'      114 16 
# 
loop_
_pdbx_struct_assembly.id 
_pdbx_struct_assembly.details 
_pdbx_struct_assembly.method_details 
_pdbx_struct_assembly.oligomeric_details 
_pdbx_struct_assembly.oligomeric_count 
1 author_and_software_defined_assembly PISA tetrameric 4 
2 author_and_software_defined_assembly PISA tetrameric 4 
# 
loop_
_pdbx_struct_assembly_prop.biol_id 
_pdbx_struct_assembly_prop.type 
_pdbx_struct_assembly_prop.value 
_pdbx_struct_assembly_prop.details 
1 'ABSA (A^2)' 9120  ? 
1 MORE         -150  ? 
1 'SSA (A^2)'  17650 ? 
2 'ABSA (A^2)' 11570 ? 
2 MORE         -231  ? 
2 'SSA (A^2)'  17340 ? 
# 
loop_
_pdbx_struct_assembly_gen.assembly_id 
_pdbx_struct_assembly_gen.oper_expression 
_pdbx_struct_assembly_gen.asym_id_list 
1 1,2,3,4 A,C,D,E,F,G,H,I,Q 
2 1,2,3,4 B,J,K,L,M,N,O,P,R 
# 
loop_
_pdbx_struct_oper_list.id 
_pdbx_struct_oper_list.type 
_pdbx_struct_oper_list.name 
_pdbx_struct_oper_list.symmetry_operation 
_pdbx_struct_oper_list.matrix[1][1] 
_pdbx_struct_oper_list.matrix[1][2] 
_pdbx_struct_oper_list.matrix[1][3] 
_pdbx_struct_oper_list.vector[1] 
_pdbx_struct_oper_list.matrix[2][1] 
_pdbx_struct_oper_list.matrix[2][2] 
_pdbx_struct_oper_list.matrix[2][3] 
_pdbx_struct_oper_list.vector[2] 
_pdbx_struct_oper_list.matrix[3][1] 
_pdbx_struct_oper_list.matrix[3][2] 
_pdbx_struct_oper_list.matrix[3][3] 
_pdbx_struct_oper_list.vector[3] 
1 'identity operation'         1_555 x,y,z   1.0000000000  0.0000000000  0.0000000000  0.0000000000   0.0000000000  1.0000000000  0.0000000000  0.0000000000  0.0000000000  0.0000000000  1.0000000000 0.0000000000  
2 'crystal symmetry operation' 2_555 -x,-y,z -0.9892394611 0.0070362924  -0.1461361669 0.8569589962   0.0070362924  -0.9953989841 -0.0955581136 23.3618736709 -0.1461361669 -0.0955581136 0.9846384451 1.1879490124  
3 'crystal symmetry operation' 3_555 -y,x,z  0.0053802695  0.9996703547  -0.0251044727 -11.2360006903 -0.9926340623 0.0023005080  -0.1211293770 12.1513358540 -0.1210316942 0.0255712634  0.9923192226 -0.2422745270 
4 'crystal symmetry operation' 4_555 y,-x,z  0.0053802695  -0.9926340623 -0.1210316942 12.0929596865  0.9996703547  0.0023005080  0.0255712634  11.2105378169 -0.0251044727 -0.1211293770 0.9923192226 1.4302235394 
# 
_struct_biol.id        1 
_struct_biol.details   ? 
# 
loop_
_struct_conf.conf_type_id 
_struct_conf.id 
_struct_conf.pdbx_PDB_helix_id 
_struct_conf.beg_label_comp_id 
_struct_conf.beg_label_asym_id 
_struct_conf.beg_label_seq_id 
_struct_conf.pdbx_beg_PDB_ins_code 
_struct_conf.end_label_comp_id 
_struct_conf.end_label_asym_id 
_struct_conf.end_label_seq_id 
_struct_conf.pdbx_end_PDB_ins_code 
_struct_conf.beg_auth_comp_id 
_struct_conf.beg_auth_asym_id 
_struct_conf.beg_auth_seq_id 
_struct_conf.end_auth_comp_id 
_struct_conf.end_auth_asym_id 
_struct_conf.end_auth_seq_id 
_struct_conf.pdbx_PDB_helix_class 
_struct_conf.details 
_struct_conf.pdbx_PDB_helix_length 
HELX_P HELX_P1 1 ASP A 4  ? GLU A 29 ? ASP A 21  GLU A 46  1 ? 26 
HELX_P HELX_P2 2 ARG A 32 ? THR A 45 ? ARG A 49  THR A 62  1 ? 14 
HELX_P HELX_P3 3 THR A 56 ? VAL A 85 ? THR A 73  VAL A 102 1 ? 30 
HELX_P HELX_P4 4 VAL A 85 ? ASN A 93 ? VAL A 102 ASN A 110 1 ? 9  
HELX_P HELX_P5 5 ALA B 2  ? GLU B 29 ? ALA B 19  GLU B 46  1 ? 28 
HELX_P HELX_P6 6 ARG B 32 ? THR B 45 ? ARG B 49  THR B 62  1 ? 14 
HELX_P HELX_P7 7 THR B 56 ? VAL B 85 ? THR B 73  VAL B 102 1 ? 30 
HELX_P HELX_P8 8 VAL B 85 ? LEU B 94 ? VAL B 102 LEU B 111 1 ? 10 
# 
_struct_conf_type.id          HELX_P 
_struct_conf_type.criteria    ? 
_struct_conf_type.reference   ? 
# 
loop_
_struct_conn.id 
_struct_conn.conn_type_id 
_struct_conn.pdbx_leaving_atom_flag 
_struct_conn.pdbx_PDB_id 
_struct_conn.ptnr1_label_asym_id 
_struct_conn.ptnr1_label_comp_id 
_struct_conn.ptnr1_label_seq_id 
_struct_conn.ptnr1_label_atom_id 
_struct_conn.pdbx_ptnr1_label_alt_id 
_struct_conn.pdbx_ptnr1_PDB_ins_code 
_struct_conn.pdbx_ptnr1_standard_comp_id 
_struct_conn.ptnr1_symmetry 
_struct_conn.ptnr2_label_asym_id 
_struct_conn.ptnr2_label_comp_id 
_struct_conn.ptnr2_label_seq_id 
_struct_conn.ptnr2_label_atom_id 
_struct_conn.pdbx_ptnr2_label_alt_id 
_struct_conn.pdbx_ptnr2_PDB_ins_code 
_struct_conn.ptnr1_auth_asym_id 
_struct_conn.ptnr1_auth_comp_id 
_struct_conn.ptnr1_auth_seq_id 
_struct_conn.ptnr2_auth_asym_id 
_struct_conn.ptnr2_auth_comp_id 
_struct_conn.ptnr2_auth_seq_id 
_struct_conn.ptnr2_symmetry 
_struct_conn.pdbx_ptnr3_label_atom_id 
_struct_conn.pdbx_ptnr3_label_seq_id 
_struct_conn.pdbx_ptnr3_label_comp_id 
_struct_conn.pdbx_ptnr3_label_asym_id 
_struct_conn.pdbx_ptnr3_label_alt_id 
_struct_conn.pdbx_ptnr3_PDB_ins_code 
_struct_conn.details 
_struct_conn.pdbx_dist_value 
_struct_conn.pdbx_value_order 
_struct_conn.pdbx_role 
metalc1  metalc ? ? E K . K ? ? ? 1_555 A THR 46 OG1 ? ? A K 5 A THR 63  1_555 ? ? ? ? ? ? ? 2.760 ? ? 
metalc2  metalc ? ? E K . K ? ? ? 1_555 A THR 46 O   ? ? A K 5 A THR 63  1_555 ? ? ? ? ? ? ? 3.037 ? ? 
metalc3  metalc ? ? F K . K ? ? ? 1_555 A THR 46 O   ? ? A K 6 A THR 63  1_555 ? ? ? ? ? ? ? 2.627 ? ? 
metalc4  metalc ? ? F K . K ? ? ? 1_555 A VAL 47 O   ? ? A K 6 A VAL 64  1_555 ? ? ? ? ? ? ? 2.858 ? ? 
metalc5  metalc ? ? G K . K ? ? ? 1_555 A VAL 47 O   ? ? A K 7 A VAL 64  1_555 ? ? ? ? ? ? ? 2.739 ? ? 
metalc6  metalc ? ? G K . K ? ? ? 1_555 A GLY 48 O   ? ? A K 7 A GLY 65  1_555 ? ? ? ? ? ? ? 2.805 ? ? 
metalc7  metalc ? ? H K . K ? ? ? 1_555 A GLY 48 O   ? ? A K 8 A GLY 65  1_555 ? ? ? ? ? ? ? 2.955 ? ? 
metalc8  metalc ? ? H K . K ? ? ? 1_555 A TYR 49 O   ? ? A K 8 A TYR 66  1_555 ? ? ? ? ? ? ? 2.773 ? ? 
metalc9  metalc ? ? I K . K ? ? ? 1_555 Q HOH .  O   ? ? A K 9 A HOH 115 1_555 ? ? ? ? ? ? ? 3.452 ? ? 
metalc10 metalc ? ? M K . K ? ? ? 1_555 B THR 46 OG1 ? ? B K 1 B THR 63  1_555 ? ? ? ? ? ? ? 2.822 ? ? 
metalc11 metalc ? ? M K . K ? ? ? 1_555 B THR 46 O   ? ? B K 1 B THR 63  1_555 ? ? ? ? ? ? ? 3.011 ? ? 
metalc12 metalc ? ? N K . K ? ? ? 1_555 B THR 46 O   ? ? B K 2 B THR 63  1_555 ? ? ? ? ? ? ? 2.696 ? ? 
metalc13 metalc ? ? N K . K ? ? ? 1_555 B VAL 47 O   ? ? B K 2 B VAL 64  1_555 ? ? ? ? ? ? ? 2.859 ? ? 
metalc14 metalc ? ? O K . K ? ? ? 1_555 B VAL 47 O   ? ? B K 3 B VAL 64  1_555 ? ? ? ? ? ? ? 2.806 ? ? 
metalc15 metalc ? ? O K . K ? ? ? 1_555 B GLY 48 O   ? ? B K 3 B GLY 65  1_555 ? ? ? ? ? ? ? 2.760 ? ? 
metalc16 metalc ? ? P K . K ? ? ? 1_555 B GLY 48 O   ? ? B K 4 B GLY 65  1_555 ? ? ? ? ? ? ? 2.998 ? ? 
metalc17 metalc ? ? P K . K ? ? ? 1_555 B TYR 49 O   ? ? B K 4 B TYR 66  1_555 ? ? ? ? ? ? ? 2.693 ? ? 
# 
_struct_conn_type.id          metalc 
_struct_conn_type.criteria    ? 
_struct_conn_type.reference   ? 
# 
loop_
_pdbx_struct_conn_angle.id 
_pdbx_struct_conn_angle.ptnr1_label_atom_id 
_pdbx_struct_conn_angle.ptnr1_label_alt_id 
_pdbx_struct_conn_angle.ptnr1_label_asym_id 
_pdbx_struct_conn_angle.ptnr1_label_comp_id 
_pdbx_struct_conn_angle.ptnr1_label_seq_id 
_pdbx_struct_conn_angle.ptnr1_auth_atom_id 
_pdbx_struct_conn_angle.ptnr1_auth_asym_id 
_pdbx_struct_conn_angle.ptnr1_auth_comp_id 
_pdbx_struct_conn_angle.ptnr1_auth_seq_id 
_pdbx_struct_conn_angle.ptnr1_PDB_ins_code 
_pdbx_struct_conn_angle.ptnr1_symmetry 
_pdbx_struct_conn_angle.ptnr2_label_atom_id 
_pdbx_struct_conn_angle.ptnr2_label_alt_id 
_pdbx_struct_conn_angle.ptnr2_label_asym_id 
_pdbx_struct_conn_angle.ptnr2_label_comp_id 
_pdbx_struct_conn_angle.ptnr2_label_seq_id 
_pdbx_struct_conn_angle.ptnr2_auth_atom_id 
_pdbx_struct_conn_angle.ptnr2_auth_asym_id 
_pdbx_struct_conn_angle.ptnr2_auth_comp_id 
_pdbx_struct_conn_angle.ptnr2_auth_seq_id 
_pdbx_struct_conn_angle.ptnr2_PDB_ins_code 
_pdbx_struct_conn_angle.ptnr2_symmetry 
_pdbx_struct_conn_angle.ptnr3_label_atom_id 
_pdbx_struct_conn_angle.ptnr3_label_alt_id 
_pdbx_struct_conn_angle.ptnr3_label_asym_id 
_pdbx_struct_conn_angle.ptnr3_label_comp_id 
_pdbx_struct_conn_angle.ptnr3_label_seq_id 
_pdbx_struct_conn_angle.ptnr3_auth_atom_id 
_pdbx_struct_conn_angle.ptnr3_auth_asym_id 
_pdbx_struct_conn_angle.ptnr3_auth_comp_id 
_pdbx_struct_conn_angle.ptnr3_auth_seq_id 
_pdbx_struct_conn_angle.ptnr3_PDB_ins_code 
_pdbx_struct_conn_angle.ptnr3_symmetry 
_pdbx_struct_conn_angle.value 
_pdbx_struct_conn_angle.value_esd 
1 OG1 ? A THR 46 ? A THR 63 ? 1_555 K ? E K . ? A K 5 ? 1_555 O ? A THR 46 ? A THR 63 ? 1_555 61.5 ? 
2 O   ? A THR 46 ? A THR 63 ? 1_555 K ? F K . ? A K 6 ? 1_555 O ? A VAL 47 ? A VAL 64 ? 1_555 74.3 ? 
3 O   ? A VAL 47 ? A VAL 64 ? 1_555 K ? G K . ? A K 7 ? 1_555 O ? A GLY 48 ? A GLY 65 ? 1_555 75.6 ? 
4 O   ? A GLY 48 ? A GLY 65 ? 1_555 K ? H K . ? A K 8 ? 1_555 O ? A TYR 49 ? A TYR 66 ? 1_555 72.5 ? 
5 OG1 ? B THR 46 ? B THR 63 ? 1_555 K ? M K . ? B K 1 ? 1_555 O ? B THR 46 ? B THR 63 ? 1_555 60.9 ? 
6 O   ? B THR 46 ? B THR 63 ? 1_555 K ? N K . ? B K 2 ? 1_555 O ? B VAL 47 ? B VAL 64 ? 1_555 75.1 ? 
7 O   ? B VAL 47 ? B VAL 64 ? 1_555 K ? O K . ? B K 3 ? 1_555 O ? B GLY 48 ? B GLY 65 ? 1_555 74.9 ? 
8 O   ? B GLY 48 ? B GLY 65 ? 1_555 K ? P K . ? B K 4 ? 1_555 O ? B TYR 49 ? B TYR 66 ? 1_555 70.6 ? 
# 
loop_
_struct_site.id 
_struct_site.pdbx_evidence_code 
_struct_site.pdbx_auth_asym_id 
_struct_site.pdbx_auth_comp_id 
_struct_site.pdbx_auth_seq_id 
_struct_site.pdbx_auth_ins_code 
_struct_site.pdbx_num_residues 
_struct_site.details 
AC1 Software A MPD 501 ? 4  'BINDING SITE FOR RESIDUE MPD A 501' 
AC2 Software A MPD 503 ? 5  'BINDING SITE FOR RESIDUE MPD A 503' 
AC3 Software A K   5   ? 8  'BINDING SITE FOR RESIDUE K A 5'     
AC4 Software A K   6   ? 16 'BINDING SITE FOR RESIDUE K A 6'     
AC5 Software A K   7   ? 16 'BINDING SITE FOR RESIDUE K A 7'     
AC6 Software A K   8   ? 12 'BINDING SITE FOR RESIDUE K A 8'     
AC7 Software B MPD 502 ? 3  'BINDING SITE FOR RESIDUE MPD B 502' 
AC8 Software B MPD 504 ? 3  'BINDING SITE FOR RESIDUE MPD B 504' 
AC9 Software B MPD 505 ? 5  'BINDING SITE FOR RESIDUE MPD B 505' 
BC1 Software B K   1   ? 8  'BINDING SITE FOR RESIDUE K B 1'     
BC2 Software B K   2   ? 16 'BINDING SITE FOR RESIDUE K B 2'     
BC3 Software B K   3   ? 16 'BINDING SITE FOR RESIDUE K B 3'     
BC4 Software B K   4   ? 12 'BINDING SITE FOR RESIDUE K B 4'     
# 
loop_
_struct_site_gen.id 
_struct_site_gen.site_id 
_struct_site_gen.pdbx_num_res 
_struct_site_gen.label_comp_id 
_struct_site_gen.label_asym_id 
_struct_site_gen.label_seq_id 
_struct_site_gen.pdbx_auth_ins_code 
_struct_site_gen.auth_comp_id 
_struct_site_gen.auth_asym_id 
_struct_site_gen.auth_seq_id 
_struct_site_gen.label_atom_id 
_struct_site_gen.label_alt_id 
_struct_site_gen.symmetry 
_struct_site_gen.details 
1   AC1 4  HOH Q .  ? HOH A 15  . ? 1_555 ? 
2   AC1 4  ILE A 69 ? ILE A 86  . ? 1_555 ? 
3   AC1 4  LEU B 16 ? LEU B 33  . ? 6_445 ? 
4   AC1 4  SER B 20 ? SER B 37  . ? 6_445 ? 
5   AC2 5  PHE A 11 ? PHE A 28  . ? 1_555 ? 
6   AC2 5  ILE A 15 ? ILE A 32  . ? 1_555 ? 
7   AC2 5  LEU A 18 ? LEU A 35  . ? 1_555 ? 
8   AC2 5  PHE A 77 ? PHE A 94  . ? 1_555 ? 
9   AC2 5  HOH Q .  ? HOH A 139 . ? 1_555 ? 
10  AC3 8  K   F .  ? K   A 6   . ? 1_555 ? 
11  AC3 8  K   F .  ? K   A 6   . ? 2_555 ? 
12  AC3 8  K   F .  ? K   A 6   . ? 3_555 ? 
13  AC3 8  K   F .  ? K   A 6   . ? 4_555 ? 
14  AC3 8  THR A 46 ? THR A 63  . ? 2_555 ? 
15  AC3 8  THR A 46 ? THR A 63  . ? 4_555 ? 
16  AC3 8  THR A 46 ? THR A 63  . ? 3_555 ? 
17  AC3 8  THR A 46 ? THR A 63  . ? 1_555 ? 
18  AC4 16 K   E .  ? K   A 5   . ? 1_555 ? 
19  AC4 16 K   E .  ? K   A 5   . ? 2_555 ? 
20  AC4 16 K   E .  ? K   A 5   . ? 3_555 ? 
21  AC4 16 K   E .  ? K   A 5   . ? 4_555 ? 
22  AC4 16 K   G .  ? K   A 7   . ? 3_555 ? 
23  AC4 16 K   G .  ? K   A 7   . ? 4_555 ? 
24  AC4 16 K   G .  ? K   A 7   . ? 2_555 ? 
25  AC4 16 K   G .  ? K   A 7   . ? 1_555 ? 
26  AC4 16 THR A 46 ? THR A 63  . ? 2_555 ? 
27  AC4 16 THR A 46 ? THR A 63  . ? 4_555 ? 
28  AC4 16 THR A 46 ? THR A 63  . ? 3_555 ? 
29  AC4 16 THR A 46 ? THR A 63  . ? 1_555 ? 
30  AC4 16 VAL A 47 ? VAL A 64  . ? 3_555 ? 
31  AC4 16 VAL A 47 ? VAL A 64  . ? 2_555 ? 
32  AC4 16 VAL A 47 ? VAL A 64  . ? 1_555 ? 
33  AC4 16 VAL A 47 ? VAL A 64  . ? 4_555 ? 
34  AC5 16 K   F .  ? K   A 6   . ? 1_555 ? 
35  AC5 16 K   F .  ? K   A 6   . ? 2_555 ? 
36  AC5 16 K   F .  ? K   A 6   . ? 3_555 ? 
37  AC5 16 K   F .  ? K   A 6   . ? 4_555 ? 
38  AC5 16 K   H .  ? K   A 8   . ? 1_555 ? 
39  AC5 16 K   H .  ? K   A 8   . ? 2_555 ? 
40  AC5 16 K   H .  ? K   A 8   . ? 3_555 ? 
41  AC5 16 K   H .  ? K   A 8   . ? 4_555 ? 
42  AC5 16 VAL A 47 ? VAL A 64  . ? 3_555 ? 
43  AC5 16 VAL A 47 ? VAL A 64  . ? 1_555 ? 
44  AC5 16 VAL A 47 ? VAL A 64  . ? 4_555 ? 
45  AC5 16 VAL A 47 ? VAL A 64  . ? 2_555 ? 
46  AC5 16 GLY A 48 ? GLY A 65  . ? 2_555 ? 
47  AC5 16 GLY A 48 ? GLY A 65  . ? 3_555 ? 
48  AC5 16 GLY A 48 ? GLY A 65  . ? 1_555 ? 
49  AC5 16 GLY A 48 ? GLY A 65  . ? 4_555 ? 
50  AC6 12 K   G .  ? K   A 7   . ? 1_555 ? 
51  AC6 12 K   G .  ? K   A 7   . ? 2_555 ? 
52  AC6 12 K   G .  ? K   A 7   . ? 3_555 ? 
53  AC6 12 K   G .  ? K   A 7   . ? 4_555 ? 
54  AC6 12 GLY A 48 ? GLY A 65  . ? 4_555 ? 
55  AC6 12 GLY A 48 ? GLY A 65  . ? 2_555 ? 
56  AC6 12 GLY A 48 ? GLY A 65  . ? 1_555 ? 
57  AC6 12 GLY A 48 ? GLY A 65  . ? 3_555 ? 
58  AC6 12 TYR A 49 ? TYR A 66  . ? 3_555 ? 
59  AC6 12 TYR A 49 ? TYR A 66  . ? 2_555 ? 
60  AC6 12 TYR A 49 ? TYR A 66  . ? 1_555 ? 
61  AC6 12 TYR A 49 ? TYR A 66  . ? 4_555 ? 
62  AC7 3  PHE B 11 ? PHE B 28  . ? 1_555 ? 
63  AC7 3  ILE B 69 ? ILE B 86  . ? 4_555 ? 
64  AC7 3  HOH R .  ? HOH B 128 . ? 1_555 ? 
65  AC8 3  GLY B 76 ? GLY B 93  . ? 1_555 ? 
66  AC8 3  LYS B 80 ? LYS B 97  . ? 1_555 ? 
67  AC8 3  ALA B 82 ? ALA B 99  . ? 3_555 ? 
68  AC9 5  GLY B 72 ? GLY B 89  . ? 4_555 ? 
69  AC9 5  PHE B 75 ? PHE B 92  . ? 4_555 ? 
70  AC9 5  HIS B 79 ? HIS B 96  . ? 1_555 ? 
71  AC9 5  ALA B 82 ? ALA B 99  . ? 1_555 ? 
72  AC9 5  HOH R .  ? HOH B 123 . ? 1_555 ? 
73  BC1 8  K   N .  ? K   B 2   . ? 1_555 ? 
74  BC1 8  K   N .  ? K   B 2   . ? 2_555 ? 
75  BC1 8  K   N .  ? K   B 2   . ? 3_555 ? 
76  BC1 8  K   N .  ? K   B 2   . ? 4_555 ? 
77  BC1 8  THR B 46 ? THR B 63  . ? 2_555 ? 
78  BC1 8  THR B 46 ? THR B 63  . ? 4_555 ? 
79  BC1 8  THR B 46 ? THR B 63  . ? 3_555 ? 
80  BC1 8  THR B 46 ? THR B 63  . ? 1_555 ? 
81  BC2 16 K   M .  ? K   B 1   . ? 1_555 ? 
82  BC2 16 K   M .  ? K   B 1   . ? 2_555 ? 
83  BC2 16 K   M .  ? K   B 1   . ? 3_555 ? 
84  BC2 16 K   M .  ? K   B 1   . ? 4_555 ? 
85  BC2 16 K   O .  ? K   B 3   . ? 1_555 ? 
86  BC2 16 K   O .  ? K   B 3   . ? 4_555 ? 
87  BC2 16 K   O .  ? K   B 3   . ? 3_555 ? 
88  BC2 16 K   O .  ? K   B 3   . ? 2_555 ? 
89  BC2 16 THR B 46 ? THR B 63  . ? 2_555 ? 
90  BC2 16 THR B 46 ? THR B 63  . ? 4_555 ? 
91  BC2 16 THR B 46 ? THR B 63  . ? 3_555 ? 
92  BC2 16 THR B 46 ? THR B 63  . ? 1_555 ? 
93  BC2 16 VAL B 47 ? VAL B 64  . ? 3_555 ? 
94  BC2 16 VAL B 47 ? VAL B 64  . ? 4_555 ? 
95  BC2 16 VAL B 47 ? VAL B 64  . ? 2_555 ? 
96  BC2 16 VAL B 47 ? VAL B 64  . ? 1_555 ? 
97  BC3 16 K   N .  ? K   B 2   . ? 1_555 ? 
98  BC3 16 K   N .  ? K   B 2   . ? 2_555 ? 
99  BC3 16 K   N .  ? K   B 2   . ? 3_555 ? 
100 BC3 16 K   N .  ? K   B 2   . ? 4_555 ? 
101 BC3 16 K   P .  ? K   B 4   . ? 1_555 ? 
102 BC3 16 K   P .  ? K   B 4   . ? 4_555 ? 
103 BC3 16 K   P .  ? K   B 4   . ? 3_555 ? 
104 BC3 16 K   P .  ? K   B 4   . ? 2_555 ? 
105 BC3 16 VAL B 47 ? VAL B 64  . ? 2_555 ? 
106 BC3 16 VAL B 47 ? VAL B 64  . ? 4_555 ? 
107 BC3 16 VAL B 47 ? VAL B 64  . ? 3_555 ? 
108 BC3 16 VAL B 47 ? VAL B 64  . ? 1_555 ? 
109 BC3 16 GLY B 48 ? GLY B 65  . ? 3_555 ? 
110 BC3 16 GLY B 48 ? GLY B 65  . ? 2_555 ? 
111 BC3 16 GLY B 48 ? GLY B 65  . ? 4_555 ? 
112 BC3 16 GLY B 48 ? GLY B 65  . ? 1_555 ? 
113 BC4 12 K   O .  ? K   B 3   . ? 1_555 ? 
114 BC4 12 K   O .  ? K   B 3   . ? 2_555 ? 
115 BC4 12 K   O .  ? K   B 3   . ? 3_555 ? 
116 BC4 12 K   O .  ? K   B 3   . ? 4_555 ? 
117 BC4 12 GLY B 48 ? GLY B 65  . ? 1_555 ? 
118 BC4 12 GLY B 48 ? GLY B 65  . ? 3_555 ? 
119 BC4 12 GLY B 48 ? GLY B 65  . ? 4_555 ? 
120 BC4 12 GLY B 48 ? GLY B 65  . ? 2_555 ? 
121 BC4 12 TYR B 49 ? TYR B 66  . ? 3_555 ? 
122 BC4 12 TYR B 49 ? TYR B 66  . ? 4_555 ? 
123 BC4 12 TYR B 49 ? TYR B 66  . ? 2_555 ? 
124 BC4 12 TYR B 49 ? TYR B 66  . ? 1_555 ? 
# 
loop_
_pdbx_validate_torsion.id 
_pdbx_validate_torsion.PDB_model_num 
_pdbx_validate_torsion.auth_comp_id 
_pdbx_validate_torsion.auth_asym_id 
_pdbx_validate_torsion.auth_seq_id 
_pdbx_validate_torsion.PDB_ins_code 
_pdbx_validate_torsion.label_alt_id 
_pdbx_validate_torsion.phi 
_pdbx_validate_torsion.psi 
1 1 VAL A 102 ? ? -130.13 -57.30 
2 1 VAL A 112 ? ? -26.08  98.93  
3 1 VAL B 102 ? ? -124.16 -57.57 
# 
loop_
_pdbx_struct_special_symmetry.id 
_pdbx_struct_special_symmetry.PDB_model_num 
_pdbx_struct_special_symmetry.auth_asym_id 
_pdbx_struct_special_symmetry.auth_comp_id 
_pdbx_struct_special_symmetry.auth_seq_id 
_pdbx_struct_special_symmetry.PDB_ins_code 
_pdbx_struct_special_symmetry.label_asym_id 
_pdbx_struct_special_symmetry.label_comp_id 
_pdbx_struct_special_symmetry.label_seq_id 
1 1 A K 5 ? E K . 
2 1 A K 6 ? F K . 
3 1 A K 7 ? G K . 
4 1 A K 8 ? H K . 
5 1 A K 9 ? I K . 
6 1 B K 1 ? M K . 
7 1 B K 2 ? N K . 
8 1 B K 3 ? O K . 
9 1 B K 4 ? P K . 
# 
_phasing.method   MR 
# 
loop_
_pdbx_unobs_or_zero_occ_residues.id 
_pdbx_unobs_or_zero_occ_residues.PDB_model_num 
_pdbx_unobs_or_zero_occ_residues.polymer_flag 
_pdbx_unobs_or_zero_occ_residues.occupancy_flag 
_pdbx_unobs_or_zero_occ_residues.auth_asym_id 
_pdbx_unobs_or_zero_occ_residues.auth_comp_id 
_pdbx_unobs_or_zero_occ_residues.auth_seq_id 
_pdbx_unobs_or_zero_occ_residues.PDB_ins_code 
_pdbx_unobs_or_zero_occ_residues.label_asym_id 
_pdbx_unobs_or_zero_occ_residues.label_comp_id 
_pdbx_unobs_or_zero_occ_residues.label_seq_id 
1 1 Y 1 A MET 18  ? A MET 1  
2 1 Y 1 A ALA 19  ? A ALA 2  
3 1 Y 1 A LYS 20  ? A LYS 3  
4 1 Y 1 A ARG 114 ? A ARG 97 
5 1 Y 1 B MET 18  ? B MET 1  
# 
loop_
_chem_comp_atom.comp_id 
_chem_comp_atom.atom_id 
_chem_comp_atom.type_symbol 
_chem_comp_atom.pdbx_aromatic_flag 
_chem_comp_atom.pdbx_stereo_config 
_chem_comp_atom.pdbx_ordinal 
ALA N    N N N 1   
ALA CA   C N S 2   
ALA C    C N N 3   
ALA O    O N N 4   
ALA CB   C N N 5   
ALA OXT  O N N 6   
ALA H    H N N 7   
ALA H2   H N N 8   
ALA HA   H N N 9   
ALA HB1  H N N 10  
ALA HB2  H N N 11  
ALA HB3  H N N 12  
ALA HXT  H N N 13  
ARG N    N N N 14  
ARG CA   C N S 15  
ARG C    C N N 16  
ARG O    O N N 17  
ARG CB   C N N 18  
ARG CG   C N N 19  
ARG CD   C N N 20  
ARG NE   N N N 21  
ARG CZ   C N N 22  
ARG NH1  N N N 23  
ARG NH2  N N N 24  
ARG OXT  O N N 25  
ARG H    H N N 26  
ARG H2   H N N 27  
ARG HA   H N N 28  
ARG HB2  H N N 29  
ARG HB3  H N N 30  
ARG HG2  H N N 31  
ARG HG3  H N N 32  
ARG HD2  H N N 33  
ARG HD3  H N N 34  
ARG HE   H N N 35  
ARG HH11 H N N 36  
ARG HH12 H N N 37  
ARG HH21 H N N 38  
ARG HH22 H N N 39  
ARG HXT  H N N 40  
ASN N    N N N 41  
ASN CA   C N S 42  
ASN C    C N N 43  
ASN O    O N N 44  
ASN CB   C N N 45  
ASN CG   C N N 46  
ASN OD1  O N N 47  
ASN ND2  N N N 48  
ASN OXT  O N N 49  
ASN H    H N N 50  
ASN H2   H N N 51  
ASN HA   H N N 52  
ASN HB2  H N N 53  
ASN HB3  H N N 54  
ASN HD21 H N N 55  
ASN HD22 H N N 56  
ASN HXT  H N N 57  
ASP N    N N N 58  
ASP CA   C N S 59  
ASP C    C N N 60  
ASP O    O N N 61  
ASP CB   C N N 62  
ASP CG   C N N 63  
ASP OD1  O N N 64  
ASP OD2  O N N 65  
ASP OXT  O N N 66  
ASP H    H N N 67  
ASP H2   H N N 68  
ASP HA   H N N 69  
ASP HB2  H N N 70  
ASP HB3  H N N 71  
ASP HD2  H N N 72  
ASP HXT  H N N 73  
GLN N    N N N 74  
GLN CA   C N S 75  
GLN C    C N N 76  
GLN O    O N N 77  
GLN CB   C N N 78  
GLN CG   C N N 79  
GLN CD   C N N 80  
GLN OE1  O N N 81  
GLN NE2  N N N 82  
GLN OXT  O N N 83  
GLN H    H N N 84  
GLN H2   H N N 85  
GLN HA   H N N 86  
GLN HB2  H N N 87  
GLN HB3  H N N 88  
GLN HG2  H N N 89  
GLN HG3  H N N 90  
GLN HE21 H N N 91  
GLN HE22 H N N 92  
GLN HXT  H N N 93  
GLU N    N N N 94  
GLU CA   C N S 95  
GLU C    C N N 96  
GLU O    O N N 97  
GLU CB   C N N 98  
GLU CG   C N N 99  
GLU CD   C N N 100 
GLU OE1  O N N 101 
GLU OE2  O N N 102 
GLU OXT  O N N 103 
GLU H    H N N 104 
GLU H2   H N N 105 
GLU HA   H N N 106 
GLU HB2  H N N 107 
GLU HB3  H N N 108 
GLU HG2  H N N 109 
GLU HG3  H N N 110 
GLU HE2  H N N 111 
GLU HXT  H N N 112 
GLY N    N N N 113 
GLY CA   C N N 114 
GLY C    C N N 115 
GLY O    O N N 116 
GLY OXT  O N N 117 
GLY H    H N N 118 
GLY H2   H N N 119 
GLY HA2  H N N 120 
GLY HA3  H N N 121 
GLY HXT  H N N 122 
HIS N    N N N 123 
HIS CA   C N S 124 
HIS C    C N N 125 
HIS O    O N N 126 
HIS CB   C N N 127 
HIS CG   C Y N 128 
HIS ND1  N Y N 129 
HIS CD2  C Y N 130 
HIS CE1  C Y N 131 
HIS NE2  N Y N 132 
HIS OXT  O N N 133 
HIS H    H N N 134 
HIS H2   H N N 135 
HIS HA   H N N 136 
HIS HB2  H N N 137 
HIS HB3  H N N 138 
HIS HD1  H N N 139 
HIS HD2  H N N 140 
HIS HE1  H N N 141 
HIS HE2  H N N 142 
HIS HXT  H N N 143 
HOH O    O N N 144 
HOH H1   H N N 145 
HOH H2   H N N 146 
ILE N    N N N 147 
ILE CA   C N S 148 
ILE C    C N N 149 
ILE O    O N N 150 
ILE CB   C N S 151 
ILE CG1  C N N 152 
ILE CG2  C N N 153 
ILE CD1  C N N 154 
ILE OXT  O N N 155 
ILE H    H N N 156 
ILE H2   H N N 157 
ILE HA   H N N 158 
ILE HB   H N N 159 
ILE HG12 H N N 160 
ILE HG13 H N N 161 
ILE HG21 H N N 162 
ILE HG22 H N N 163 
ILE HG23 H N N 164 
ILE HD11 H N N 165 
ILE HD12 H N N 166 
ILE HD13 H N N 167 
ILE HXT  H N N 168 
K   K    K N N 169 
LEU N    N N N 170 
LEU CA   C N S 171 
LEU C    C N N 172 
LEU O    O N N 173 
LEU CB   C N N 174 
LEU CG   C N N 175 
LEU CD1  C N N 176 
LEU CD2  C N N 177 
LEU OXT  O N N 178 
LEU H    H N N 179 
LEU H2   H N N 180 
LEU HA   H N N 181 
LEU HB2  H N N 182 
LEU HB3  H N N 183 
LEU HG   H N N 184 
LEU HD11 H N N 185 
LEU HD12 H N N 186 
LEU HD13 H N N 187 
LEU HD21 H N N 188 
LEU HD22 H N N 189 
LEU HD23 H N N 190 
LEU HXT  H N N 191 
LYS N    N N N 192 
LYS CA   C N S 193 
LYS C    C N N 194 
LYS O    O N N 195 
LYS CB   C N N 196 
LYS CG   C N N 197 
LYS CD   C N N 198 
LYS CE   C N N 199 
LYS NZ   N N N 200 
LYS OXT  O N N 201 
LYS H    H N N 202 
LYS H2   H N N 203 
LYS HA   H N N 204 
LYS HB2  H N N 205 
LYS HB3  H N N 206 
LYS HG2  H N N 207 
LYS HG3  H N N 208 
LYS HD2  H N N 209 
LYS HD3  H N N 210 
LYS HE2  H N N 211 
LYS HE3  H N N 212 
LYS HZ1  H N N 213 
LYS HZ2  H N N 214 
LYS HZ3  H N N 215 
LYS HXT  H N N 216 
MET N    N N N 217 
MET CA   C N S 218 
MET C    C N N 219 
MET O    O N N 220 
MET CB   C N N 221 
MET CG   C N N 222 
MET SD   S N N 223 
MET CE   C N N 224 
MET OXT  O N N 225 
MET H    H N N 226 
MET H2   H N N 227 
MET HA   H N N 228 
MET HB2  H N N 229 
MET HB3  H N N 230 
MET HG2  H N N 231 
MET HG3  H N N 232 
MET HE1  H N N 233 
MET HE2  H N N 234 
MET HE3  H N N 235 
MET HXT  H N N 236 
MPD C1   C N N 237 
MPD C2   C N N 238 
MPD O2   O N N 239 
MPD CM   C N N 240 
MPD C3   C N N 241 
MPD C4   C N S 242 
MPD O4   O N N 243 
MPD C5   C N N 244 
MPD H11  H N N 245 
MPD H12  H N N 246 
MPD H13  H N N 247 
MPD HO2  H N N 248 
MPD HM1  H N N 249 
MPD HM2  H N N 250 
MPD HM3  H N N 251 
MPD H31  H N N 252 
MPD H32  H N N 253 
MPD H4   H N N 254 
MPD HO4  H N N 255 
MPD H51  H N N 256 
MPD H52  H N N 257 
MPD H53  H N N 258 
PHE N    N N N 259 
PHE CA   C N S 260 
PHE C    C N N 261 
PHE O    O N N 262 
PHE CB   C N N 263 
PHE CG   C Y N 264 
PHE CD1  C Y N 265 
PHE CD2  C Y N 266 
PHE CE1  C Y N 267 
PHE CE2  C Y N 268 
PHE CZ   C Y N 269 
PHE OXT  O N N 270 
PHE H    H N N 271 
PHE H2   H N N 272 
PHE HA   H N N 273 
PHE HB2  H N N 274 
PHE HB3  H N N 275 
PHE HD1  H N N 276 
PHE HD2  H N N 277 
PHE HE1  H N N 278 
PHE HE2  H N N 279 
PHE HZ   H N N 280 
PHE HXT  H N N 281 
PRO N    N N N 282 
PRO CA   C N S 283 
PRO C    C N N 284 
PRO O    O N N 285 
PRO CB   C N N 286 
PRO CG   C N N 287 
PRO CD   C N N 288 
PRO OXT  O N N 289 
PRO H    H N N 290 
PRO HA   H N N 291 
PRO HB2  H N N 292 
PRO HB3  H N N 293 
PRO HG2  H N N 294 
PRO HG3  H N N 295 
PRO HD2  H N N 296 
PRO HD3  H N N 297 
PRO HXT  H N N 298 
SER N    N N N 299 
SER CA   C N S 300 
SER C    C N N 301 
SER O    O N N 302 
SER CB   C N N 303 
SER OG   O N N 304 
SER OXT  O N N 305 
SER H    H N N 306 
SER H2   H N N 307 
SER HA   H N N 308 
SER HB2  H N N 309 
SER HB3  H N N 310 
SER HG   H N N 311 
SER HXT  H N N 312 
THR N    N N N 313 
THR CA   C N S 314 
THR C    C N N 315 
THR O    O N N 316 
THR CB   C N R 317 
THR OG1  O N N 318 
THR CG2  C N N 319 
THR OXT  O N N 320 
THR H    H N N 321 
THR H2   H N N 322 
THR HA   H N N 323 
THR HB   H N N 324 
THR HG1  H N N 325 
THR HG21 H N N 326 
THR HG22 H N N 327 
THR HG23 H N N 328 
THR HXT  H N N 329 
TYR N    N N N 330 
TYR CA   C N S 331 
TYR C    C N N 332 
TYR O    O N N 333 
TYR CB   C N N 334 
TYR CG   C Y N 335 
TYR CD1  C Y N 336 
TYR CD2  C Y N 337 
TYR CE1  C Y N 338 
TYR CE2  C Y N 339 
TYR CZ   C Y N 340 
TYR OH   O N N 341 
TYR OXT  O N N 342 
TYR H    H N N 343 
TYR H2   H N N 344 
TYR HA   H N N 345 
TYR HB2  H N N 346 
TYR HB3  H N N 347 
TYR HD1  H N N 348 
TYR HD2  H N N 349 
TYR HE1  H N N 350 
TYR HE2  H N N 351 
TYR HH   H N N 352 
TYR HXT  H N N 353 
VAL N    N N N 354 
VAL CA   C N S 355 
VAL C    C N N 356 
VAL O    O N N 357 
VAL CB   C N N 358 
VAL CG1  C N N 359 
VAL CG2  C N N 360 
VAL OXT  O N N 361 
VAL H    H N N 362 
VAL H2   H N N 363 
VAL HA   H N N 364 
VAL HB   H N N 365 
VAL HG11 H N N 366 
VAL HG12 H N N 367 
VAL HG13 H N N 368 
VAL HG21 H N N 369 
VAL HG22 H N N 370 
VAL HG23 H N N 371 
VAL HXT  H N N 372 
# 
loop_
_chem_comp_bond.comp_id 
_chem_comp_bond.atom_id_1 
_chem_comp_bond.atom_id_2 
_chem_comp_bond.value_order 
_chem_comp_bond.pdbx_aromatic_flag 
_chem_comp_bond.pdbx_stereo_config 
_chem_comp_bond.pdbx_ordinal 
ALA N   CA   sing N N 1   
ALA N   H    sing N N 2   
ALA N   H2   sing N N 3   
ALA CA  C    sing N N 4   
ALA CA  CB   sing N N 5   
ALA CA  HA   sing N N 6   
ALA C   O    doub N N 7   
ALA C   OXT  sing N N 8   
ALA CB  HB1  sing N N 9   
ALA CB  HB2  sing N N 10  
ALA CB  HB3  sing N N 11  
ALA OXT HXT  sing N N 12  
ARG N   CA   sing N N 13  
ARG N   H    sing N N 14  
ARG N   H2   sing N N 15  
ARG CA  C    sing N N 16  
ARG CA  CB   sing N N 17  
ARG CA  HA   sing N N 18  
ARG C   O    doub N N 19  
ARG C   OXT  sing N N 20  
ARG CB  CG   sing N N 21  
ARG CB  HB2  sing N N 22  
ARG CB  HB3  sing N N 23  
ARG CG  CD   sing N N 24  
ARG CG  HG2  sing N N 25  
ARG CG  HG3  sing N N 26  
ARG CD  NE   sing N N 27  
ARG CD  HD2  sing N N 28  
ARG CD  HD3  sing N N 29  
ARG NE  CZ   sing N N 30  
ARG NE  HE   sing N N 31  
ARG CZ  NH1  sing N N 32  
ARG CZ  NH2  doub N N 33  
ARG NH1 HH11 sing N N 34  
ARG NH1 HH12 sing N N 35  
ARG NH2 HH21 sing N N 36  
ARG NH2 HH22 sing N N 37  
ARG OXT HXT  sing N N 38  
ASN N   CA   sing N N 39  
ASN N   H    sing N N 40  
ASN N   H2   sing N N 41  
ASN CA  C    sing N N 42  
ASN CA  CB   sing N N 43  
ASN CA  HA   sing N N 44  
ASN C   O    doub N N 45  
ASN C   OXT  sing N N 46  
ASN CB  CG   sing N N 47  
ASN CB  HB2  sing N N 48  
ASN CB  HB3  sing N N 49  
ASN CG  OD1  doub N N 50  
ASN CG  ND2  sing N N 51  
ASN ND2 HD21 sing N N 52  
ASN ND2 HD22 sing N N 53  
ASN OXT HXT  sing N N 54  
ASP N   CA   sing N N 55  
ASP N   H    sing N N 56  
ASP N   H2   sing N N 57  
ASP CA  C    sing N N 58  
ASP CA  CB   sing N N 59  
ASP CA  HA   sing N N 60  
ASP C   O    doub N N 61  
ASP C   OXT  sing N N 62  
ASP CB  CG   sing N N 63  
ASP CB  HB2  sing N N 64  
ASP CB  HB3  sing N N 65  
ASP CG  OD1  doub N N 66  
ASP CG  OD2  sing N N 67  
ASP OD2 HD2  sing N N 68  
ASP OXT HXT  sing N N 69  
GLN N   CA   sing N N 70  
GLN N   H    sing N N 71  
GLN N   H2   sing N N 72  
GLN CA  C    sing N N 73  
GLN CA  CB   sing N N 74  
GLN CA  HA   sing N N 75  
GLN C   O    doub N N 76  
GLN C   OXT  sing N N 77  
GLN CB  CG   sing N N 78  
GLN CB  HB2  sing N N 79  
GLN CB  HB3  sing N N 80  
GLN CG  CD   sing N N 81  
GLN CG  HG2  sing N N 82  
GLN CG  HG3  sing N N 83  
GLN CD  OE1  doub N N 84  
GLN CD  NE2  sing N N 85  
GLN NE2 HE21 sing N N 86  
GLN NE2 HE22 sing N N 87  
GLN OXT HXT  sing N N 88  
GLU N   CA   sing N N 89  
GLU N   H    sing N N 90  
GLU N   H2   sing N N 91  
GLU CA  C    sing N N 92  
GLU CA  CB   sing N N 93  
GLU CA  HA   sing N N 94  
GLU C   O    doub N N 95  
GLU C   OXT  sing N N 96  
GLU CB  CG   sing N N 97  
GLU CB  HB2  sing N N 98  
GLU CB  HB3  sing N N 99  
GLU CG  CD   sing N N 100 
GLU CG  HG2  sing N N 101 
GLU CG  HG3  sing N N 102 
GLU CD  OE1  doub N N 103 
GLU CD  OE2  sing N N 104 
GLU OE2 HE2  sing N N 105 
GLU OXT HXT  sing N N 106 
GLY N   CA   sing N N 107 
GLY N   H    sing N N 108 
GLY N   H2   sing N N 109 
GLY CA  C    sing N N 110 
GLY CA  HA2  sing N N 111 
GLY CA  HA3  sing N N 112 
GLY C   O    doub N N 113 
GLY C   OXT  sing N N 114 
GLY OXT HXT  sing N N 115 
HIS N   CA   sing N N 116 
HIS N   H    sing N N 117 
HIS N   H2   sing N N 118 
HIS CA  C    sing N N 119 
HIS CA  CB   sing N N 120 
HIS CA  HA   sing N N 121 
HIS C   O    doub N N 122 
HIS C   OXT  sing N N 123 
HIS CB  CG   sing N N 124 
HIS CB  HB2  sing N N 125 
HIS CB  HB3  sing N N 126 
HIS CG  ND1  sing Y N 127 
HIS CG  CD2  doub Y N 128 
HIS ND1 CE1  doub Y N 129 
HIS ND1 HD1  sing N N 130 
HIS CD2 NE2  sing Y N 131 
HIS CD2 HD2  sing N N 132 
HIS CE1 NE2  sing Y N 133 
HIS CE1 HE1  sing N N 134 
HIS NE2 HE2  sing N N 135 
HIS OXT HXT  sing N N 136 
HOH O   H1   sing N N 137 
HOH O   H2   sing N N 138 
ILE N   CA   sing N N 139 
ILE N   H    sing N N 140 
ILE N   H2   sing N N 141 
ILE CA  C    sing N N 142 
ILE CA  CB   sing N N 143 
ILE CA  HA   sing N N 144 
ILE C   O    doub N N 145 
ILE C   OXT  sing N N 146 
ILE CB  CG1  sing N N 147 
ILE CB  CG2  sing N N 148 
ILE CB  HB   sing N N 149 
ILE CG1 CD1  sing N N 150 
ILE CG1 HG12 sing N N 151 
ILE CG1 HG13 sing N N 152 
ILE CG2 HG21 sing N N 153 
ILE CG2 HG22 sing N N 154 
ILE CG2 HG23 sing N N 155 
ILE CD1 HD11 sing N N 156 
ILE CD1 HD12 sing N N 157 
ILE CD1 HD13 sing N N 158 
ILE OXT HXT  sing N N 159 
LEU N   CA   sing N N 160 
LEU N   H    sing N N 161 
LEU N   H2   sing N N 162 
LEU CA  C    sing N N 163 
LEU CA  CB   sing N N 164 
LEU CA  HA   sing N N 165 
LEU C   O    doub N N 166 
LEU C   OXT  sing N N 167 
LEU CB  CG   sing N N 168 
LEU CB  HB2  sing N N 169 
LEU CB  HB3  sing N N 170 
LEU CG  CD1  sing N N 171 
LEU CG  CD2  sing N N 172 
LEU CG  HG   sing N N 173 
LEU CD1 HD11 sing N N 174 
LEU CD1 HD12 sing N N 175 
LEU CD1 HD13 sing N N 176 
LEU CD2 HD21 sing N N 177 
LEU CD2 HD22 sing N N 178 
LEU CD2 HD23 sing N N 179 
LEU OXT HXT  sing N N 180 
LYS N   CA   sing N N 181 
LYS N   H    sing N N 182 
LYS N   H2   sing N N 183 
LYS CA  C    sing N N 184 
LYS CA  CB   sing N N 185 
LYS CA  HA   sing N N 186 
LYS C   O    doub N N 187 
LYS C   OXT  sing N N 188 
LYS CB  CG   sing N N 189 
LYS CB  HB2  sing N N 190 
LYS CB  HB3  sing N N 191 
LYS CG  CD   sing N N 192 
LYS CG  HG2  sing N N 193 
LYS CG  HG3  sing N N 194 
LYS CD  CE   sing N N 195 
LYS CD  HD2  sing N N 196 
LYS CD  HD3  sing N N 197 
LYS CE  NZ   sing N N 198 
LYS CE  HE2  sing N N 199 
LYS CE  HE3  sing N N 200 
LYS NZ  HZ1  sing N N 201 
LYS NZ  HZ2  sing N N 202 
LYS NZ  HZ3  sing N N 203 
LYS OXT HXT  sing N N 204 
MET N   CA   sing N N 205 
MET N   H    sing N N 206 
MET N   H2   sing N N 207 
MET CA  C    sing N N 208 
MET CA  CB   sing N N 209 
MET CA  HA   sing N N 210 
MET C   O    doub N N 211 
MET C   OXT  sing N N 212 
MET CB  CG   sing N N 213 
MET CB  HB2  sing N N 214 
MET CB  HB3  sing N N 215 
MET CG  SD   sing N N 216 
MET CG  HG2  sing N N 217 
MET CG  HG3  sing N N 218 
MET SD  CE   sing N N 219 
MET CE  HE1  sing N N 220 
MET CE  HE2  sing N N 221 
MET CE  HE3  sing N N 222 
MET OXT HXT  sing N N 223 
MPD C1  C2   sing N N 224 
MPD C1  H11  sing N N 225 
MPD C1  H12  sing N N 226 
MPD C1  H13  sing N N 227 
MPD C2  O2   sing N N 228 
MPD C2  CM   sing N N 229 
MPD C2  C3   sing N N 230 
MPD O2  HO2  sing N N 231 
MPD CM  HM1  sing N N 232 
MPD CM  HM2  sing N N 233 
MPD CM  HM3  sing N N 234 
MPD C3  C4   sing N N 235 
MPD C3  H31  sing N N 236 
MPD C3  H32  sing N N 237 
MPD C4  O4   sing N N 238 
MPD C4  C5   sing N N 239 
MPD C4  H4   sing N N 240 
MPD O4  HO4  sing N N 241 
MPD C5  H51  sing N N 242 
MPD C5  H52  sing N N 243 
MPD C5  H53  sing N N 244 
PHE N   CA   sing N N 245 
PHE N   H    sing N N 246 
PHE N   H2   sing N N 247 
PHE CA  C    sing N N 248 
PHE CA  CB   sing N N 249 
PHE CA  HA   sing N N 250 
PHE C   O    doub N N 251 
PHE C   OXT  sing N N 252 
PHE CB  CG   sing N N 253 
PHE CB  HB2  sing N N 254 
PHE CB  HB3  sing N N 255 
PHE CG  CD1  doub Y N 256 
PHE CG  CD2  sing Y N 257 
PHE CD1 CE1  sing Y N 258 
PHE CD1 HD1  sing N N 259 
PHE CD2 CE2  doub Y N 260 
PHE CD2 HD2  sing N N 261 
PHE CE1 CZ   doub Y N 262 
PHE CE1 HE1  sing N N 263 
PHE CE2 CZ   sing Y N 264 
PHE CE2 HE2  sing N N 265 
PHE CZ  HZ   sing N N 266 
PHE OXT HXT  sing N N 267 
PRO N   CA   sing N N 268 
PRO N   CD   sing N N 269 
PRO N   H    sing N N 270 
PRO CA  C    sing N N 271 
PRO CA  CB   sing N N 272 
PRO CA  HA   sing N N 273 
PRO C   O    doub N N 274 
PRO C   OXT  sing N N 275 
PRO CB  CG   sing N N 276 
PRO CB  HB2  sing N N 277 
PRO CB  HB3  sing N N 278 
PRO CG  CD   sing N N 279 
PRO CG  HG2  sing N N 280 
PRO CG  HG3  sing N N 281 
PRO CD  HD2  sing N N 282 
PRO CD  HD3  sing N N 283 
PRO OXT HXT  sing N N 284 
SER N   CA   sing N N 285 
SER N   H    sing N N 286 
SER N   H2   sing N N 287 
SER CA  C    sing N N 288 
SER CA  CB   sing N N 289 
SER CA  HA   sing N N 290 
SER C   O    doub N N 291 
SER C   OXT  sing N N 292 
SER CB  OG   sing N N 293 
SER CB  HB2  sing N N 294 
SER CB  HB3  sing N N 295 
SER OG  HG   sing N N 296 
SER OXT HXT  sing N N 297 
THR N   CA   sing N N 298 
THR N   H    sing N N 299 
THR N   H2   sing N N 300 
THR CA  C    sing N N 301 
THR CA  CB   sing N N 302 
THR CA  HA   sing N N 303 
THR C   O    doub N N 304 
THR C   OXT  sing N N 305 
THR CB  OG1  sing N N 306 
THR CB  CG2  sing N N 307 
THR CB  HB   sing N N 308 
THR OG1 HG1  sing N N 309 
THR CG2 HG21 sing N N 310 
THR CG2 HG22 sing N N 311 
THR CG2 HG23 sing N N 312 
THR OXT HXT  sing N N 313 
TYR N   CA   sing N N 314 
TYR N   H    sing N N 315 
TYR N   H2   sing N N 316 
TYR CA  C    sing N N 317 
TYR CA  CB   sing N N 318 
TYR CA  HA   sing N N 319 
TYR C   O    doub N N 320 
TYR C   OXT  sing N N 321 
TYR CB  CG   sing N N 322 
TYR CB  HB2  sing N N 323 
TYR CB  HB3  sing N N 324 
TYR CG  CD1  doub Y N 325 
TYR CG  CD2  sing Y N 326 
TYR CD1 CE1  sing Y N 327 
TYR CD1 HD1  sing N N 328 
TYR CD2 CE2  doub Y N 329 
TYR CD2 HD2  sing N N 330 
TYR CE1 CZ   doub Y N 331 
TYR CE1 HE1  sing N N 332 
TYR CE2 CZ   sing Y N 333 
TYR CE2 HE2  sing N N 334 
TYR CZ  OH   sing N N 335 
TYR OH  HH   sing N N 336 
TYR OXT HXT  sing N N 337 
VAL N   CA   sing N N 338 
VAL N   H    sing N N 339 
VAL N   H2   sing N N 340 
VAL CA  C    sing N N 341 
VAL CA  CB   sing N N 342 
VAL CA  HA   sing N N 343 
VAL C   O    doub N N 344 
VAL C   OXT  sing N N 345 
VAL CB  CG1  sing N N 346 
VAL CB  CG2  sing N N 347 
VAL CB  HB   sing N N 348 
VAL CG1 HG11 sing N N 349 
VAL CG1 HG12 sing N N 350 
VAL CG1 HG13 sing N N 351 
VAL CG2 HG21 sing N N 352 
VAL CG2 HG22 sing N N 353 
VAL CG2 HG23 sing N N 354 
VAL OXT HXT  sing N N 355 
# 
_atom_sites.entry_id                    3OUF 
_atom_sites.fract_transf_matrix[1][1]   -0.01213807 
_atom_sites.fract_transf_matrix[1][2]   0.00831100 
_atom_sites.fract_transf_matrix[1][3]   -0.00049360 
_atom_sites.fract_transf_matrix[2][1]   0.00825534 
_atom_sites.fract_transf_matrix[2][2]   0.01212757 
_atom_sites.fract_transf_matrix[2][3]   0.00119180 
_atom_sites.fract_transf_matrix[3][1]   0.00081830 
_atom_sites.fract_transf_matrix[3][2]   0.00053508 
_atom_sites.fract_transf_matrix[3][3]   -0.01111307 
_atom_sites.fract_transf_vector[1]      -0.091586 
_atom_sites.fract_transf_vector[2]      -0.145906 
_atom_sites.fract_transf_vector[3]      0.007247 
# 
loop_
_atom_type.symbol 
C 
K 
N 
O 
# 
loop_
_atom_site.group_PDB 
_atom_site.id 
_atom_site.type_symbol 
_atom_site.label_atom_id 
_atom_site.label_alt_id 
_atom_site.label_comp_id 
_atom_site.label_asym_id 
_atom_site.label_entity_id 
_atom_site.label_seq_id 
_atom_site.pdbx_PDB_ins_code 
_atom_site.Cartn_x 
_atom_site.Cartn_y 
_atom_site.Cartn_z 
_atom_site.occupancy 
_atom_site.B_iso_or_equiv 
_atom_site.pdbx_formal_charge 
_atom_site.auth_seq_id 
_atom_site.auth_comp_id 
_atom_site.auth_asym_id 
_atom_site.auth_atom_id 
_atom_site.pdbx_PDB_model_num 
ATOM   1    N N   . ASP A 1 4  ? -11.036 1.013   -43.017 1.00 61.24 ? 21  ASP A N   1 
ATOM   2    C CA  . ASP A 1 4  ? -12.108 0.313   -42.256 1.00 61.28 ? 21  ASP A CA  1 
ATOM   3    C C   . ASP A 1 4  ? -11.548 -0.943  -41.598 1.00 60.47 ? 21  ASP A C   1 
ATOM   4    O O   . ASP A 1 4  ? -11.621 -1.101  -40.379 1.00 60.25 ? 21  ASP A O   1 
ATOM   5    C CB  . ASP A 1 4  ? -13.260 -0.060  -43.192 1.00 64.48 ? 21  ASP A CB  1 
ATOM   6    C CG  . ASP A 1 4  ? -14.460 -0.616  -42.449 1.00 68.75 ? 21  ASP A CG  1 
ATOM   7    O OD1 . ASP A 1 4  ? -15.464 -0.954  -43.109 1.00 72.11 ? 21  ASP A OD1 1 
ATOM   8    O OD2 . ASP A 1 4  ? -14.400 -0.711  -41.205 1.00 72.38 ? 21  ASP A OD2 1 
ATOM   9    N N   . LYS A 1 5  ? -10.993 -1.839  -42.408 1.00 59.48 ? 22  LYS A N   1 
ATOM   10   C CA  . LYS A 1 5  ? -10.411 -3.073  -41.892 1.00 58.08 ? 22  LYS A CA  1 
ATOM   11   C C   . LYS A 1 5  ? -9.172  -2.734  -41.073 1.00 55.78 ? 22  LYS A C   1 
ATOM   12   O O   . LYS A 1 5  ? -8.804  -3.457  -40.148 1.00 55.90 ? 22  LYS A O   1 
ATOM   13   C CB  . LYS A 1 5  ? -10.035 -4.009  -43.043 1.00 59.75 ? 22  LYS A CB  1 
ATOM   14   C CG  . LYS A 1 5  ? -11.228 -4.557  -43.811 1.00 62.69 ? 22  LYS A CG  1 
ATOM   15   C CD  . LYS A 1 5  ? -12.127 -5.382  -42.903 1.00 65.70 ? 22  LYS A CD  1 
ATOM   16   C CE  . LYS A 1 5  ? -13.327 -5.931  -43.656 1.00 68.38 ? 22  LYS A CE  1 
ATOM   17   N NZ  . LYS A 1 5  ? -14.213 -6.732  -42.767 1.00 69.22 ? 22  LYS A NZ  1 
ATOM   18   N N   . GLU A 1 6  ? -8.533  -1.622  -41.427 1.00 53.52 ? 23  GLU A N   1 
ATOM   19   C CA  . GLU A 1 6  ? -7.342  -1.158  -40.731 1.00 51.37 ? 23  GLU A CA  1 
ATOM   20   C C   . GLU A 1 6  ? -7.727  -0.776  -39.307 1.00 49.06 ? 23  GLU A C   1 
ATOM   21   O O   . GLU A 1 6  ? -7.029  -1.113  -38.349 1.00 46.95 ? 23  GLU A O   1 
ATOM   22   C CB  . GLU A 1 6  ? -6.755  0.055   -41.456 1.00 53.62 ? 23  GLU A CB  1 
ATOM   23   C CG  . GLU A 1 6  ? -5.528  0.656   -40.792 1.00 59.36 ? 23  GLU A CG  1 
ATOM   24   C CD  . GLU A 1 6  ? -5.019  1.884   -41.524 1.00 62.73 ? 23  GLU A CD  1 
ATOM   25   O OE1 . GLU A 1 6  ? -5.793  2.854   -41.667 1.00 64.13 ? 23  GLU A OE1 1 
ATOM   26   O OE2 . GLU A 1 6  ? -3.849  1.880   -41.958 1.00 65.96 ? 23  GLU A OE2 1 
ATOM   27   N N   . PHE A 1 7  ? -8.848  -0.072  -39.180 1.00 44.16 ? 24  PHE A N   1 
ATOM   28   C CA  . PHE A 1 7  ? -9.339  0.355   -37.877 1.00 42.27 ? 24  PHE A CA  1 
ATOM   29   C C   . PHE A 1 7  ? -9.714  -0.850  -37.022 1.00 39.57 ? 24  PHE A C   1 
ATOM   30   O O   . PHE A 1 7  ? -9.490  -0.857  -35.812 1.00 38.95 ? 24  PHE A O   1 
ATOM   31   C CB  . PHE A 1 7  ? -10.550 1.279   -38.047 1.00 39.93 ? 24  PHE A CB  1 
ATOM   32   C CG  . PHE A 1 7  ? -11.224 1.637   -36.753 1.00 42.17 ? 24  PHE A CG  1 
ATOM   33   C CD1 . PHE A 1 7  ? -12.219 0.821   -36.220 1.00 39.32 ? 24  PHE A CD1 1 
ATOM   34   C CD2 . PHE A 1 7  ? -10.845 2.776   -36.050 1.00 43.63 ? 24  PHE A CD2 1 
ATOM   35   C CE1 . PHE A 1 7  ? -12.824 1.133   -35.005 1.00 44.19 ? 24  PHE A CE1 1 
ATOM   36   C CE2 . PHE A 1 7  ? -11.445 3.096   -34.834 1.00 43.37 ? 24  PHE A CE2 1 
ATOM   37   C CZ  . PHE A 1 7  ? -12.435 2.274   -34.312 1.00 41.09 ? 24  PHE A CZ  1 
ATOM   38   N N   . GLN A 1 8  ? -10.281 -1.872  -37.655 1.00 38.49 ? 25  GLN A N   1 
ATOM   39   C CA  . GLN A 1 8  ? -10.676 -3.075  -36.936 1.00 40.03 ? 25  GLN A CA  1 
ATOM   40   C C   . GLN A 1 8  ? -9.451  -3.800  -36.386 1.00 38.84 ? 25  GLN A C   1 
ATOM   41   O O   . GLN A 1 8  ? -9.478  -4.317  -35.270 1.00 38.58 ? 25  GLN A O   1 
ATOM   42   C CB  . GLN A 1 8  ? -11.468 -4.009  -37.857 1.00 44.26 ? 25  GLN A CB  1 
ATOM   43   C CG  . GLN A 1 8  ? -12.754 -3.397  -38.393 1.00 53.49 ? 25  GLN A CG  1 
ATOM   44   C CD  . GLN A 1 8  ? -13.577 -4.380  -39.204 1.00 59.89 ? 25  GLN A CD  1 
ATOM   45   O OE1 . GLN A 1 8  ? -14.016 -5.410  -38.693 1.00 63.32 ? 25  GLN A OE1 1 
ATOM   46   N NE2 . GLN A 1 8  ? -13.791 -4.064  -40.477 1.00 63.28 ? 25  GLN A NE2 1 
ATOM   47   N N   . VAL A 1 9  ? -8.378  -3.834  -37.170 1.00 37.55 ? 26  VAL A N   1 
ATOM   48   C CA  . VAL A 1 9  ? -7.152  -4.497  -36.739 1.00 36.83 ? 26  VAL A CA  1 
ATOM   49   C C   . VAL A 1 9  ? -6.509  -3.772  -35.558 1.00 36.73 ? 26  VAL A C   1 
ATOM   50   O O   . VAL A 1 9  ? -6.040  -4.408  -34.613 1.00 36.15 ? 26  VAL A O   1 
ATOM   51   C CB  . VAL A 1 9  ? -6.126  -4.583  -37.889 1.00 37.49 ? 26  VAL A CB  1 
ATOM   52   C CG1 . VAL A 1 9  ? -4.831  -5.202  -37.386 1.00 37.69 ? 26  VAL A CG1 1 
ATOM   53   C CG2 . VAL A 1 9  ? -6.696  -5.415  -39.032 1.00 40.67 ? 26  VAL A CG2 1 
ATOM   54   N N   . LEU A 1 10 ? -6.483  -2.443  -35.612 1.00 34.46 ? 27  LEU A N   1 
ATOM   55   C CA  . LEU A 1 10 ? -5.902  -1.654  -34.528 1.00 33.57 ? 27  LEU A CA  1 
ATOM   56   C C   . LEU A 1 10 ? -6.777  -1.774  -33.285 1.00 31.93 ? 27  LEU A C   1 
ATOM   57   O O   . LEU A 1 10 ? -6.284  -1.762  -32.158 1.00 33.30 ? 27  LEU A O   1 
ATOM   58   C CB  . LEU A 1 10 ? -5.776  -0.184  -34.937 1.00 32.97 ? 27  LEU A CB  1 
ATOM   59   C CG  . LEU A 1 10 ? -4.726  0.134   -36.006 1.00 38.45 ? 27  LEU A CG  1 
ATOM   60   C CD1 . LEU A 1 10 ? -4.779  1.614   -36.356 1.00 35.64 ? 27  LEU A CD1 1 
ATOM   61   C CD2 . LEU A 1 10 ? -3.342  -0.241  -35.494 1.00 36.27 ? 27  LEU A CD2 1 
ATOM   62   N N   . PHE A 1 11 ? -8.081  -1.883  -33.506 1.00 31.98 ? 28  PHE A N   1 
ATOM   63   C CA  . PHE A 1 11 ? -9.043  -2.029  -32.425 1.00 33.42 ? 28  PHE A CA  1 
ATOM   64   C C   . PHE A 1 11 ? -8.704  -3.309  -31.663 1.00 34.77 ? 28  PHE A C   1 
ATOM   65   O O   . PHE A 1 11 ? -8.517  -3.294  -30.444 1.00 32.49 ? 28  PHE A O   1 
ATOM   66   C CB  . PHE A 1 11 ? -10.450 -2.131  -33.011 1.00 35.09 ? 28  PHE A CB  1 
ATOM   67   C CG  . PHE A 1 11 ? -11.536 -2.253  -31.985 1.00 45.08 ? 28  PHE A CG  1 
ATOM   68   C CD1 . PHE A 1 11 ? -12.036 -1.125  -31.347 1.00 43.26 ? 28  PHE A CD1 1 
ATOM   69   C CD2 . PHE A 1 11 ? -12.082 -3.494  -31.676 1.00 46.64 ? 28  PHE A CD2 1 
ATOM   70   C CE1 . PHE A 1 11 ? -13.073 -1.228  -30.417 1.00 50.61 ? 28  PHE A CE1 1 
ATOM   71   C CE2 . PHE A 1 11 ? -13.115 -3.611  -30.751 1.00 51.70 ? 28  PHE A CE2 1 
ATOM   72   C CZ  . PHE A 1 11 ? -13.612 -2.477  -30.121 1.00 53.15 ? 28  PHE A CZ  1 
ATOM   73   N N   . VAL A 1 12 ? -8.623  -4.415  -32.398 1.00 30.87 ? 29  VAL A N   1 
ATOM   74   C CA  . VAL A 1 12 ? -8.306  -5.714  -31.811 1.00 33.14 ? 29  VAL A CA  1 
ATOM   75   C C   . VAL A 1 12 ? -6.945  -5.700  -31.122 1.00 31.73 ? 29  VAL A C   1 
ATOM   76   O O   . VAL A 1 12 ? -6.803  -6.180  -29.997 1.00 32.74 ? 29  VAL A O   1 
ATOM   77   C CB  . VAL A 1 12 ? -8.313  -6.828  -32.885 1.00 34.08 ? 29  VAL A CB  1 
ATOM   78   C CG1 . VAL A 1 12 ? -7.874  -8.150  -32.270 1.00 36.44 ? 29  VAL A CG1 1 
ATOM   79   C CG2 . VAL A 1 12 ? -9.705  -6.962  -33.484 1.00 38.70 ? 29  VAL A CG2 1 
ATOM   80   N N   . LEU A 1 13 ? -5.943  -5.153  -31.803 1.00 31.55 ? 30  LEU A N   1 
ATOM   81   C CA  . LEU A 1 13 ? -4.599  -5.079  -31.247 1.00 30.25 ? 30  LEU A CA  1 
ATOM   82   C C   . LEU A 1 13 ? -4.593  -4.306  -29.929 1.00 27.77 ? 30  LEU A C   1 
ATOM   83   O O   . LEU A 1 13 ? -3.929  -4.701  -28.972 1.00 24.98 ? 30  LEU A O   1 
ATOM   84   C CB  . LEU A 1 13 ? -3.649  -4.415  -32.247 1.00 31.67 ? 30  LEU A CB  1 
ATOM   85   C CG  . LEU A 1 13 ? -3.210  -5.286  -33.429 1.00 36.11 ? 30  LEU A CG  1 
ATOM   86   C CD1 . LEU A 1 13 ? -2.550  -4.431  -34.499 1.00 36.44 ? 30  LEU A CD1 1 
ATOM   87   C CD2 . LEU A 1 13 ? -2.252  -6.357  -32.930 1.00 34.67 ? 30  LEU A CD2 1 
ATOM   88   N N   . THR A 1 14 ? -5.338  -3.205  -29.885 1.00 30.62 ? 31  THR A N   1 
ATOM   89   C CA  . THR A 1 14 ? -5.410  -2.391  -28.675 1.00 28.48 ? 31  THR A CA  1 
ATOM   90   C C   . THR A 1 14 ? -6.091  -3.180  -27.567 1.00 27.83 ? 31  THR A C   1 
ATOM   91   O O   . THR A 1 14 ? -5.658  -3.152  -26.417 1.00 25.71 ? 31  THR A O   1 
ATOM   92   C CB  . THR A 1 14 ? -6.187  -1.084  -28.931 1.00 29.15 ? 31  THR A CB  1 
ATOM   93   O OG1 . THR A 1 14 ? -5.455  -0.274  -29.858 1.00 30.33 ? 31  THR A OG1 1 
ATOM   94   C CG2 . THR A 1 14 ? -6.387  -0.309  -27.628 1.00 25.94 ? 31  THR A CG2 1 
ATOM   95   N N   . ILE A 1 15 ? -7.162  -3.885  -27.914 1.00 24.28 ? 32  ILE A N   1 
ATOM   96   C CA  . ILE A 1 15 ? -7.875  -4.691  -26.936 1.00 25.36 ? 32  ILE A CA  1 
ATOM   97   C C   . ILE A 1 15 ? -6.943  -5.734  -26.328 1.00 24.12 ? 32  ILE A C   1 
ATOM   98   O O   . ILE A 1 15 ? -6.876  -5.886  -25.110 1.00 23.30 ? 32  ILE A O   1 
ATOM   99   C CB  . ILE A 1 15 ? -9.073  -5.420  -27.576 1.00 29.26 ? 32  ILE A CB  1 
ATOM   100  C CG1 . ILE A 1 15 ? -10.167 -4.412  -27.915 1.00 31.13 ? 32  ILE A CG1 1 
ATOM   101  C CG2 . ILE A 1 15 ? -9.628  -6.459  -26.608 1.00 27.09 ? 32  ILE A CG2 1 
ATOM   102  C CD1 . ILE A 1 15 ? -10.871 -3.878  -26.691 1.00 37.84 ? 32  ILE A CD1 1 
ATOM   103  N N   . LEU A 1 16 ? -6.225  -6.451  -27.183 1.00 23.98 ? 33  LEU A N   1 
ATOM   104  C CA  . LEU A 1 16 ? -5.305  -7.480  -26.716 1.00 24.48 ? 33  LEU A CA  1 
ATOM   105  C C   . LEU A 1 16 ? -4.229  -6.899  -25.805 1.00 23.28 ? 33  LEU A C   1 
ATOM   106  O O   . LEU A 1 16 ? -3.879  -7.494  -24.786 1.00 22.45 ? 33  LEU A O   1 
ATOM   107  C CB  . LEU A 1 16 ? -4.650  -8.186  -27.906 1.00 28.29 ? 33  LEU A CB  1 
ATOM   108  C CG  . LEU A 1 16 ? -5.568  -9.069  -28.757 1.00 32.86 ? 33  LEU A CG  1 
ATOM   109  C CD1 . LEU A 1 16 ? -4.769  -9.665  -29.906 1.00 33.60 ? 33  LEU A CD1 1 
ATOM   110  C CD2 . LEU A 1 16 ? -6.171  -10.170 -27.893 1.00 33.12 ? 33  LEU A CD2 1 
ATOM   111  N N   . THR A 1 17 ? -3.710  -5.731  -26.175 1.00 22.57 ? 34  THR A N   1 
ATOM   112  C CA  . THR A 1 17 ? -2.675  -5.074  -25.387 1.00 23.66 ? 34  THR A CA  1 
ATOM   113  C C   . THR A 1 17 ? -3.216  -4.702  -24.008 1.00 18.39 ? 34  THR A C   1 
ATOM   114  O O   . THR A 1 17 ? -2.554  -4.918  -22.992 1.00 19.34 ? 34  THR A O   1 
ATOM   115  C CB  . THR A 1 17 ? -2.163  -3.802  -26.098 1.00 25.25 ? 34  THR A CB  1 
ATOM   116  O OG1 . THR A 1 17 ? -1.577  -4.166  -27.353 1.00 28.16 ? 34  THR A OG1 1 
ATOM   117  C CG2 . THR A 1 17 ? -1.111  -3.093  -25.249 1.00 22.80 ? 34  THR A CG2 1 
ATOM   118  N N   . LEU A 1 18 ? -4.429  -4.159  -23.978 1.00 19.42 ? 35  LEU A N   1 
ATOM   119  C CA  . LEU A 1 18 ? -5.043  -3.773  -22.715 1.00 17.02 ? 35  LEU A CA  1 
ATOM   120  C C   . LEU A 1 18 ? -5.404  -4.993  -21.870 1.00 20.16 ? 35  LEU A C   1 
ATOM   121  O O   . LEU A 1 18 ? -5.344  -4.944  -20.644 1.00 19.55 ? 35  LEU A O   1 
ATOM   122  C CB  . LEU A 1 18 ? -6.280  -2.904  -22.974 1.00 20.52 ? 35  LEU A CB  1 
ATOM   123  C CG  . LEU A 1 18 ? -5.961  -1.551  -23.621 1.00 23.44 ? 35  LEU A CG  1 
ATOM   124  C CD1 . LEU A 1 18 ? -7.250  -0.769  -23.848 1.00 20.19 ? 35  LEU A CD1 1 
ATOM   125  C CD2 . LEU A 1 18 ? -5.004  -0.766  -22.723 1.00 18.98 ? 35  LEU A CD2 1 
ATOM   126  N N   . ILE A 1 19 ? -5.774  -6.092  -22.519 1.00 21.53 ? 36  ILE A N   1 
ATOM   127  C CA  . ILE A 1 19 ? -6.097  -7.305  -21.776 1.00 20.67 ? 36  ILE A CA  1 
ATOM   128  C C   . ILE A 1 19 ? -4.833  -7.835  -21.094 1.00 18.14 ? 36  ILE A C   1 
ATOM   129  O O   . ILE A 1 19 ? -4.880  -8.290  -19.950 1.00 17.77 ? 36  ILE A O   1 
ATOM   130  C CB  . ILE A 1 19 ? -6.687  -8.401  -22.698 1.00 23.38 ? 36  ILE A CB  1 
ATOM   131  C CG1 . ILE A 1 19 ? -8.068  -7.960  -23.199 1.00 26.78 ? 36  ILE A CG1 1 
ATOM   132  C CG2 . ILE A 1 19 ? -6.793  -9.722  -21.938 1.00 25.79 ? 36  ILE A CG2 1 
ATOM   133  C CD1 . ILE A 1 19 ? -8.748  -8.964  -24.124 1.00 26.26 ? 36  ILE A CD1 1 
ATOM   134  N N   . SER A 1 20 ? -3.701  -7.764  -21.788 1.00 18.48 ? 37  SER A N   1 
ATOM   135  C CA  . SER A 1 20 ? -2.443  -8.235  -21.217 1.00 18.67 ? 37  SER A CA  1 
ATOM   136  C C   . SER A 1 20 ? -2.107  -7.410  -19.982 1.00 17.60 ? 37  SER A C   1 
ATOM   137  O O   . SER A 1 20 ? -1.728  -7.953  -18.939 1.00 17.25 ? 37  SER A O   1 
ATOM   138  C CB  . SER A 1 20 ? -1.309  -8.122  -22.236 1.00 24.83 ? 37  SER A CB  1 
ATOM   139  O OG  . SER A 1 20 ? -0.089  -8.570  -21.663 1.00 32.47 ? 37  SER A OG  1 
ATOM   140  N N   . GLY A 1 21 ? -2.254  -6.095  -20.105 1.00 16.81 ? 38  GLY A N   1 
ATOM   141  C CA  . GLY A 1 21 ? -1.980  -5.217  -18.982 1.00 17.83 ? 38  GLY A CA  1 
ATOM   142  C C   . GLY A 1 21 ? -2.914  -5.492  -17.818 1.00 16.10 ? 38  GLY A C   1 
ATOM   143  O O   . GLY A 1 21 ? -2.490  -5.518  -16.663 1.00 17.19 ? 38  GLY A O   1 
ATOM   144  N N   . THR A 1 22 ? -4.194  -5.705  -18.110 1.00 15.90 ? 39  THR A N   1 
ATOM   145  C CA  . THR A 1 22 ? -5.163  -5.977  -17.054 1.00 15.13 ? 39  THR A CA  1 
ATOM   146  C C   . THR A 1 22 ? -4.779  -7.242  -16.288 1.00 16.48 ? 39  THR A C   1 
ATOM   147  O O   . THR A 1 22 ? -4.797  -7.269  -15.055 1.00 18.55 ? 39  THR A O   1 
ATOM   148  C CB  . THR A 1 22 ? -6.582  -6.148  -17.635 1.00 16.98 ? 39  THR A CB  1 
ATOM   149  O OG1 . THR A 1 22 ? -6.953  -4.949  -18.323 1.00 18.96 ? 39  THR A OG1 1 
ATOM   150  C CG2 . THR A 1 22 ? -7.586  -6.427  -16.523 1.00 20.18 ? 39  THR A CG2 1 
ATOM   151  N N   . ILE A 1 23 ? -4.435  -8.291  -17.022 1.00 16.29 ? 40  ILE A N   1 
ATOM   152  C CA  . ILE A 1 23 ? -4.043  -9.541  -16.390 1.00 17.51 ? 40  ILE A CA  1 
ATOM   153  C C   . ILE A 1 23 ? -2.758  -9.366  -15.581 1.00 18.07 ? 40  ILE A C   1 
ATOM   154  O O   . ILE A 1 23 ? -2.676  -9.793  -14.433 1.00 18.51 ? 40  ILE A O   1 
ATOM   155  C CB  . ILE A 1 23 ? -3.835  -10.651 -17.444 1.00 19.09 ? 40  ILE A CB  1 
ATOM   156  C CG1 . ILE A 1 23 ? -5.175  -10.983 -18.101 1.00 22.00 ? 40  ILE A CG1 1 
ATOM   157  C CG2 . ILE A 1 23 ? -3.220  -11.890 -16.791 1.00 22.81 ? 40  ILE A CG2 1 
ATOM   158  C CD1 . ILE A 1 23 ? -5.066  -11.935 -19.283 1.00 24.78 ? 40  ILE A CD1 1 
ATOM   159  N N   . PHE A 1 24 ? -1.758  -8.719  -16.169 1.00 17.30 ? 41  PHE A N   1 
ATOM   160  C CA  . PHE A 1 24 ? -0.502  -8.538  -15.458 1.00 15.54 ? 41  PHE A CA  1 
ATOM   161  C C   . PHE A 1 24 ? -0.612  -7.741  -14.160 1.00 15.48 ? 41  PHE A C   1 
ATOM   162  O O   . PHE A 1 24 ? -0.192  -8.202  -13.095 1.00 15.63 ? 41  PHE A O   1 
ATOM   163  C CB  . PHE A 1 24 ? 0.536   -7.858  -16.350 1.00 14.30 ? 41  PHE A CB  1 
ATOM   164  C CG  . PHE A 1 24 ? 1.851   -7.644  -15.655 1.00 15.48 ? 41  PHE A CG  1 
ATOM   165  C CD1 . PHE A 1 24 ? 2.812   -8.652  -15.633 1.00 16.65 ? 41  PHE A CD1 1 
ATOM   166  C CD2 . PHE A 1 24 ? 2.093   -6.471  -14.943 1.00 16.56 ? 41  PHE A CD2 1 
ATOM   167  C CE1 . PHE A 1 24 ? 3.987   -8.501  -14.911 1.00 15.67 ? 41  PHE A CE1 1 
ATOM   168  C CE2 . PHE A 1 24 ? 3.266   -6.307  -14.215 1.00 18.35 ? 41  PHE A CE2 1 
ATOM   169  C CZ  . PHE A 1 24 ? 4.217   -7.324  -14.196 1.00 17.55 ? 41  PHE A CZ  1 
ATOM   170  N N   . TYR A 1 25 ? -1.160  -6.533  -14.244 1.00 15.04 ? 42  TYR A N   1 
ATOM   171  C CA  . TYR A 1 25 ? -1.259  -5.695  -13.058 1.00 15.56 ? 42  TYR A CA  1 
ATOM   172  C C   . TYR A 1 25 ? -2.207  -6.220  -11.985 1.00 15.86 ? 42  TYR A C   1 
ATOM   173  O O   . TYR A 1 25 ? -1.983  -5.986  -10.800 1.00 17.49 ? 42  TYR A O   1 
ATOM   174  C CB  . TYR A 1 25 ? -1.615  -4.254  -13.461 1.00 16.09 ? 42  TYR A CB  1 
ATOM   175  C CG  . TYR A 1 25 ? -0.528  -3.586  -14.283 1.00 14.63 ? 42  TYR A CG  1 
ATOM   176  C CD1 . TYR A 1 25 ? -0.768  -3.181  -15.594 1.00 14.93 ? 42  TYR A CD1 1 
ATOM   177  C CD2 . TYR A 1 25 ? 0.747   -3.381  -13.754 1.00 14.58 ? 42  TYR A CD2 1 
ATOM   178  C CE1 . TYR A 1 25 ? 0.234   -2.585  -16.365 1.00 14.98 ? 42  TYR A CE1 1 
ATOM   179  C CE2 . TYR A 1 25 ? 1.762   -2.784  -14.519 1.00 14.12 ? 42  TYR A CE2 1 
ATOM   180  C CZ  . TYR A 1 25 ? 1.492   -2.390  -15.819 1.00 15.50 ? 42  TYR A CZ  1 
ATOM   181  O OH  . TYR A 1 25 ? 2.476   -1.801  -16.578 1.00 15.65 ? 42  TYR A OH  1 
ATOM   182  N N   . SER A 1 26 ? -3.250  -6.946  -12.376 1.00 17.37 ? 43  SER A N   1 
ATOM   183  C CA  . SER A 1 26 ? -4.162  -7.483  -11.368 1.00 20.61 ? 43  SER A CA  1 
ATOM   184  C C   . SER A 1 26 ? -3.478  -8.630  -10.620 1.00 21.74 ? 43  SER A C   1 
ATOM   185  O O   . SER A 1 26 ? -3.701  -8.831  -9.426  1.00 24.34 ? 43  SER A O   1 
ATOM   186  C CB  . SER A 1 26 ? -5.464  -7.971  -12.016 1.00 22.41 ? 43  SER A CB  1 
ATOM   187  O OG  . SER A 1 26 ? -5.222  -8.990  -12.968 1.00 31.13 ? 43  SER A OG  1 
ATOM   188  N N   . THR A 1 27 ? -2.621  -9.364  -11.323 1.00 19.03 ? 44  THR A N   1 
ATOM   189  C CA  . THR A 1 27 ? -1.912  -10.494 -10.727 1.00 18.68 ? 44  THR A CA  1 
ATOM   190  C C   . THR A 1 27 ? -0.668  -10.102 -9.932  1.00 18.84 ? 44  THR A C   1 
ATOM   191  O O   . THR A 1 27 ? -0.571  -10.372 -8.736  1.00 23.54 ? 44  THR A O   1 
ATOM   192  C CB  . THR A 1 27 ? -1.484  -11.501 -11.815 1.00 20.81 ? 44  THR A CB  1 
ATOM   193  O OG1 . THR A 1 27 ? -2.646  -11.985 -12.499 1.00 23.83 ? 44  THR A OG1 1 
ATOM   194  C CG2 . THR A 1 27 ? -0.731  -12.677 -11.196 1.00 23.12 ? 44  THR A CG2 1 
ATOM   195  N N   . VAL A 1 28 ? 0.279   -9.456  -10.602 1.00 18.24 ? 45  VAL A N   1 
ATOM   196  C CA  . VAL A 1 28 ? 1.534   -9.069  -9.972  1.00 17.98 ? 45  VAL A CA  1 
ATOM   197  C C   . VAL A 1 28 ? 1.445   -7.867  -9.035  1.00 18.85 ? 45  VAL A C   1 
ATOM   198  O O   . VAL A 1 28 ? 2.090   -7.847  -7.985  1.00 19.29 ? 45  VAL A O   1 
ATOM   199  C CB  . VAL A 1 28 ? 2.616   -8.808  -11.054 1.00 18.03 ? 45  VAL A CB  1 
ATOM   200  C CG1 . VAL A 1 28 ? 3.882   -8.239  -10.423 1.00 21.19 ? 45  VAL A CG1 1 
ATOM   201  C CG2 . VAL A 1 28 ? 2.929   -10.108 -11.786 1.00 22.46 ? 45  VAL A CG2 1 
ATOM   202  N N   . GLU A 1 29 ? 0.651   -6.868  -9.406  1.00 18.32 ? 46  GLU A N   1 
ATOM   203  C CA  . GLU A 1 29 ? 0.519   -5.684  -8.569  1.00 16.97 ? 46  GLU A CA  1 
ATOM   204  C C   . GLU A 1 29 ? -0.725  -5.727  -7.675  1.00 17.42 ? 46  GLU A C   1 
ATOM   205  O O   . GLU A 1 29 ? -0.983  -4.795  -6.915  1.00 19.87 ? 46  GLU A O   1 
ATOM   206  C CB  . GLU A 1 29 ? 0.524   -4.422  -9.441  1.00 19.17 ? 46  GLU A CB  1 
ATOM   207  C CG  . GLU A 1 29 ? 1.884   -4.102  -10.080 1.00 17.35 ? 46  GLU A CG  1 
ATOM   208  C CD  . GLU A 1 29 ? 2.964   -3.751  -9.057  1.00 15.84 ? 46  GLU A CD  1 
ATOM   209  O OE1 . GLU A 1 29 ? 2.626   -3.209  -7.983  1.00 17.90 ? 46  GLU A OE1 1 
ATOM   210  O OE2 . GLU A 1 29 ? 4.161   -3.999  -9.330  1.00 17.23 ? 46  GLU A OE2 1 
ATOM   211  N N   . GLY A 1 30 ? -1.487  -6.814  -7.774  1.00 18.92 ? 47  GLY A N   1 
ATOM   212  C CA  . GLY A 1 30 ? -2.664  -6.994  -6.937  1.00 23.04 ? 47  GLY A CA  1 
ATOM   213  C C   . GLY A 1 30 ? -3.814  -6.019  -7.087  1.00 22.01 ? 47  GLY A C   1 
ATOM   214  O O   . GLY A 1 30 ? -4.587  -5.813  -6.151  1.00 23.72 ? 47  GLY A O   1 
ATOM   215  N N   . LEU A 1 31 ? -3.949  -5.421  -8.262  1.00 18.99 ? 48  LEU A N   1 
ATOM   216  C CA  . LEU A 1 31 ? -5.028  -4.475  -8.485  1.00 18.70 ? 48  LEU A CA  1 
ATOM   217  C C   . LEU A 1 31 ? -6.318  -5.185  -8.880  1.00 18.24 ? 48  LEU A C   1 
ATOM   218  O O   . LEU A 1 31 ? -6.295  -6.291  -9.430  1.00 18.59 ? 48  LEU A O   1 
ATOM   219  C CB  . LEU A 1 31 ? -4.652  -3.503  -9.605  1.00 17.89 ? 48  LEU A CB  1 
ATOM   220  C CG  . LEU A 1 31 ? -3.365  -2.688  -9.457  1.00 20.51 ? 48  LEU A CG  1 
ATOM   221  C CD1 . LEU A 1 31 ? -3.249  -1.736  -10.645 1.00 17.67 ? 48  LEU A CD1 1 
ATOM   222  C CD2 . LEU A 1 31 ? -3.374  -1.917  -8.148  1.00 25.42 ? 48  LEU A CD2 1 
ATOM   223  N N   . ARG A 1 32 ? -7.451  -4.554  -8.590  1.00 19.13 ? 49  ARG A N   1 
ATOM   224  C CA  . ARG A 1 32 ? -8.723  -5.125  -9.005  1.00 18.63 ? 49  ARG A CA  1 
ATOM   225  C C   . ARG A 1 32 ? -8.655  -5.032  -10.527 1.00 19.63 ? 49  ARG A C   1 
ATOM   226  O O   . ARG A 1 32 ? -8.039  -4.112  -11.067 1.00 17.41 ? 49  ARG A O   1 
ATOM   227  C CB  . ARG A 1 32 ? -9.899  -4.275  -8.523  1.00 19.99 ? 49  ARG A CB  1 
ATOM   228  C CG  . ARG A 1 32 ? -10.138 -4.254  -7.028  1.00 18.89 ? 49  ARG A CG  1 
ATOM   229  C CD  . ARG A 1 32 ? -11.434 -3.500  -6.759  1.00 25.89 ? 49  ARG A CD  1 
ATOM   230  N NE  . ARG A 1 32 ? -11.357 -2.157  -7.319  1.00 30.03 ? 49  ARG A NE  1 
ATOM   231  C CZ  . ARG A 1 32 ? -12.389 -1.471  -7.802  1.00 23.97 ? 49  ARG A CZ  1 
ATOM   232  N NH1 . ARG A 1 32 ? -13.613 -1.995  -7.803  1.00 22.29 ? 49  ARG A NH1 1 
ATOM   233  N NH2 . ARG A 1 32 ? -12.188 -0.257  -8.295  1.00 21.74 ? 49  ARG A NH2 1 
ATOM   234  N N   . PRO A 1 33 ? -9.282  -5.976  -11.241 1.00 19.20 ? 50  PRO A N   1 
ATOM   235  C CA  . PRO A 1 33 ? -9.257  -5.943  -12.702 1.00 19.37 ? 50  PRO A CA  1 
ATOM   236  C C   . PRO A 1 33 ? -9.616  -4.586  -13.322 1.00 17.68 ? 50  PRO A C   1 
ATOM   237  O O   . PRO A 1 33 ? -8.940  -4.128  -14.249 1.00 18.54 ? 50  PRO A O   1 
ATOM   238  C CB  . PRO A 1 33 ? -10.242 -7.045  -13.078 1.00 22.33 ? 50  PRO A CB  1 
ATOM   239  C CG  . PRO A 1 33 ? -9.991  -8.059  -12.003 1.00 21.87 ? 50  PRO A CG  1 
ATOM   240  C CD  . PRO A 1 33 ? -9.942  -7.203  -10.754 1.00 21.85 ? 50  PRO A CD  1 
ATOM   241  N N   . ILE A 1 34 ? -10.666 -3.937  -12.822 1.00 16.74 ? 51  ILE A N   1 
ATOM   242  C CA  . ILE A 1 34 ? -11.055 -2.645  -13.380 1.00 16.46 ? 51  ILE A CA  1 
ATOM   243  C C   . ILE A 1 34 ? -9.938  -1.621  -13.185 1.00 16.50 ? 51  ILE A C   1 
ATOM   244  O O   . ILE A 1 34 ? -9.652  -0.835  -14.085 1.00 17.23 ? 51  ILE A O   1 
ATOM   245  C CB  . ILE A 1 34 ? -12.380 -2.119  -12.755 1.00 18.65 ? 51  ILE A CB  1 
ATOM   246  C CG1 . ILE A 1 34 ? -12.806 -0.827  -13.451 1.00 23.17 ? 51  ILE A CG1 1 
ATOM   247  C CG2 . ILE A 1 34 ? -12.217 -1.890  -11.264 1.00 18.09 ? 51  ILE A CG2 1 
ATOM   248  C CD1 . ILE A 1 34 ? -13.088 -0.994  -14.931 1.00 31.35 ? 51  ILE A CD1 1 
ATOM   249  N N   . ASP A 1 35 ? -9.301  -1.633  -12.017 1.00 16.83 ? 52  ASP A N   1 
ATOM   250  C CA  . ASP A 1 35 ? -8.206  -0.697  -11.765 1.00 13.65 ? 52  ASP A CA  1 
ATOM   251  C C   . ASP A 1 35 ? -7.008  -1.033  -12.658 1.00 15.54 ? 52  ASP A C   1 
ATOM   252  O O   . ASP A 1 35 ? -6.285  -0.140  -13.104 1.00 16.84 ? 52  ASP A O   1 
ATOM   253  C CB  . ASP A 1 35 ? -7.778  -0.738  -10.294 1.00 15.55 ? 52  ASP A CB  1 
ATOM   254  C CG  . ASP A 1 35 ? -8.792  -0.091  -9.372  1.00 18.71 ? 52  ASP A CG  1 
ATOM   255  O OD1 . ASP A 1 35 ? -9.483  0.844   -9.820  1.00 18.42 ? 52  ASP A OD1 1 
ATOM   256  O OD2 . ASP A 1 35 ? -8.882  -0.504  -8.195  1.00 18.14 ? 52  ASP A OD2 1 
ATOM   257  N N   . ALA A 1 36 ? -6.797  -2.318  -12.922 1.00 14.88 ? 53  ALA A N   1 
ATOM   258  C CA  . ALA A 1 36 ? -5.682  -2.722  -13.774 1.00 15.68 ? 53  ALA A CA  1 
ATOM   259  C C   . ALA A 1 36 ? -5.902  -2.245  -15.206 1.00 15.59 ? 53  ALA A C   1 
ATOM   260  O O   . ALA A 1 36 ? -4.968  -1.793  -15.863 1.00 16.43 ? 53  ALA A O   1 
ATOM   261  C CB  . ALA A 1 36 ? -5.510  -4.239  -13.741 1.00 16.22 ? 53  ALA A CB  1 
ATOM   262  N N   . LEU A 1 37 ? -7.138  -2.349  -15.692 1.00 15.41 ? 54  LEU A N   1 
ATOM   263  C CA  . LEU A 1 37 ? -7.461  -1.899  -17.041 1.00 14.49 ? 54  LEU A CA  1 
ATOM   264  C C   . LEU A 1 37 ? -7.306  -0.383  -17.109 1.00 16.22 ? 54  LEU A C   1 
ATOM   265  O O   . LEU A 1 37 ? -6.684  0.153   -18.026 1.00 15.34 ? 54  LEU A O   1 
ATOM   266  C CB  . LEU A 1 37 ? -8.904  -2.271  -17.408 1.00 17.70 ? 54  LEU A CB  1 
ATOM   267  C CG  . LEU A 1 37 ? -9.416  -1.676  -18.724 1.00 14.96 ? 54  LEU A CG  1 
ATOM   268  C CD1 . LEU A 1 37 ? -8.606  -2.229  -19.889 1.00 17.89 ? 54  LEU A CD1 1 
ATOM   269  C CD2 . LEU A 1 37 ? -10.905 -2.013  -18.908 1.00 19.72 ? 54  LEU A CD2 1 
ATOM   270  N N   . TYR A 1 38 ? -7.892  0.298   -16.132 1.00 14.70 ? 55  TYR A N   1 
ATOM   271  C CA  . TYR A 1 38 ? -7.817  1.750   -16.053 1.00 15.05 ? 55  TYR A CA  1 
ATOM   272  C C   . TYR A 1 38 ? -6.351  2.206   -16.019 1.00 15.74 ? 55  TYR A C   1 
ATOM   273  O O   . TYR A 1 38 ? -5.964  3.112   -16.759 1.00 14.66 ? 55  TYR A O   1 
ATOM   274  C CB  . TYR A 1 38 ? -8.598  2.205   -14.812 1.00 14.97 ? 55  TYR A CB  1 
ATOM   275  C CG  . TYR A 1 38 ? -8.276  3.585   -14.287 1.00 14.42 ? 55  TYR A CG  1 
ATOM   276  C CD1 . TYR A 1 38 ? -7.523  3.739   -13.125 1.00 14.19 ? 55  TYR A CD1 1 
ATOM   277  C CD2 . TYR A 1 38 ? -8.745  4.730   -14.931 1.00 13.25 ? 55  TYR A CD2 1 
ATOM   278  C CE1 . TYR A 1 38 ? -7.246  5.002   -12.607 1.00 14.98 ? 55  TYR A CE1 1 
ATOM   279  C CE2 . TYR A 1 38 ? -8.468  6.004   -14.420 1.00 13.32 ? 55  TYR A CE2 1 
ATOM   280  C CZ  . TYR A 1 38 ? -7.718  6.126   -13.257 1.00 15.53 ? 55  TYR A CZ  1 
ATOM   281  O OH  . TYR A 1 38 ? -7.424  7.372   -12.739 1.00 14.52 ? 55  TYR A OH  1 
ATOM   282  N N   . PHE A 1 39 ? -5.538  1.565   -15.186 1.00 12.04 ? 56  PHE A N   1 
ATOM   283  C CA  . PHE A 1 39 ? -4.122  1.920   -15.088 1.00 12.22 ? 56  PHE A CA  1 
ATOM   284  C C   . PHE A 1 39 ? -3.389  1.668   -16.411 1.00 14.85 ? 56  PHE A C   1 
ATOM   285  O O   . PHE A 1 39 ? -2.538  2.461   -16.830 1.00 14.13 ? 56  PHE A O   1 
ATOM   286  C CB  . PHE A 1 39 ? -3.451  1.118   -13.970 1.00 13.34 ? 56  PHE A CB  1 
ATOM   287  C CG  . PHE A 1 39 ? -1.962  1.295   -13.917 1.00 14.46 ? 56  PHE A CG  1 
ATOM   288  C CD1 . PHE A 1 39 ? -1.407  2.524   -13.589 1.00 12.79 ? 56  PHE A CD1 1 
ATOM   289  C CD2 . PHE A 1 39 ? -1.111  0.236   -14.225 1.00 19.51 ? 56  PHE A CD2 1 
ATOM   290  C CE1 . PHE A 1 39 ? -0.025  2.701   -13.570 1.00 12.99 ? 56  PHE A CE1 1 
ATOM   291  C CE2 . PHE A 1 39 ? 0.272   0.403   -14.211 1.00 18.75 ? 56  PHE A CE2 1 
ATOM   292  C CZ  . PHE A 1 39 ? 0.817   1.641   -13.881 1.00 17.34 ? 56  PHE A CZ  1 
ATOM   293  N N   . SER A 1 40 ? -3.702  0.553   -17.065 1.00 12.77 ? 57  SER A N   1 
ATOM   294  C CA  . SER A 1 40 ? -3.068  0.241   -18.341 1.00 13.13 ? 57  SER A CA  1 
ATOM   295  C C   . SER A 1 40 ? -3.375  1.323   -19.381 1.00 13.59 ? 57  SER A C   1 
ATOM   296  O O   . SER A 1 40 ? -2.502  1.731   -20.143 1.00 13.69 ? 57  SER A O   1 
ATOM   297  C CB  . SER A 1 40 ? -3.531  -1.136  -18.844 1.00 14.39 ? 57  SER A CB  1 
ATOM   298  O OG  . SER A 1 40 ? -3.106  -2.156  -17.952 1.00 14.57 ? 57  SER A OG  1 
ATOM   299  N N   . VAL A 1 41 ? -4.617  1.799   -19.403 1.00 12.50 ? 58  VAL A N   1 
ATOM   300  C CA  . VAL A 1 41 ? -5.009  2.840   -20.347 1.00 12.93 ? 58  VAL A CA  1 
ATOM   301  C C   . VAL A 1 41 ? -4.323  4.167   -20.019 1.00 13.44 ? 58  VAL A C   1 
ATOM   302  O O   . VAL A 1 41 ? -3.795  4.835   -20.901 1.00 13.13 ? 58  VAL A O   1 
ATOM   303  C CB  . VAL A 1 41 ? -6.537  3.051   -20.332 1.00 13.75 ? 58  VAL A CB  1 
ATOM   304  C CG1 . VAL A 1 41 ? -6.907  4.265   -21.161 1.00 15.21 ? 58  VAL A CG1 1 
ATOM   305  C CG2 . VAL A 1 41 ? -7.230  1.815   -20.886 1.00 15.92 ? 58  VAL A CG2 1 
ATOM   306  N N   . VAL A 1 42 ? -4.340  4.534   -18.742 1.00 12.63 ? 59  VAL A N   1 
ATOM   307  C CA  . VAL A 1 42 ? -3.728  5.777   -18.284 1.00 11.92 ? 59  VAL A CA  1 
ATOM   308  C C   . VAL A 1 42 ? -2.226  5.769   -18.580 1.00 15.17 ? 59  VAL A C   1 
ATOM   309  O O   . VAL A 1 42 ? -1.620  6.811   -18.832 1.00 13.92 ? 59  VAL A O   1 
ATOM   310  C CB  . VAL A 1 42 ? -3.995  5.967   -16.763 1.00 10.36 ? 59  VAL A CB  1 
ATOM   311  C CG1 . VAL A 1 42 ? -3.111  7.063   -16.186 1.00 13.44 ? 59  VAL A CG1 1 
ATOM   312  C CG2 . VAL A 1 42 ? -5.462  6.333   -16.546 1.00 13.78 ? 59  VAL A CG2 1 
ATOM   313  N N   . THR A 1 43 ? -1.641  4.581   -18.567 1.00 11.74 ? 60  THR A N   1 
ATOM   314  C CA  . THR A 1 43 ? -0.221  4.421   -18.846 1.00 14.60 ? 60  THR A CA  1 
ATOM   315  C C   . THR A 1 43 ? 0.099   4.540   -20.342 1.00 14.11 ? 60  THR A C   1 
ATOM   316  O O   . THR A 1 43 ? 0.926   5.364   -20.749 1.00 13.54 ? 60  THR A O   1 
ATOM   317  C CB  . THR A 1 43 ? 0.268   3.049   -18.335 1.00 13.11 ? 60  THR A CB  1 
ATOM   318  O OG1 . THR A 1 43 ? 0.223   3.033   -16.902 1.00 13.39 ? 60  THR A OG1 1 
ATOM   319  C CG2 . THR A 1 43 ? 1.689   2.764   -18.808 1.00 14.89 ? 60  THR A CG2 1 
ATOM   320  N N   . LEU A 1 44 ? -0.565  3.729   -21.163 1.00 14.14 ? 61  LEU A N   1 
ATOM   321  C CA  . LEU A 1 44 ? -0.288  3.738   -22.599 1.00 13.34 ? 61  LEU A CA  1 
ATOM   322  C C   . LEU A 1 44 ? -0.694  4.995   -23.359 1.00 15.27 ? 61  LEU A C   1 
ATOM   323  O O   . LEU A 1 44 ? -0.183  5.247   -24.449 1.00 15.42 ? 61  LEU A O   1 
ATOM   324  C CB  . LEU A 1 44 ? -0.886  2.489   -23.263 1.00 14.44 ? 61  LEU A CB  1 
ATOM   325  C CG  . LEU A 1 44 ? -0.277  1.182   -22.736 1.00 15.02 ? 61  LEU A CG  1 
ATOM   326  C CD1 . LEU A 1 44 ? -0.842  0.009   -23.527 1.00 14.87 ? 61  LEU A CD1 1 
ATOM   327  C CD2 . LEU A 1 44 ? 1.250   1.207   -22.861 1.00 15.60 ? 61  LEU A CD2 1 
ATOM   328  N N   . THR A 1 45 ? -1.611  5.780   -22.800 1.00 13.56 ? 62  THR A N   1 
ATOM   329  C CA  . THR A 1 45 ? -2.013  7.028   -23.446 1.00 15.04 ? 62  THR A CA  1 
ATOM   330  C C   . THR A 1 45 ? -1.118  8.156   -22.924 1.00 16.11 ? 62  THR A C   1 
ATOM   331  O O   . THR A 1 45 ? -1.275  9.316   -23.305 1.00 16.44 ? 62  THR A O   1 
ATOM   332  C CB  . THR A 1 45 ? -3.484  7.378   -23.153 1.00 14.25 ? 62  THR A CB  1 
ATOM   333  O OG1 . THR A 1 45 ? -3.682  7.471   -21.736 1.00 14.44 ? 62  THR A OG1 1 
ATOM   334  C CG2 . THR A 1 45 ? -4.413  6.310   -23.747 1.00 15.79 ? 62  THR A CG2 1 
ATOM   335  N N   . THR A 1 46 ? -0.178  7.779   -22.058 1.00 13.00 ? 63  THR A N   1 
ATOM   336  C CA  . THR A 1 46 ? 0.803   8.675   -21.426 1.00 15.41 ? 63  THR A CA  1 
ATOM   337  C C   . THR A 1 46 ? 0.249   9.734   -20.479 1.00 13.26 ? 63  THR A C   1 
ATOM   338  O O   . THR A 1 46 ? 0.934   10.710  -20.182 1.00 13.54 ? 63  THR A O   1 
ATOM   339  C CB  . THR A 1 46 ? 1.750   9.390   -22.465 1.00 15.09 ? 63  THR A CB  1 
ATOM   340  O OG1 . THR A 1 46 ? 1.055   10.448  -23.143 1.00 15.93 ? 63  THR A OG1 1 
ATOM   341  C CG2 . THR A 1 46 ? 2.281   8.389   -23.486 1.00 15.44 ? 63  THR A CG2 1 
ATOM   342  N N   . VAL A 1 47 ? -0.980  9.550   -20.002 1.00 12.14 ? 64  VAL A N   1 
ATOM   343  C CA  . VAL A 1 47 ? -1.560  10.497  -19.049 1.00 11.36 ? 64  VAL A CA  1 
ATOM   344  C C   . VAL A 1 47 ? -0.782  10.382  -17.726 1.00 11.15 ? 64  VAL A C   1 
ATOM   345  O O   . VAL A 1 47 ? -0.312  11.381  -17.182 1.00 12.31 ? 64  VAL A O   1 
ATOM   346  C CB  . VAL A 1 47 ? -3.055  10.194  -18.816 1.00 13.56 ? 64  VAL A CB  1 
ATOM   347  C CG1 . VAL A 1 47 ? -3.595  11.055  -17.682 1.00 15.71 ? 64  VAL A CG1 1 
ATOM   348  C CG2 . VAL A 1 47 ? -3.840  10.480  -20.103 1.00 13.68 ? 64  VAL A CG2 1 
ATOM   349  N N   . GLY A 1 48 ? -0.656  9.155   -17.222 1.00 11.40 ? 65  GLY A N   1 
ATOM   350  C CA  . GLY A 1 48 ? 0.107   8.894   -16.005 1.00 11.94 ? 65  GLY A CA  1 
ATOM   351  C C   . GLY A 1 48 ? -0.225  9.633   -14.717 1.00 11.99 ? 65  GLY A C   1 
ATOM   352  O O   . GLY A 1 48 ? 0.649   10.257  -14.121 1.00 11.26 ? 65  GLY A O   1 
ATOM   353  N N   . TYR A 1 49 ? -1.473  9.562   -14.270 1.00 11.69 ? 66  TYR A N   1 
ATOM   354  C CA  . TYR A 1 49 ? -1.866  10.244  -13.035 1.00 12.79 ? 66  TYR A CA  1 
ATOM   355  C C   . TYR A 1 49 ? -1.003  9.870   -11.845 1.00 15.05 ? 66  TYR A C   1 
ATOM   356  O O   . TYR A 1 49 ? -0.653  10.722  -11.025 1.00 13.29 ? 66  TYR A O   1 
ATOM   357  C CB  . TYR A 1 49 ? -3.304  9.915   -12.648 1.00 13.00 ? 66  TYR A CB  1 
ATOM   358  C CG  . TYR A 1 49 ? -4.361  10.330  -13.637 1.00 12.41 ? 66  TYR A CG  1 
ATOM   359  C CD1 . TYR A 1 49 ? -4.473  11.651  -14.071 1.00 11.98 ? 66  TYR A CD1 1 
ATOM   360  C CD2 . TYR A 1 49 ? -5.287  9.399   -14.106 1.00 16.28 ? 66  TYR A CD2 1 
ATOM   361  C CE1 . TYR A 1 49 ? -5.493  12.035  -14.947 1.00 12.59 ? 66  TYR A CE1 1 
ATOM   362  C CE2 . TYR A 1 49 ? -6.302  9.770   -14.977 1.00 15.11 ? 66  TYR A CE2 1 
ATOM   363  C CZ  . TYR A 1 49 ? -6.401  11.084  -15.393 1.00 14.20 ? 66  TYR A CZ  1 
ATOM   364  O OH  . TYR A 1 49 ? -7.412  11.431  -16.261 1.00 15.41 ? 66  TYR A OH  1 
ATOM   365  N N   . GLY A 1 50 ? -0.690  8.584   -11.728 1.00 12.01 ? 67  GLY A N   1 
ATOM   366  C CA  . GLY A 1 50 ? 0.102   8.146   -10.598 1.00 13.02 ? 67  GLY A CA  1 
ATOM   367  C C   . GLY A 1 50 ? -0.757  7.712   -9.420  1.00 14.73 ? 67  GLY A C   1 
ATOM   368  O O   . GLY A 1 50 ? -0.225  7.442   -8.341  1.00 15.72 ? 67  GLY A O   1 
ATOM   369  N N   . ASP A 1 51 ? -2.080  7.676   -9.592  1.00 14.38 ? 68  ASP A N   1 
ATOM   370  C CA  . ASP A 1 51 ? -2.934  7.208   -8.504  1.00 14.07 ? 68  ASP A CA  1 
ATOM   371  C C   . ASP A 1 51 ? -2.661  5.712   -8.328  1.00 14.90 ? 68  ASP A C   1 
ATOM   372  O O   . ASP A 1 51 ? -2.873  5.141   -7.255  1.00 18.91 ? 68  ASP A O   1 
ATOM   373  C CB  . ASP A 1 51 ? -4.422  7.503   -8.779  1.00 14.58 ? 68  ASP A CB  1 
ATOM   374  C CG  . ASP A 1 51 ? -4.876  7.105   -10.173 1.00 16.59 ? 68  ASP A CG  1 
ATOM   375  O OD1 . ASP A 1 51 ? -4.039  6.891   -11.073 1.00 15.39 ? 68  ASP A OD1 1 
ATOM   376  O OD2 . ASP A 1 51 ? -6.109  7.037   -10.378 1.00 16.44 ? 68  ASP A OD2 1 
ATOM   377  N N   . PHE A 1 52 ? -2.177  5.101   -9.402  1.00 16.95 ? 69  PHE A N   1 
ATOM   378  C CA  . PHE A 1 52 ? -1.753  3.705   -9.411  1.00 17.74 ? 69  PHE A CA  1 
ATOM   379  C C   . PHE A 1 52 ? -0.381  3.737   -10.086 1.00 16.06 ? 69  PHE A C   1 
ATOM   380  O O   . PHE A 1 52 ? -0.163  4.515   -11.019 1.00 15.14 ? 69  PHE A O   1 
ATOM   381  C CB  . PHE A 1 52 ? -2.702  2.830   -10.233 1.00 17.35 ? 69  PHE A CB  1 
ATOM   382  C CG  . PHE A 1 52 ? -4.047  2.620   -9.590  1.00 16.98 ? 69  PHE A CG  1 
ATOM   383  C CD1 . PHE A 1 52 ? -4.207  1.695   -8.565  1.00 18.76 ? 69  PHE A CD1 1 
ATOM   384  C CD2 . PHE A 1 52 ? -5.144  3.371   -9.994  1.00 21.02 ? 69  PHE A CD2 1 
ATOM   385  C CE1 . PHE A 1 52 ? -5.449  1.521   -7.946  1.00 18.88 ? 69  PHE A CE1 1 
ATOM   386  C CE2 . PHE A 1 52 ? -6.389  3.205   -9.384  1.00 20.28 ? 69  PHE A CE2 1 
ATOM   387  C CZ  . PHE A 1 52 ? -6.538  2.277   -8.357  1.00 18.07 ? 69  PHE A CZ  1 
ATOM   388  N N   . SER A 1 53 ? 0.539   2.908   -9.598  1.00 15.56 ? 70  SER A N   1 
ATOM   389  C CA  . SER A 1 53 ? 1.886   2.802   -10.154 1.00 14.28 ? 70  SER A CA  1 
ATOM   390  C C   . SER A 1 53 ? 2.470   1.488   -9.634  1.00 13.61 ? 70  SER A C   1 
ATOM   391  O O   . SER A 1 53 ? 2.142   1.055   -8.528  1.00 16.93 ? 70  SER A O   1 
ATOM   392  C CB  . SER A 1 53 ? 2.762   3.981   -9.711  1.00 17.59 ? 70  SER A CB  1 
ATOM   393  O OG  . SER A 1 53 ? 2.851   4.066   -8.301  1.00 23.03 ? 70  SER A OG  1 
ATOM   394  N N   . PRO A 1 54 ? 3.338   0.837   -10.423 1.00 13.76 ? 71  PRO A N   1 
ATOM   395  C CA  . PRO A 1 54 ? 3.921   -0.431  -9.968  1.00 15.15 ? 71  PRO A CA  1 
ATOM   396  C C   . PRO A 1 54 ? 4.805   -0.279  -8.737  1.00 15.82 ? 71  PRO A C   1 
ATOM   397  O O   . PRO A 1 54 ? 5.643   0.627   -8.669  1.00 15.74 ? 71  PRO A O   1 
ATOM   398  C CB  . PRO A 1 54 ? 4.693   -0.916  -11.195 1.00 15.78 ? 71  PRO A CB  1 
ATOM   399  C CG  . PRO A 1 54 ? 5.103   0.380   -11.870 1.00 15.38 ? 71  PRO A CG  1 
ATOM   400  C CD  . PRO A 1 54 ? 3.827   1.193   -11.768 1.00 15.24 ? 71  PRO A CD  1 
ATOM   401  N N   . GLN A 1 55 ? 4.609   -1.165  -7.762  1.00 15.28 ? 72  GLN A N   1 
ATOM   402  C CA  . GLN A 1 55 ? 5.387   -1.129  -6.532  1.00 16.23 ? 72  GLN A CA  1 
ATOM   403  C C   . GLN A 1 55 ? 6.460   -2.215  -6.503  1.00 17.36 ? 72  GLN A C   1 
ATOM   404  O O   . GLN A 1 55 ? 7.410   -2.122  -5.730  1.00 18.17 ? 72  GLN A O   1 
ATOM   405  C CB  . GLN A 1 55 ? 4.480   -1.312  -5.310  1.00 20.70 ? 72  GLN A CB  1 
ATOM   406  C CG  . GLN A 1 55 ? 3.292   -0.364  -5.246  1.00 24.51 ? 72  GLN A CG  1 
ATOM   407  C CD  . GLN A 1 55 ? 2.533   -0.489  -3.940  1.00 36.57 ? 72  GLN A CD  1 
ATOM   408  O OE1 . GLN A 1 55 ? 3.004   -0.050  -2.892  1.00 37.52 ? 72  GLN A OE1 1 
ATOM   409  N NE2 . GLN A 1 55 ? 1.356   -1.101  -3.996  1.00 40.27 ? 72  GLN A NE2 1 
ATOM   410  N N   . THR A 1 56 ? 6.299   -3.246  -7.325  1.00 16.58 ? 73  THR A N   1 
ATOM   411  C CA  . THR A 1 56 ? 7.282   -4.333  -7.358  1.00 16.68 ? 73  THR A CA  1 
ATOM   412  C C   . THR A 1 56 ? 8.267   -4.139  -8.506  1.00 17.15 ? 73  THR A C   1 
ATOM   413  O O   . THR A 1 56 ? 7.965   -3.460  -9.489  1.00 17.10 ? 73  THR A O   1 
ATOM   414  C CB  . THR A 1 56 ? 6.608   -5.717  -7.546  1.00 15.93 ? 73  THR A CB  1 
ATOM   415  O OG1 . THR A 1 56 ? 6.079   -5.821  -8.873  1.00 15.97 ? 73  THR A OG1 1 
ATOM   416  C CG2 . THR A 1 56 ? 5.488   -5.914  -6.533  1.00 18.01 ? 73  THR A CG2 1 
ATOM   417  N N   . ASP A 1 57 ? 9.450   -4.734  -8.386  1.00 17.60 ? 74  ASP A N   1 
ATOM   418  C CA  . ASP A 1 57 ? 10.442  -4.612  -9.443  1.00 16.67 ? 74  ASP A CA  1 
ATOM   419  C C   . ASP A 1 57 ? 9.949   -5.317  -10.704 1.00 17.24 ? 74  ASP A C   1 
ATOM   420  O O   . ASP A 1 57 ? 10.219  -4.884  -11.815 1.00 17.30 ? 74  ASP A O   1 
ATOM   421  C CB  . ASP A 1 57 ? 11.786  -5.183  -8.983  1.00 18.56 ? 74  ASP A CB  1 
ATOM   422  C CG  . ASP A 1 57 ? 12.498  -4.266  -8.003  1.00 20.64 ? 74  ASP A CG  1 
ATOM   423  O OD1 . ASP A 1 57 ? 11.974  -3.167  -7.730  1.00 22.20 ? 74  ASP A OD1 1 
ATOM   424  O OD2 . ASP A 1 57 ? 13.588  -4.630  -7.508  1.00 20.37 ? 74  ASP A OD2 1 
ATOM   425  N N   . PHE A 1 58 ? 9.221   -6.413  -10.520 1.00 18.22 ? 75  PHE A N   1 
ATOM   426  C CA  . PHE A 1 58 ? 8.657   -7.155  -11.637 1.00 18.00 ? 75  PHE A CA  1 
ATOM   427  C C   . PHE A 1 58 ? 7.720   -6.184  -12.379 1.00 17.65 ? 75  PHE A C   1 
ATOM   428  O O   . PHE A 1 58 ? 7.750   -6.073  -13.607 1.00 16.42 ? 75  PHE A O   1 
ATOM   429  C CB  . PHE A 1 58 ? 7.875   -8.348  -11.075 1.00 22.04 ? 75  PHE A CB  1 
ATOM   430  C CG  . PHE A 1 58 ? 7.453   -9.363  -12.098 1.00 27.47 ? 75  PHE A CG  1 
ATOM   431  C CD1 . PHE A 1 58 ? 6.881   -10.566 -11.685 1.00 30.35 ? 75  PHE A CD1 1 
ATOM   432  C CD2 . PHE A 1 58 ? 7.603   -9.127  -13.461 1.00 28.60 ? 75  PHE A CD2 1 
ATOM   433  C CE1 . PHE A 1 58 ? 6.464   -11.517 -12.614 1.00 31.02 ? 75  PHE A CE1 1 
ATOM   434  C CE2 . PHE A 1 58 ? 7.188   -10.072 -14.399 1.00 31.98 ? 75  PHE A CE2 1 
ATOM   435  C CZ  . PHE A 1 58 ? 6.619   -11.268 -13.973 1.00 29.89 ? 75  PHE A CZ  1 
ATOM   436  N N   . GLY A 1 59 ? 6.906   -5.468  -11.614 1.00 17.94 ? 76  GLY A N   1 
ATOM   437  C CA  . GLY A 1 59 ? 5.977   -4.516  -12.198 1.00 15.66 ? 76  GLY A CA  1 
ATOM   438  C C   . GLY A 1 59 ? 6.664   -3.355  -12.901 1.00 13.38 ? 76  GLY A C   1 
ATOM   439  O O   . GLY A 1 59 ? 6.218   -2.903  -13.958 1.00 15.69 ? 76  GLY A O   1 
ATOM   440  N N   . LYS A 1 60 ? 7.751   -2.864  -12.325 1.00 13.87 ? 77  LYS A N   1 
ATOM   441  C CA  . LYS A 1 60 ? 8.469   -1.751  -12.944 1.00 14.98 ? 77  LYS A CA  1 
ATOM   442  C C   . LYS A 1 60 ? 9.103   -2.178  -14.260 1.00 15.54 ? 77  LYS A C   1 
ATOM   443  O O   . LYS A 1 60 ? 9.039   -1.456  -15.254 1.00 14.19 ? 77  LYS A O   1 
ATOM   444  C CB  . LYS A 1 60 ? 9.528   -1.210  -11.982 1.00 13.28 ? 77  LYS A CB  1 
ATOM   445  C CG  . LYS A 1 60 ? 8.912   -0.414  -10.837 1.00 14.26 ? 77  LYS A CG  1 
ATOM   446  C CD  . LYS A 1 60 ? 9.879   -0.215  -9.676  1.00 16.97 ? 77  LYS A CD  1 
ATOM   447  C CE  . LYS A 1 60 ? 9.186   0.533   -8.539  1.00 17.25 ? 77  LYS A CE  1 
ATOM   448  N NZ  . LYS A 1 60 ? 10.018  0.593   -7.305  1.00 18.20 ? 77  LYS A NZ  1 
ATOM   449  N N   . ILE A 1 61 ? 9.701   -3.366  -14.279 1.00 16.78 ? 78  ILE A N   1 
ATOM   450  C CA  . ILE A 1 61 ? 10.332  -3.856  -15.495 1.00 15.78 ? 78  ILE A CA  1 
ATOM   451  C C   . ILE A 1 61 ? 9.289   -4.089  -16.588 1.00 16.39 ? 78  ILE A C   1 
ATOM   452  O O   . ILE A 1 61 ? 9.485   -3.687  -17.737 1.00 16.49 ? 78  ILE A O   1 
ATOM   453  C CB  . ILE A 1 61 ? 11.116  -5.158  -15.224 1.00 17.88 ? 78  ILE A CB  1 
ATOM   454  C CG1 . ILE A 1 61 ? 12.289  -4.861  -14.280 1.00 19.79 ? 78  ILE A CG1 1 
ATOM   455  C CG2 . ILE A 1 61 ? 11.618  -5.748  -16.542 1.00 19.43 ? 78  ILE A CG2 1 
ATOM   456  C CD1 . ILE A 1 61 ? 12.976  -6.100  -13.737 1.00 29.71 ? 78  ILE A CD1 1 
ATOM   457  N N   . PHE A 1 62 ? 8.180   -4.737  -16.236 1.00 14.93 ? 79  PHE A N   1 
ATOM   458  C CA  . PHE A 1 62 ? 7.129   -4.972  -17.213 1.00 16.75 ? 79  PHE A CA  1 
ATOM   459  C C   . PHE A 1 62 ? 6.611   -3.634  -17.740 1.00 15.54 ? 79  PHE A C   1 
ATOM   460  O O   . PHE A 1 62 ? 6.382   -3.485  -18.935 1.00 15.21 ? 79  PHE A O   1 
ATOM   461  C CB  . PHE A 1 62 ? 5.971   -5.763  -16.590 1.00 16.74 ? 79  PHE A CB  1 
ATOM   462  C CG  . PHE A 1 62 ? 4.765   -5.890  -17.487 1.00 17.50 ? 79  PHE A CG  1 
ATOM   463  C CD1 . PHE A 1 62 ? 3.736   -4.954  -17.431 1.00 16.93 ? 79  PHE A CD1 1 
ATOM   464  C CD2 . PHE A 1 62 ? 4.668   -6.937  -18.401 1.00 17.03 ? 79  PHE A CD2 1 
ATOM   465  C CE1 . PHE A 1 62 ? 2.627   -5.056  -18.270 1.00 15.69 ? 79  PHE A CE1 1 
ATOM   466  C CE2 . PHE A 1 62 ? 3.566   -7.050  -19.245 1.00 17.76 ? 79  PHE A CE2 1 
ATOM   467  C CZ  . PHE A 1 62 ? 2.538   -6.107  -19.180 1.00 18.43 ? 79  PHE A CZ  1 
ATOM   468  N N   . THR A 1 63 ? 6.441   -2.659  -16.849 1.00 15.49 ? 80  THR A N   1 
ATOM   469  C CA  . THR A 1 63 ? 5.929   -1.355  -17.257 1.00 15.51 ? 80  THR A CA  1 
ATOM   470  C C   . THR A 1 63 ? 6.824   -0.689  -18.293 1.00 14.79 ? 80  THR A C   1 
ATOM   471  O O   . THR A 1 63 ? 6.333   -0.090  -19.251 1.00 15.35 ? 80  THR A O   1 
ATOM   472  C CB  . THR A 1 63 ? 5.744   -0.438  -16.035 1.00 14.64 ? 80  THR A CB  1 
ATOM   473  O OG1 . THR A 1 63 ? 4.799   -1.043  -15.143 1.00 15.40 ? 80  THR A OG1 1 
ATOM   474  C CG2 . THR A 1 63 ? 5.214   0.936   -16.460 1.00 15.04 ? 80  THR A CG2 1 
ATOM   475  N N   . ILE A 1 64 ? 8.135   -0.798  -18.112 1.00 15.47 ? 81  ILE A N   1 
ATOM   476  C CA  . ILE A 1 64 ? 9.072   -0.230  -19.074 1.00 15.19 ? 81  ILE A CA  1 
ATOM   477  C C   . ILE A 1 64 ? 8.827   -0.839  -20.458 1.00 15.63 ? 81  ILE A C   1 
ATOM   478  O O   . ILE A 1 64 ? 8.691   -0.121  -21.451 1.00 16.19 ? 81  ILE A O   1 
ATOM   479  C CB  . ILE A 1 64 ? 10.534  -0.520  -18.667 1.00 15.74 ? 81  ILE A CB  1 
ATOM   480  C CG1 . ILE A 1 64 ? 10.899  0.294   -17.425 1.00 17.97 ? 81  ILE A CG1 1 
ATOM   481  C CG2 . ILE A 1 64 ? 11.476  -0.184  -19.822 1.00 18.26 ? 81  ILE A CG2 1 
ATOM   482  C CD1 . ILE A 1 64 ? 12.245  -0.089  -16.818 1.00 16.75 ? 81  ILE A CD1 1 
ATOM   483  N N   . LEU A 1 65 ? 8.760   -2.167  -20.516 1.00 16.16 ? 82  LEU A N   1 
ATOM   484  C CA  . LEU A 1 65 ? 8.560   -2.857  -21.784 1.00 16.58 ? 82  LEU A CA  1 
ATOM   485  C C   . LEU A 1 65 ? 7.162   -2.628  -22.352 1.00 16.46 ? 82  LEU A C   1 
ATOM   486  O O   . LEU A 1 65 ? 6.994   -2.460  -23.557 1.00 18.25 ? 82  LEU A O   1 
ATOM   487  C CB  . LEU A 1 65 ? 8.818   -4.359  -21.606 1.00 16.66 ? 82  LEU A CB  1 
ATOM   488  C CG  . LEU A 1 65 ? 10.227  -4.710  -21.110 1.00 20.76 ? 82  LEU A CG  1 
ATOM   489  C CD1 . LEU A 1 65 ? 10.308  -6.195  -20.773 1.00 21.44 ? 82  LEU A CD1 1 
ATOM   490  C CD2 . LEU A 1 65 ? 11.251  -4.340  -22.174 1.00 26.71 ? 82  LEU A CD2 1 
ATOM   491  N N   . TYR A 1 66 ? 6.167   -2.602  -21.472 1.00 15.89 ? 83  TYR A N   1 
ATOM   492  C CA  . TYR A 1 66 ? 4.775   -2.394  -21.868 1.00 17.62 ? 83  TYR A CA  1 
ATOM   493  C C   . TYR A 1 66 ? 4.607   -1.032  -22.557 1.00 16.12 ? 83  TYR A C   1 
ATOM   494  O O   . TYR A 1 66 ? 3.942   -0.920  -23.589 1.00 16.66 ? 83  TYR A O   1 
ATOM   495  C CB  . TYR A 1 66 ? 3.886   -2.484  -20.620 1.00 17.72 ? 83  TYR A CB  1 
ATOM   496  C CG  . TYR A 1 66 ? 2.394   -2.560  -20.875 1.00 15.97 ? 83  TYR A CG  1 
ATOM   497  C CD1 . TYR A 1 66 ? 1.521   -1.673  -20.250 1.00 17.51 ? 83  TYR A CD1 1 
ATOM   498  C CD2 . TYR A 1 66 ? 1.849   -3.552  -21.698 1.00 15.05 ? 83  TYR A CD2 1 
ATOM   499  C CE1 . TYR A 1 66 ? 0.134   -1.766  -20.432 1.00 16.79 ? 83  TYR A CE1 1 
ATOM   500  C CE2 . TYR A 1 66 ? 0.463   -3.655  -21.887 1.00 17.27 ? 83  TYR A CE2 1 
ATOM   501  C CZ  . TYR A 1 66 ? -0.385  -2.757  -21.248 1.00 17.67 ? 83  TYR A CZ  1 
ATOM   502  O OH  . TYR A 1 66 ? -1.751  -2.855  -21.416 1.00 15.72 ? 83  TYR A OH  1 
ATOM   503  N N   . ILE A 1 67 ? 5.213   0.001   -21.981 1.00 16.56 ? 84  ILE A N   1 
ATOM   504  C CA  . ILE A 1 67 ? 5.140   1.343   -22.547 1.00 18.40 ? 84  ILE A CA  1 
ATOM   505  C C   . ILE A 1 67 ? 5.770   1.396   -23.940 1.00 20.03 ? 84  ILE A C   1 
ATOM   506  O O   . ILE A 1 67 ? 5.147   1.856   -24.896 1.00 19.75 ? 84  ILE A O   1 
ATOM   507  C CB  . ILE A 1 67 ? 5.847   2.364   -21.628 1.00 17.21 ? 84  ILE A CB  1 
ATOM   508  C CG1 . ILE A 1 67 ? 5.031   2.552   -20.345 1.00 16.15 ? 84  ILE A CG1 1 
ATOM   509  C CG2 . ILE A 1 67 ? 6.009   3.705   -22.346 1.00 21.01 ? 84  ILE A CG2 1 
ATOM   510  C CD1 . ILE A 1 67 ? 5.735   3.398   -19.296 1.00 14.27 ? 84  ILE A CD1 1 
ATOM   511  N N   . PHE A 1 68 ? 7.004   0.916   -24.057 1.00 19.93 ? 85  PHE A N   1 
ATOM   512  C CA  . PHE A 1 68 ? 7.700   0.931   -25.343 1.00 21.34 ? 85  PHE A CA  1 
ATOM   513  C C   . PHE A 1 68 ? 6.978   0.173   -26.450 1.00 21.93 ? 85  PHE A C   1 
ATOM   514  O O   . PHE A 1 68 ? 6.987   0.589   -27.608 1.00 25.18 ? 85  PHE A O   1 
ATOM   515  C CB  . PHE A 1 68 ? 9.117   0.372   -25.183 1.00 19.75 ? 85  PHE A CB  1 
ATOM   516  C CG  . PHE A 1 68 ? 10.130  1.407   -24.790 1.00 22.50 ? 85  PHE A CG  1 
ATOM   517  C CD1 . PHE A 1 68 ? 10.515  2.392   -25.694 1.00 27.67 ? 85  PHE A CD1 1 
ATOM   518  C CD2 . PHE A 1 68 ? 10.684  1.414   -23.516 1.00 20.40 ? 85  PHE A CD2 1 
ATOM   519  C CE1 . PHE A 1 68 ? 11.438  3.372   -25.334 1.00 28.78 ? 85  PHE A CE1 1 
ATOM   520  C CE2 . PHE A 1 68 ? 11.608  2.390   -23.146 1.00 21.61 ? 85  PHE A CE2 1 
ATOM   521  C CZ  . PHE A 1 68 ? 11.984  3.369   -24.057 1.00 27.59 ? 85  PHE A CZ  1 
ATOM   522  N N   . ILE A 1 69 ? 6.343   -0.935  -26.096 1.00 20.65 ? 86  ILE A N   1 
ATOM   523  C CA  . ILE A 1 69 ? 5.647   -1.736  -27.088 1.00 25.21 ? 86  ILE A CA  1 
ATOM   524  C C   . ILE A 1 69 ? 4.198   -1.324  -27.308 1.00 27.99 ? 86  ILE A C   1 
ATOM   525  O O   . ILE A 1 69 ? 3.666   -1.490  -28.406 1.00 31.13 ? 86  ILE A O   1 
ATOM   526  C CB  . ILE A 1 69 ? 5.697   -3.222  -26.701 1.00 26.31 ? 86  ILE A CB  1 
ATOM   527  C CG1 . ILE A 1 69 ? 7.155   -3.679  -26.658 1.00 32.39 ? 86  ILE A CG1 1 
ATOM   528  C CG2 . ILE A 1 69 ? 4.903   -4.056  -27.698 1.00 34.49 ? 86  ILE A CG2 1 
ATOM   529  C CD1 . ILE A 1 69 ? 7.339   -5.099  -26.209 1.00 35.90 ? 86  ILE A CD1 1 
ATOM   530  N N   . GLY A 1 70 ? 3.571   -0.773  -26.273 1.00 23.43 ? 87  GLY A N   1 
ATOM   531  C CA  . GLY A 1 70 ? 2.176   -0.380  -26.375 1.00 21.92 ? 87  GLY A CA  1 
ATOM   532  C C   . GLY A 1 70 ? 1.836   1.029   -26.831 1.00 23.57 ? 87  GLY A C   1 
ATOM   533  O O   . GLY A 1 70 ? 0.794   1.224   -27.457 1.00 26.46 ? 87  GLY A O   1 
ATOM   534  N N   . ILE A 1 71 ? 2.679   2.012   -26.522 1.00 23.07 ? 88  ILE A N   1 
ATOM   535  C CA  . ILE A 1 71 ? 2.384   3.389   -26.925 1.00 23.13 ? 88  ILE A CA  1 
ATOM   536  C C   . ILE A 1 71 ? 2.161   3.513   -28.429 1.00 25.53 ? 88  ILE A C   1 
ATOM   537  O O   . ILE A 1 71 ? 1.223   4.177   -28.873 1.00 26.20 ? 88  ILE A O   1 
ATOM   538  C CB  . ILE A 1 71 ? 3.512   4.376   -26.511 1.00 25.76 ? 88  ILE A CB  1 
ATOM   539  C CG1 . ILE A 1 71 ? 3.494   4.600   -24.998 1.00 29.39 ? 88  ILE A CG1 1 
ATOM   540  C CG2 . ILE A 1 71 ? 3.321   5.717   -27.216 1.00 28.25 ? 88  ILE A CG2 1 
ATOM   541  C CD1 . ILE A 1 71 ? 4.498   5.640   -24.518 1.00 27.11 ? 88  ILE A CD1 1 
ATOM   542  N N   . GLY A 1 72 ? 3.025   2.870   -29.207 1.00 27.46 ? 89  GLY A N   1 
ATOM   543  C CA  . GLY A 1 72 ? 2.912   2.935   -30.652 1.00 27.76 ? 89  GLY A CA  1 
ATOM   544  C C   . GLY A 1 72 ? 1.573   2.490   -31.209 1.00 26.73 ? 89  GLY A C   1 
ATOM   545  O O   . GLY A 1 72 ? 0.968   3.200   -32.016 1.00 30.66 ? 89  GLY A O   1 
ATOM   546  N N   . LEU A 1 73 ? 1.099   1.324   -30.781 1.00 28.58 ? 90  LEU A N   1 
ATOM   547  C CA  . LEU A 1 73 ? -0.170  0.814   -31.280 1.00 29.67 ? 90  LEU A CA  1 
ATOM   548  C C   . LEU A 1 73 ? -1.360  1.589   -30.728 1.00 29.12 ? 90  LEU A C   1 
ATOM   549  O O   . LEU A 1 73 ? -2.316  1.857   -31.452 1.00 25.46 ? 90  LEU A O   1 
ATOM   550  C CB  . LEU A 1 73 ? -0.322  -0.675  -30.957 1.00 35.79 ? 90  LEU A CB  1 
ATOM   551  C CG  . LEU A 1 73 ? -1.020  -1.089  -29.664 1.00 42.76 ? 90  LEU A CG  1 
ATOM   552  C CD1 . LEU A 1 73 ? -2.147  -2.049  -29.999 1.00 42.46 ? 90  LEU A CD1 1 
ATOM   553  C CD2 . LEU A 1 73 ? -0.026  -1.734  -28.711 1.00 49.21 ? 90  LEU A CD2 1 
ATOM   554  N N   . VAL A 1 74 ? -1.309  1.952   -29.450 1.00 25.16 ? 91  VAL A N   1 
ATOM   555  C CA  . VAL A 1 74 ? -2.408  2.704   -28.855 1.00 23.24 ? 91  VAL A CA  1 
ATOM   556  C C   . VAL A 1 74 ? -2.607  4.030   -29.578 1.00 22.58 ? 91  VAL A C   1 
ATOM   557  O O   . VAL A 1 74 ? -3.734  4.401   -29.907 1.00 25.44 ? 91  VAL A O   1 
ATOM   558  C CB  . VAL A 1 74 ? -2.167  2.972   -27.351 1.00 20.53 ? 91  VAL A CB  1 
ATOM   559  C CG1 . VAL A 1 74 ? -3.128  4.044   -26.844 1.00 23.04 ? 91  VAL A CG1 1 
ATOM   560  C CG2 . VAL A 1 74 ? -2.370  1.687   -26.568 1.00 22.33 ? 91  VAL A CG2 1 
ATOM   561  N N   . PHE A 1 75 ? -1.520  4.752   -29.825 1.00 22.96 ? 92  PHE A N   1 
ATOM   562  C CA  . PHE A 1 75 ? -1.639  6.025   -30.519 1.00 27.60 ? 92  PHE A CA  1 
ATOM   563  C C   . PHE A 1 75 ? -1.937  5.844   -31.999 1.00 32.13 ? 92  PHE A C   1 
ATOM   564  O O   . PHE A 1 75 ? -2.454  6.752   -32.649 1.00 31.99 ? 92  PHE A O   1 
ATOM   565  C CB  . PHE A 1 75 ? -0.384  6.864   -30.299 1.00 29.77 ? 92  PHE A CB  1 
ATOM   566  C CG  . PHE A 1 75 ? -0.444  7.680   -29.046 1.00 30.48 ? 92  PHE A CG  1 
ATOM   567  C CD1 . PHE A 1 75 ? -1.091  8.912   -29.039 1.00 31.06 ? 92  PHE A CD1 1 
ATOM   568  C CD2 . PHE A 1 75 ? 0.061   7.180   -27.853 1.00 24.30 ? 92  PHE A CD2 1 
ATOM   569  C CE1 . PHE A 1 75 ? -1.239  9.633   -27.858 1.00 34.78 ? 92  PHE A CE1 1 
ATOM   570  C CE2 . PHE A 1 75 ? -0.083  7.893   -26.665 1.00 28.27 ? 92  PHE A CE2 1 
ATOM   571  C CZ  . PHE A 1 75 ? -0.734  9.120   -26.668 1.00 31.40 ? 92  PHE A CZ  1 
ATOM   572  N N   . GLY A 1 76 ? -1.619  4.666   -32.524 1.00 32.20 ? 93  GLY A N   1 
ATOM   573  C CA  . GLY A 1 76 ? -1.908  4.391   -33.918 1.00 33.27 ? 93  GLY A CA  1 
ATOM   574  C C   . GLY A 1 76 ? -3.414  4.260   -34.035 1.00 35.52 ? 93  GLY A C   1 
ATOM   575  O O   . GLY A 1 76 ? -4.032  4.786   -34.963 1.00 34.36 ? 93  GLY A O   1 
ATOM   576  N N   . PHE A 1 77 ? -4.009  3.558   -33.073 1.00 32.41 ? 94  PHE A N   1 
ATOM   577  C CA  . PHE A 1 77 ? -5.453  3.357   -33.042 1.00 32.73 ? 94  PHE A CA  1 
ATOM   578  C C   . PHE A 1 77 ? -6.178  4.679   -32.821 1.00 32.07 ? 94  PHE A C   1 
ATOM   579  O O   . PHE A 1 77 ? -7.197  4.951   -33.456 1.00 32.82 ? 94  PHE A O   1 
ATOM   580  C CB  . PHE A 1 77 ? -5.829  2.365   -31.936 1.00 30.38 ? 94  PHE A CB  1 
ATOM   581  C CG  . PHE A 1 77 ? -7.298  2.340   -31.619 1.00 32.47 ? 94  PHE A CG  1 
ATOM   582  C CD1 . PHE A 1 77 ? -7.813  3.124   -30.591 1.00 33.81 ? 94  PHE A CD1 1 
ATOM   583  C CD2 . PHE A 1 77 ? -8.174  1.562   -32.371 1.00 33.23 ? 94  PHE A CD2 1 
ATOM   584  C CE1 . PHE A 1 77 ? -9.177  3.133   -30.316 1.00 36.41 ? 94  PHE A CE1 1 
ATOM   585  C CE2 . PHE A 1 77 ? -9.541  1.565   -32.103 1.00 31.78 ? 94  PHE A CE2 1 
ATOM   586  C CZ  . PHE A 1 77 ? -10.043 2.353   -31.073 1.00 30.63 ? 94  PHE A CZ  1 
ATOM   587  N N   . ILE A 1 78 ? -5.655  5.497   -31.913 1.00 30.00 ? 95  ILE A N   1 
ATOM   588  C CA  . ILE A 1 78 ? -6.260  6.790   -31.633 1.00 31.88 ? 95  ILE A CA  1 
ATOM   589  C C   . ILE A 1 78 ? -6.269  7.650   -32.890 1.00 34.62 ? 95  ILE A C   1 
ATOM   590  O O   . ILE A 1 78 ? -7.273  8.289   -33.205 1.00 34.81 ? 95  ILE A O   1 
ATOM   591  C CB  . ILE A 1 78 ? -5.501  7.532   -30.509 1.00 30.29 ? 95  ILE A CB  1 
ATOM   592  C CG1 . ILE A 1 78 ? -5.743  6.817   -29.175 1.00 29.15 ? 95  ILE A CG1 1 
ATOM   593  C CG2 . ILE A 1 78 ? -5.955  8.985   -30.437 1.00 28.46 ? 95  ILE A CG2 1 
ATOM   594  C CD1 . ILE A 1 78 ? -5.010  7.431   -27.998 1.00 31.20 ? 95  ILE A CD1 1 
ATOM   595  N N   . HIS A 1 79 ? -5.154  7.655   -33.612 1.00 34.03 ? 96  HIS A N   1 
ATOM   596  C CA  . HIS A 1 79 ? -5.053  8.444   -34.833 1.00 40.99 ? 96  HIS A CA  1 
ATOM   597  C C   . HIS A 1 79 ? -6.094  8.009   -35.860 1.00 42.06 ? 96  HIS A C   1 
ATOM   598  O O   . HIS A 1 79 ? -6.848  8.834   -36.376 1.00 44.06 ? 96  HIS A O   1 
ATOM   599  C CB  . HIS A 1 79 ? -3.652  8.318   -35.437 1.00 42.28 ? 96  HIS A CB  1 
ATOM   600  C CG  . HIS A 1 79 ? -3.465  9.117   -36.688 1.00 50.13 ? 96  HIS A CG  1 
ATOM   601  N ND1 . HIS A 1 79 ? -3.592  10.489  -36.721 1.00 50.69 ? 96  HIS A ND1 1 
ATOM   602  C CD2 . HIS A 1 79 ? -3.172  8.735   -37.955 1.00 53.02 ? 96  HIS A CD2 1 
ATOM   603  C CE1 . HIS A 1 79 ? -3.388  10.918  -37.954 1.00 54.18 ? 96  HIS A CE1 1 
ATOM   604  N NE2 . HIS A 1 79 ? -3.131  9.875   -38.721 1.00 54.11 ? 96  HIS A NE2 1 
ATOM   605  N N   . LYS A 1 80 ? -6.135  6.713   -36.152 1.00 42.76 ? 97  LYS A N   1 
ATOM   606  C CA  . LYS A 1 80 ? -7.087  6.181   -37.121 1.00 43.73 ? 97  LYS A CA  1 
ATOM   607  C C   . LYS A 1 80 ? -8.534  6.387   -36.685 1.00 44.51 ? 97  LYS A C   1 
ATOM   608  O O   . LYS A 1 80 ? -9.415  6.595   -37.520 1.00 44.04 ? 97  LYS A O   1 
ATOM   609  C CB  . LYS A 1 80 ? -6.818  4.695   -37.362 1.00 46.06 ? 97  LYS A CB  1 
ATOM   610  C CG  . LYS A 1 80 ? -5.510  4.426   -38.091 1.00 52.80 ? 97  LYS A CG  1 
ATOM   611  C CD  . LYS A 1 80 ? -5.518  5.052   -39.480 1.00 57.04 ? 97  LYS A CD  1 
ATOM   612  C CE  . LYS A 1 80 ? -4.175  4.895   -40.174 1.00 61.38 ? 97  LYS A CE  1 
ATOM   613  N NZ  . LYS A 1 80 ? -3.087  5.615   -39.458 1.00 65.71 ? 97  LYS A NZ  1 
ATOM   614  N N   . LEU A 1 81 ? -8.779  6.331   -35.380 1.00 41.73 ? 98  LEU A N   1 
ATOM   615  C CA  . LEU A 1 81 ? -10.124 6.533   -34.854 1.00 43.92 ? 98  LEU A CA  1 
ATOM   616  C C   . LEU A 1 81 ? -10.590 7.955   -35.147 1.00 45.77 ? 98  LEU A C   1 
ATOM   617  O O   . LEU A 1 81 ? -11.724 8.175   -35.572 1.00 46.16 ? 98  LEU A O   1 
ATOM   618  C CB  . LEU A 1 81 ? -10.145 6.296   -33.340 1.00 40.67 ? 98  LEU A CB  1 
ATOM   619  C CG  . LEU A 1 81 ? -11.403 6.740   -32.582 1.00 40.97 ? 98  LEU A CG  1 
ATOM   620  C CD1 . LEU A 1 81 ? -12.616 5.950   -33.057 1.00 37.96 ? 98  LEU A CD1 1 
ATOM   621  C CD2 . LEU A 1 81 ? -11.189 6.539   -31.091 1.00 35.22 ? 98  LEU A CD2 1 
ATOM   622  N N   . ALA A 1 82 ? -9.703  8.918   -34.923 1.00 46.21 ? 99  ALA A N   1 
ATOM   623  C CA  . ALA A 1 82 ? -10.024 10.323  -35.144 1.00 47.60 ? 99  ALA A CA  1 
ATOM   624  C C   . ALA A 1 82 ? -10.071 10.718  -36.617 1.00 47.32 ? 99  ALA A C   1 
ATOM   625  O O   . ALA A 1 82 ? -10.897 11.537  -37.017 1.00 48.69 ? 99  ALA A O   1 
ATOM   626  C CB  . ALA A 1 82 ? -9.019  11.202  -34.405 1.00 46.23 ? 99  ALA A CB  1 
ATOM   627  N N   . VAL A 1 83 ? -9.193  10.134  -37.426 1.00 48.01 ? 100 VAL A N   1 
ATOM   628  C CA  . VAL A 1 83 ? -9.139  10.465  -38.845 1.00 48.76 ? 100 VAL A CA  1 
ATOM   629  C C   . VAL A 1 83 ? -10.056 9.642   -39.750 1.00 48.52 ? 100 VAL A C   1 
ATOM   630  O O   . VAL A 1 83 ? -10.608 10.167  -40.717 1.00 49.63 ? 100 VAL A O   1 
ATOM   631  C CB  . VAL A 1 83 ? -7.694  10.348  -39.378 1.00 49.67 ? 100 VAL A CB  1 
ATOM   632  C CG1 . VAL A 1 83 ? -7.645  10.723  -40.851 1.00 54.14 ? 100 VAL A CG1 1 
ATOM   633  C CG2 . VAL A 1 83 ? -6.774  11.252  -38.572 1.00 52.02 ? 100 VAL A CG2 1 
ATOM   634  N N   . ASN A 1 84 ? -10.226 8.361   -39.442 1.00 46.78 ? 101 ASN A N   1 
ATOM   635  C CA  . ASN A 1 84 ? -11.065 7.497   -40.266 1.00 45.38 ? 101 ASN A CA  1 
ATOM   636  C C   . ASN A 1 84 ? -12.458 7.215   -39.709 1.00 43.33 ? 101 ASN A C   1 
ATOM   637  O O   . ASN A 1 84 ? -13.260 6.544   -40.357 1.00 40.99 ? 101 ASN A O   1 
ATOM   638  C CB  . ASN A 1 84 ? -10.346 6.169   -40.529 1.00 49.16 ? 101 ASN A CB  1 
ATOM   639  C CG  . ASN A 1 84 ? -9.097  6.338   -41.380 1.00 50.67 ? 101 ASN A CG  1 
ATOM   640  O OD1 . ASN A 1 84 ? -8.365  5.379   -41.624 1.00 55.64 ? 101 ASN A OD1 1 
ATOM   641  N ND2 . ASN A 1 84 ? -8.850  7.560   -41.837 1.00 51.03 ? 101 ASN A ND2 1 
ATOM   642  N N   . VAL A 1 85 ? -12.754 7.725   -38.517 1.00 40.46 ? 102 VAL A N   1 
ATOM   643  C CA  . VAL A 1 85 ? -14.066 7.498   -37.917 1.00 38.02 ? 102 VAL A CA  1 
ATOM   644  C C   . VAL A 1 85 ? -14.717 8.791   -37.425 1.00 39.77 ? 102 VAL A C   1 
ATOM   645  O O   . VAL A 1 85 ? -15.821 9.139   -37.845 1.00 37.52 ? 102 VAL A O   1 
ATOM   646  C CB  . VAL A 1 85 ? -13.975 6.501   -36.742 1.00 36.96 ? 102 VAL A CB  1 
ATOM   647  C CG1 . VAL A 1 85 ? -15.352 6.291   -36.127 1.00 40.63 ? 102 VAL A CG1 1 
ATOM   648  C CG2 . VAL A 1 85 ? -13.403 5.175   -37.228 1.00 37.87 ? 102 VAL A CG2 1 
ATOM   649  N N   . GLN A 1 86 ? -14.030 9.503   -36.539 1.00 37.75 ? 103 GLN A N   1 
ATOM   650  C CA  . GLN A 1 86 ? -14.560 10.749  -36.000 1.00 39.01 ? 103 GLN A CA  1 
ATOM   651  C C   . GLN A 1 86 ? -14.651 11.852  -37.051 1.00 38.40 ? 103 GLN A C   1 
ATOM   652  O O   . GLN A 1 86 ? -15.663 12.545  -37.148 1.00 38.91 ? 103 GLN A O   1 
ATOM   653  C CB  . GLN A 1 86 ? -13.693 11.227  -34.831 1.00 41.00 ? 103 GLN A CB  1 
ATOM   654  C CG  . GLN A 1 86 ? -13.728 10.303  -33.626 1.00 42.19 ? 103 GLN A CG  1 
ATOM   655  C CD  . GLN A 1 86 ? -12.863 10.801  -32.484 1.00 46.95 ? 103 GLN A CD  1 
ATOM   656  O OE1 . GLN A 1 86 ? -11.648 10.933  -32.623 1.00 43.52 ? 103 GLN A OE1 1 
ATOM   657  N NE2 . GLN A 1 86 ? -13.489 11.082  -31.348 1.00 48.49 ? 103 GLN A NE2 1 
ATOM   658  N N   . LEU A 1 87 ? -13.593 12.010  -37.841 1.00 37.19 ? 104 LEU A N   1 
ATOM   659  C CA  . LEU A 1 87 ? -13.573 13.049  -38.863 1.00 38.55 ? 104 LEU A CA  1 
ATOM   660  C C   . LEU A 1 87 ? -14.737 12.946  -39.849 1.00 38.18 ? 104 LEU A C   1 
ATOM   661  O O   . LEU A 1 87 ? -15.443 13.926  -40.085 1.00 35.17 ? 104 LEU A O   1 
ATOM   662  C CB  . LEU A 1 87 ? -12.240 13.027  -39.614 1.00 40.64 ? 104 LEU A CB  1 
ATOM   663  C CG  . LEU A 1 87 ? -12.051 14.087  -40.702 1.00 47.14 ? 104 LEU A CG  1 
ATOM   664  C CD1 . LEU A 1 87 ? -12.446 15.460  -40.173 1.00 48.14 ? 104 LEU A CD1 1 
ATOM   665  C CD2 . LEU A 1 87 ? -10.603 14.083  -41.166 1.00 47.57 ? 104 LEU A CD2 1 
ATOM   666  N N   . PRO A 1 88 ? -14.956 11.761  -40.439 1.00 38.52 ? 105 PRO A N   1 
ATOM   667  C CA  . PRO A 1 88 ? -16.063 11.626  -41.389 1.00 37.19 ? 105 PRO A CA  1 
ATOM   668  C C   . PRO A 1 88 ? -17.414 12.006  -40.779 1.00 36.72 ? 105 PRO A C   1 
ATOM   669  O O   . PRO A 1 88 ? -18.238 12.651  -41.426 1.00 38.61 ? 105 PRO A O   1 
ATOM   670  C CB  . PRO A 1 88 ? -15.997 10.154  -41.785 1.00 41.29 ? 105 PRO A CB  1 
ATOM   671  C CG  . PRO A 1 88 ? -14.529 9.857   -41.696 1.00 41.16 ? 105 PRO A CG  1 
ATOM   672  C CD  . PRO A 1 88 ? -14.150 10.528  -40.397 1.00 39.56 ? 105 PRO A CD  1 
ATOM   673  N N   . SER A 1 89 ? -17.629 11.614  -39.527 1.00 34.90 ? 106 SER A N   1 
ATOM   674  C CA  . SER A 1 89 ? -18.880 11.909  -38.839 1.00 35.11 ? 106 SER A CA  1 
ATOM   675  C C   . SER A 1 89 ? -19.112 13.404  -38.641 1.00 35.53 ? 106 SER A C   1 
ATOM   676  O O   . SER A 1 89 ? -20.204 13.905  -38.907 1.00 31.98 ? 106 SER A O   1 
ATOM   677  C CB  . SER A 1 89 ? -18.916 11.201  -37.483 1.00 37.22 ? 106 SER A CB  1 
ATOM   678  O OG  . SER A 1 89 ? -18.943 9.796   -37.649 1.00 49.21 ? 106 SER A OG  1 
ATOM   679  N N   . ILE A 1 90 ? -18.095 14.121  -38.172 1.00 35.55 ? 107 ILE A N   1 
ATOM   680  C CA  . ILE A 1 90 ? -18.254 15.553  -37.960 1.00 40.12 ? 107 ILE A CA  1 
ATOM   681  C C   . ILE A 1 90 ? -18.548 16.245  -39.289 1.00 37.84 ? 107 ILE A C   1 
ATOM   682  O O   . ILE A 1 90 ? -19.404 17.124  -39.362 1.00 36.06 ? 107 ILE A O   1 
ATOM   683  C CB  . ILE A 1 90 ? -16.994 16.195  -37.318 1.00 45.57 ? 107 ILE A CB  1 
ATOM   684  C CG1 . ILE A 1 90 ? -15.887 16.370  -38.357 1.00 50.18 ? 107 ILE A CG1 1 
ATOM   685  C CG2 . ILE A 1 90 ? -16.496 15.321  -36.176 1.00 50.58 ? 107 ILE A CG2 1 
ATOM   686  C CD1 . ILE A 1 90 ? -14.753 17.263  -37.888 1.00 58.10 ? 107 ILE A CD1 1 
ATOM   687  N N   . LEU A 1 91 ? -17.846 15.836  -40.342 1.00 40.47 ? 108 LEU A N   1 
ATOM   688  C CA  . LEU A 1 91 ? -18.046 16.427  -41.659 1.00 43.65 ? 108 LEU A CA  1 
ATOM   689  C C   . LEU A 1 91 ? -19.476 16.197  -42.156 1.00 46.50 ? 108 LEU A C   1 
ATOM   690  O O   . LEU A 1 91 ? -20.101 17.103  -42.708 1.00 48.18 ? 108 LEU A O   1 
ATOM   691  C CB  . LEU A 1 91 ? -17.049 15.837  -42.663 1.00 47.11 ? 108 LEU A CB  1 
ATOM   692  C CG  . LEU A 1 91 ? -15.558 16.067  -42.393 1.00 46.73 ? 108 LEU A CG  1 
ATOM   693  C CD1 . LEU A 1 91 ? -14.746 15.390  -43.480 1.00 50.74 ? 108 LEU A CD1 1 
ATOM   694  C CD2 . LEU A 1 91 ? -15.250 17.559  -42.347 1.00 49.85 ? 108 LEU A CD2 1 
ATOM   695  N N   . SER A 1 92 ? -19.990 14.987  -41.953 1.00 47.51 ? 109 SER A N   1 
ATOM   696  C CA  . SER A 1 92 ? -21.342 14.639  -42.389 1.00 50.92 ? 109 SER A CA  1 
ATOM   697  C C   . SER A 1 92 ? -22.393 15.433  -41.622 1.00 52.02 ? 109 SER A C   1 
ATOM   698  O O   . SER A 1 92 ? -23.492 15.681  -42.119 1.00 50.64 ? 109 SER A O   1 
ATOM   699  C CB  . SER A 1 92 ? -21.595 13.147  -42.185 1.00 52.52 ? 109 SER A CB  1 
ATOM   700  O OG  . SER A 1 92 ? -21.541 12.808  -40.811 1.00 55.23 ? 109 SER A OG  1 
ATOM   701  N N   . ASN A 1 93 ? -22.049 15.821  -40.399 1.00 52.94 ? 110 ASN A N   1 
ATOM   702  C CA  . ASN A 1 93 ? -22.954 16.585  -39.555 1.00 56.01 ? 110 ASN A CA  1 
ATOM   703  C C   . ASN A 1 93 ? -22.971 18.038  -40.014 1.00 60.27 ? 110 ASN A C   1 
ATOM   704  O O   . ASN A 1 93 ? -23.738 18.853  -39.510 1.00 61.38 ? 110 ASN A O   1 
ATOM   705  C CB  . ASN A 1 93 ? -22.501 16.502  -38.096 1.00 51.89 ? 110 ASN A CB  1 
ATOM   706  C CG  . ASN A 1 93 ? -23.615 16.818  -37.123 1.00 51.04 ? 110 ASN A CG  1 
ATOM   707  O OD1 . ASN A 1 93 ? -24.700 16.234  -37.196 1.00 41.09 ? 110 ASN A OD1 1 
ATOM   708  N ND2 . ASN A 1 93 ? -23.351 17.731  -36.194 1.00 48.88 ? 110 ASN A ND2 1 
ATOM   709  N N   . LEU A 1 94 ? -22.117 18.356  -40.979 1.00 63.22 ? 111 LEU A N   1 
ATOM   710  C CA  . LEU A 1 94 ? -22.023 19.709  -41.503 1.00 67.09 ? 111 LEU A CA  1 
ATOM   711  C C   . LEU A 1 94 ? -22.821 19.862  -42.797 1.00 69.17 ? 111 LEU A C   1 
ATOM   712  O O   . LEU A 1 94 ? -23.555 20.836  -42.975 1.00 69.06 ? 111 LEU A O   1 
ATOM   713  C CB  . LEU A 1 94 ? -20.551 20.056  -41.745 1.00 67.97 ? 111 LEU A CB  1 
ATOM   714  C CG  . LEU A 1 94 ? -19.628 20.063  -40.525 1.00 69.85 ? 111 LEU A CG  1 
ATOM   715  C CD1 . LEU A 1 94 ? -18.180 19.945  -40.968 1.00 72.27 ? 111 LEU A CD1 1 
ATOM   716  C CD2 . LEU A 1 94 ? -19.856 21.334  -39.719 1.00 70.98 ? 111 LEU A CD2 1 
ATOM   717  N N   . VAL A 1 95 ? -22.667 18.884  -43.686 1.00 71.11 ? 112 VAL A N   1 
ATOM   718  C CA  . VAL A 1 95 ? -23.337 18.862  -44.990 1.00 73.07 ? 112 VAL A CA  1 
ATOM   719  C C   . VAL A 1 95 ? -24.644 19.641  -45.038 1.00 73.68 ? 112 VAL A C   1 
ATOM   720  O O   . VAL A 1 95 ? -25.698 19.141  -44.637 1.00 75.16 ? 112 VAL A O   1 
ATOM   721  C CB  . VAL A 1 95 ? -23.633 17.423  -45.432 1.00 72.55 ? 112 VAL A CB  1 
ATOM   722  C CG1 . VAL A 1 95 ? -24.243 17.399  -46.831 1.00 73.98 ? 112 VAL A CG1 1 
ATOM   723  C CG2 . VAL A 1 95 ? -22.352 16.613  -45.386 1.00 74.81 ? 112 VAL A CG2 1 
ATOM   724  N N   . PRO A 1 96 ? -24.592 20.875  -45.556 1.00 73.50 ? 113 PRO A N   1 
ATOM   725  C CA  . PRO A 1 96 ? -25.746 21.768  -45.682 1.00 73.07 ? 113 PRO A CA  1 
ATOM   726  C C   . PRO A 1 96 ? -26.899 21.173  -46.481 1.00 73.23 ? 113 PRO A C   1 
ATOM   727  O O   . PRO A 1 96 ? -26.758 20.041  -47.000 1.00 72.66 ? 113 PRO A O   1 
ATOM   728  C CB  . PRO A 1 96 ? -25.157 22.993  -46.369 1.00 73.60 ? 113 PRO A CB  1 
ATOM   729  C CG  . PRO A 1 96 ? -23.746 23.005  -45.886 1.00 73.80 ? 113 PRO A CG  1 
ATOM   730  C CD  . PRO A 1 96 ? -23.360 21.555  -45.993 1.00 73.41 ? 113 PRO A CD  1 
ATOM   731  N N   . ALA B 1 2  ? 9.077   -6.291  45.715  1.00 60.47 ? 19  ALA B N   1 
ATOM   732  C CA  . ALA B 1 2  ? 8.400   -7.059  44.631  1.00 58.77 ? 19  ALA B CA  1 
ATOM   733  C C   . ALA B 1 2  ? 8.258   -6.209  43.374  1.00 57.77 ? 19  ALA B C   1 
ATOM   734  O O   . ALA B 1 2  ? 7.763   -6.679  42.350  1.00 55.85 ? 19  ALA B O   1 
ATOM   735  C CB  . ALA B 1 2  ? 7.027   -7.525  45.104  1.00 58.90 ? 19  ALA B CB  1 
ATOM   736  N N   . LYS B 1 3  ? 8.691   -4.954  43.458  1.00 56.03 ? 20  LYS B N   1 
ATOM   737  C CA  . LYS B 1 3  ? 8.609   -4.047  42.320  1.00 54.52 ? 20  LYS B CA  1 
ATOM   738  C C   . LYS B 1 3  ? 9.464   -4.551  41.164  1.00 51.87 ? 20  LYS B C   1 
ATOM   739  O O   . LYS B 1 3  ? 9.199   -4.242  40.004  1.00 47.66 ? 20  LYS B O   1 
ATOM   740  C CB  . LYS B 1 3  ? 9.051   -2.639  42.727  1.00 55.88 ? 20  LYS B CB  1 
ATOM   741  C CG  . LYS B 1 3  ? 8.110   -1.965  43.714  1.00 58.91 ? 20  LYS B CG  1 
ATOM   742  C CD  . LYS B 1 3  ? 8.549   -0.545  44.027  1.00 61.29 ? 20  LYS B CD  1 
ATOM   743  C CE  . LYS B 1 3  ? 7.561   0.140   44.959  1.00 62.97 ? 20  LYS B CE  1 
ATOM   744  N NZ  . LYS B 1 3  ? 7.973   1.532   45.290  1.00 65.74 ? 20  LYS B NZ  1 
ATOM   745  N N   . ASP B 1 4  ? 10.493  -5.328  41.487  1.00 50.95 ? 21  ASP B N   1 
ATOM   746  C CA  . ASP B 1 4  ? 11.371  -5.881  40.464  1.00 50.01 ? 21  ASP B CA  1 
ATOM   747  C C   . ASP B 1 4  ? 10.617  -6.945  39.674  1.00 47.96 ? 21  ASP B C   1 
ATOM   748  O O   . ASP B 1 4  ? 10.678  -6.978  38.443  1.00 44.63 ? 21  ASP B O   1 
ATOM   749  C CB  . ASP B 1 4  ? 12.627  -6.481  41.108  1.00 56.73 ? 21  ASP B CB  1 
ATOM   750  C CG  . ASP B 1 4  ? 12.306  -7.428  42.251  1.00 62.94 ? 21  ASP B CG  1 
ATOM   751  O OD1 . ASP B 1 4  ? 11.677  -8.478  42.003  1.00 69.23 ? 21  ASP B OD1 1 
ATOM   752  O OD2 . ASP B 1 4  ? 12.687  -7.122  43.401  1.00 66.73 ? 21  ASP B OD2 1 
ATOM   753  N N   . LYS B 1 5  ? 9.900   -7.807  40.387  1.00 45.34 ? 22  LYS B N   1 
ATOM   754  C CA  . LYS B 1 5  ? 9.125   -8.863  39.749  1.00 39.98 ? 22  LYS B CA  1 
ATOM   755  C C   . LYS B 1 5  ? 7.957   -8.237  38.998  1.00 35.89 ? 22  LYS B C   1 
ATOM   756  O O   . LYS B 1 5  ? 7.605   -8.675  37.903  1.00 30.50 ? 22  LYS B O   1 
ATOM   757  C CB  . LYS B 1 5  ? 8.604   -9.851  40.796  1.00 46.11 ? 22  LYS B CB  1 
ATOM   758  C CG  . LYS B 1 5  ? 7.778   -10.992 40.220  1.00 52.05 ? 22  LYS B CG  1 
ATOM   759  C CD  . LYS B 1 5  ? 8.586   -11.840 39.245  1.00 59.17 ? 22  LYS B CD  1 
ATOM   760  C CE  . LYS B 1 5  ? 9.747   -12.536 39.938  1.00 61.44 ? 22  LYS B CE  1 
ATOM   761  N NZ  . LYS B 1 5  ? 9.277   -13.445 41.020  1.00 64.87 ? 22  LYS B NZ  1 
ATOM   762  N N   . GLU B 1 6  ? 7.358   -7.212  39.598  1.00 30.70 ? 23  GLU B N   1 
ATOM   763  C CA  . GLU B 1 6  ? 6.241   -6.519  38.974  1.00 29.74 ? 23  GLU B CA  1 
ATOM   764  C C   . GLU B 1 6  ? 6.706   -5.945  37.642  1.00 27.15 ? 23  GLU B C   1 
ATOM   765  O O   . GLU B 1 6  ? 6.021   -6.063  36.626  1.00 23.76 ? 23  GLU B O   1 
ATOM   766  C CB  . GLU B 1 6  ? 5.744   -5.383  39.871  1.00 31.97 ? 23  GLU B CB  1 
ATOM   767  C CG  . GLU B 1 6  ? 4.648   -4.534  39.245  1.00 38.54 ? 23  GLU B CG  1 
ATOM   768  C CD  . GLU B 1 6  ? 4.267   -3.347  40.108  1.00 48.31 ? 23  GLU B CD  1 
ATOM   769  O OE1 . GLU B 1 6  ? 5.144   -2.497  40.375  1.00 46.89 ? 23  GLU B OE1 1 
ATOM   770  O OE2 . GLU B 1 6  ? 3.090   -3.263  40.520  1.00 52.56 ? 23  GLU B OE2 1 
ATOM   771  N N   . PHE B 1 7  ? 7.878   -5.318  37.652  1.00 23.12 ? 24  PHE B N   1 
ATOM   772  C CA  . PHE B 1 7  ? 8.411   -4.738  36.434  1.00 21.04 ? 24  PHE B CA  1 
ATOM   773  C C   . PHE B 1 7  ? 8.712   -5.821  35.403  1.00 19.98 ? 24  PHE B C   1 
ATOM   774  O O   . PHE B 1 7  ? 8.419   -5.655  34.224  1.00 19.01 ? 24  PHE B O   1 
ATOM   775  C CB  . PHE B 1 7  ? 9.684   -3.935  36.723  1.00 23.90 ? 24  PHE B CB  1 
ATOM   776  C CG  . PHE B 1 7  ? 10.399  -3.477  35.483  1.00 20.55 ? 24  PHE B CG  1 
ATOM   777  C CD1 . PHE B 1 7  ? 11.516  -4.160  35.014  1.00 21.05 ? 24  PHE B CD1 1 
ATOM   778  C CD2 . PHE B 1 7  ? 9.925   -2.386  34.756  1.00 24.22 ? 24  PHE B CD2 1 
ATOM   779  C CE1 . PHE B 1 7  ? 12.155  -3.765  33.833  1.00 22.25 ? 24  PHE B CE1 1 
ATOM   780  C CE2 . PHE B 1 7  ? 10.553  -1.984  33.578  1.00 21.88 ? 24  PHE B CE2 1 
ATOM   781  C CZ  . PHE B 1 7  ? 11.670  -2.674  33.113  1.00 21.53 ? 24  PHE B CZ  1 
ATOM   782  N N   . GLN B 1 8  ? 9.295   -6.930  35.846  1.00 20.82 ? 25  GLN B N   1 
ATOM   783  C CA  . GLN B 1 8  ? 9.623   -8.016  34.929  1.00 21.47 ? 25  GLN B CA  1 
ATOM   784  C C   . GLN B 1 8  ? 8.369   -8.603  34.282  1.00 21.41 ? 25  GLN B C   1 
ATOM   785  O O   . GLN B 1 8  ? 8.365   -8.893  33.083  1.00 19.34 ? 25  GLN B O   1 
ATOM   786  C CB  . GLN B 1 8  ? 10.403  -9.112  35.664  1.00 24.06 ? 25  GLN B CB  1 
ATOM   787  C CG  . GLN B 1 8  ? 11.762  -8.652  36.167  1.00 33.88 ? 25  GLN B CG  1 
ATOM   788  C CD  . GLN B 1 8  ? 12.500  -9.725  36.946  1.00 43.74 ? 25  GLN B CD  1 
ATOM   789  O OE1 . GLN B 1 8  ? 13.610  -9.501  37.430  1.00 49.91 ? 25  GLN B OE1 1 
ATOM   790  N NE2 . GLN B 1 8  ? 11.887  -10.898 37.074  1.00 50.14 ? 25  GLN B NE2 1 
ATOM   791  N N   . VAL B 1 9  ? 7.307   -8.774  35.068  1.00 20.70 ? 26  VAL B N   1 
ATOM   792  C CA  . VAL B 1 9  ? 6.062   -9.317  34.534  1.00 20.03 ? 26  VAL B CA  1 
ATOM   793  C C   . VAL B 1 9  ? 5.450   -8.347  33.531  1.00 19.91 ? 26  VAL B C   1 
ATOM   794  O O   . VAL B 1 9  ? 4.993   -8.758  32.466  1.00 19.30 ? 26  VAL B O   1 
ATOM   795  C CB  . VAL B 1 9  ? 5.035   -9.603  35.653  1.00 21.46 ? 26  VAL B CB  1 
ATOM   796  C CG1 . VAL B 1 9  ? 3.694   -9.999  35.042  1.00 23.49 ? 26  VAL B CG1 1 
ATOM   797  C CG2 . VAL B 1 9  ? 5.550   -10.714 36.553  1.00 21.96 ? 26  VAL B CG2 1 
ATOM   798  N N   . LEU B 1 10 ? 5.440   -7.058  33.862  1.00 17.22 ? 27  LEU B N   1 
ATOM   799  C CA  . LEU B 1 10 ? 4.887   -6.077  32.938  1.00 17.61 ? 27  LEU B CA  1 
ATOM   800  C C   . LEU B 1 10 ? 5.693   -6.041  31.645  1.00 16.97 ? 27  LEU B C   1 
ATOM   801  O O   . LEU B 1 10 ? 5.129   -5.885  30.563  1.00 16.84 ? 27  LEU B O   1 
ATOM   802  C CB  . LEU B 1 10 ? 4.855   -4.686  33.575  1.00 19.61 ? 27  LEU B CB  1 
ATOM   803  C CG  . LEU B 1 10 ? 3.743   -4.455  34.599  1.00 21.84 ? 27  LEU B CG  1 
ATOM   804  C CD1 . LEU B 1 10 ? 3.883   -3.056  35.190  1.00 25.22 ? 27  LEU B CD1 1 
ATOM   805  C CD2 . LEU B 1 10 ? 2.381   -4.619  33.934  1.00 24.25 ? 27  LEU B CD2 1 
ATOM   806  N N   . PHE B 1 11 ? 7.014   -6.180  31.761  1.00 16.72 ? 28  PHE B N   1 
ATOM   807  C CA  . PHE B 1 11 ? 7.879   -6.197  30.587  1.00 16.94 ? 28  PHE B CA  1 
ATOM   808  C C   . PHE B 1 11 ? 7.483   -7.376  29.700  1.00 17.05 ? 28  PHE B C   1 
ATOM   809  O O   . PHE B 1 11 ? 7.303   -7.224  28.490  1.00 17.58 ? 28  PHE B O   1 
ATOM   810  C CB  . PHE B 1 11 ? 9.344   -6.346  31.006  1.00 19.56 ? 28  PHE B CB  1 
ATOM   811  C CG  . PHE B 1 11 ? 10.287  -6.536  29.852  1.00 26.45 ? 28  PHE B CG  1 
ATOM   812  C CD1 . PHE B 1 11 ? 10.587  -5.481  29.000  1.00 26.14 ? 28  PHE B CD1 1 
ATOM   813  C CD2 . PHE B 1 11 ? 10.863  -7.781  29.607  1.00 29.83 ? 28  PHE B CD2 1 
ATOM   814  C CE1 . PHE B 1 11 ? 11.452  -5.656  27.919  1.00 30.91 ? 28  PHE B CE1 1 
ATOM   815  C CE2 . PHE B 1 11 ? 11.729  -7.970  28.530  1.00 30.39 ? 28  PHE B CE2 1 
ATOM   816  C CZ  . PHE B 1 11 ? 12.024  -6.907  27.684  1.00 32.86 ? 28  PHE B CZ  1 
ATOM   817  N N   . VAL B 1 12 ? 7.349   -8.552  30.308  1.00 17.67 ? 29  VAL B N   1 
ATOM   818  C CA  . VAL B 1 12 ? 6.962   -9.749  29.564  1.00 16.95 ? 29  VAL B CA  1 
ATOM   819  C C   . VAL B 1 12 ? 5.608   -9.563  28.887  1.00 16.58 ? 29  VAL B C   1 
ATOM   820  O O   . VAL B 1 12 ? 5.449   -9.878  27.710  1.00 17.68 ? 29  VAL B O   1 
ATOM   821  C CB  . VAL B 1 12 ? 6.899   -10.993 30.484  1.00 18.19 ? 29  VAL B CB  1 
ATOM   822  C CG1 . VAL B 1 12 ? 6.275   -12.168 29.731  1.00 21.93 ? 29  VAL B CG1 1 
ATOM   823  C CG2 . VAL B 1 12 ? 8.296   -11.360 30.949  1.00 22.05 ? 29  VAL B CG2 1 
ATOM   824  N N   . LEU B 1 13 ? 4.630   -9.044  29.623  1.00 16.37 ? 30  LEU B N   1 
ATOM   825  C CA  . LEU B 1 13 ? 3.307   -8.825  29.051  1.00 18.18 ? 30  LEU B CA  1 
ATOM   826  C C   . LEU B 1 13 ? 3.381   -7.875  27.857  1.00 17.25 ? 30  LEU B C   1 
ATOM   827  O O   . LEU B 1 13 ? 2.711   -8.078  26.840  1.00 18.70 ? 30  LEU B O   1 
ATOM   828  C CB  . LEU B 1 13 ? 2.353   -8.252  30.107  1.00 19.71 ? 30  LEU B CB  1 
ATOM   829  C CG  . LEU B 1 13 ? 1.872   -9.220  31.189  1.00 24.33 ? 30  LEU B CG  1 
ATOM   830  C CD1 . LEU B 1 13 ? 1.262   -8.439  32.351  1.00 23.96 ? 30  LEU B CD1 1 
ATOM   831  C CD2 . LEU B 1 13 ? 0.854   -10.180 30.589  1.00 29.41 ? 30  LEU B CD2 1 
ATOM   832  N N   . THR B 1 14 ? 4.196   -6.831  27.980  1.00 16.37 ? 31  THR B N   1 
ATOM   833  C CA  . THR B 1 14 ? 4.341   -5.870  26.901  1.00 15.72 ? 31  THR B CA  1 
ATOM   834  C C   . THR B 1 14 ? 4.971   -6.505  25.671  1.00 17.02 ? 31  THR B C   1 
ATOM   835  O O   . THR B 1 14 ? 4.511   -6.288  24.553  1.00 17.84 ? 31  THR B O   1 
ATOM   836  C CB  . THR B 1 14 ? 5.187   -4.667  27.349  1.00 19.94 ? 31  THR B CB  1 
ATOM   837  O OG1 . THR B 1 14 ? 4.496   -3.990  28.403  1.00 19.81 ? 31  THR B OG1 1 
ATOM   838  C CG2 . THR B 1 14 ? 5.414   -3.697  26.193  1.00 21.93 ? 31  THR B CG2 1 
ATOM   839  N N   . ILE B 1 15 ? 6.023   -7.290  25.880  1.00 16.65 ? 32  ILE B N   1 
ATOM   840  C CA  . ILE B 1 15 ? 6.693   -7.957  24.769  1.00 18.52 ? 32  ILE B CA  1 
ATOM   841  C C   . ILE B 1 15 ? 5.720   -8.913  24.078  1.00 18.03 ? 32  ILE B C   1 
ATOM   842  O O   . ILE B 1 15 ? 5.605   -8.915  22.853  1.00 19.36 ? 32  ILE B O   1 
ATOM   843  C CB  . ILE B 1 15 ? 7.930   -8.751  25.255  1.00 19.99 ? 32  ILE B CB  1 
ATOM   844  C CG1 . ILE B 1 15 ? 9.011   -7.785  25.751  1.00 23.73 ? 32  ILE B CG1 1 
ATOM   845  C CG2 . ILE B 1 15 ? 8.464   -9.625  24.128  1.00 24.68 ? 32  ILE B CG2 1 
ATOM   846  C CD1 . ILE B 1 15 ? 9.439   -6.756  24.725  1.00 28.45 ? 32  ILE B CD1 1 
ATOM   847  N N   . LEU B 1 16 ? 5.007   -9.713  24.865  1.00 19.90 ? 33  LEU B N   1 
ATOM   848  C CA  . LEU B 1 16 ? 4.056   -10.659 24.293  1.00 17.95 ? 33  LEU B CA  1 
ATOM   849  C C   . LEU B 1 16 ? 2.975   -9.937  23.500  1.00 20.41 ? 33  LEU B C   1 
ATOM   850  O O   . LEU B 1 16 ? 2.548   -10.407 22.444  1.00 20.18 ? 33  LEU B O   1 
ATOM   851  C CB  . LEU B 1 16 ? 3.404   -11.503 25.392  1.00 18.79 ? 33  LEU B CB  1 
ATOM   852  C CG  . LEU B 1 16 ? 4.314   -12.414 26.224  1.00 20.69 ? 33  LEU B CG  1 
ATOM   853  C CD1 . LEU B 1 16 ? 3.461   -13.172 27.231  1.00 22.80 ? 33  LEU B CD1 1 
ATOM   854  C CD2 . LEU B 1 16 ? 5.066   -13.392 25.319  1.00 23.34 ? 33  LEU B CD2 1 
ATOM   855  N N   . THR B 1 17 ? 2.533   -8.793  24.007  1.00 17.89 ? 34  THR B N   1 
ATOM   856  C CA  . THR B 1 17 ? 1.502   -8.020  23.323  1.00 17.29 ? 34  THR B CA  1 
ATOM   857  C C   . THR B 1 17 ? 2.033   -7.484  21.996  1.00 18.62 ? 34  THR B C   1 
ATOM   858  O O   . THR B 1 17 ? 1.324   -7.485  20.986  1.00 21.17 ? 34  THR B O   1 
ATOM   859  C CB  . THR B 1 17 ? 1.015   -6.853  24.207  1.00 19.40 ? 34  THR B CB  1 
ATOM   860  O OG1 . THR B 1 17 ? 0.412   -7.386  25.389  1.00 18.88 ? 34  THR B OG1 1 
ATOM   861  C CG2 . THR B 1 17 ? -0.013  -5.998  23.469  1.00 23.74 ? 34  THR B CG2 1 
ATOM   862  N N   . LEU B 1 18 ? 3.285   -7.034  21.995  1.00 19.02 ? 35  LEU B N   1 
ATOM   863  C CA  . LEU B 1 18 ? 3.899   -6.517  20.776  1.00 19.90 ? 35  LEU B CA  1 
ATOM   864  C C   . LEU B 1 18 ? 4.149   -7.643  19.774  1.00 22.57 ? 35  LEU B C   1 
ATOM   865  O O   . LEU B 1 18 ? 4.045   -7.433  18.569  1.00 23.56 ? 35  LEU B O   1 
ATOM   866  C CB  . LEU B 1 18 ? 5.211   -5.797  21.102  1.00 22.90 ? 35  LEU B CB  1 
ATOM   867  C CG  . LEU B 1 18 ? 5.060   -4.494  21.898  1.00 22.20 ? 35  LEU B CG  1 
ATOM   868  C CD1 . LEU B 1 18 ? 6.435   -3.940  22.235  1.00 20.84 ? 35  LEU B CD1 1 
ATOM   869  C CD2 . LEU B 1 18 ? 4.259   -3.477  21.087  1.00 22.77 ? 35  LEU B CD2 1 
ATOM   870  N N   . ILE B 1 19 ? 4.479   -8.834  20.271  1.00 22.49 ? 36  ILE B N   1 
ATOM   871  C CA  . ILE B 1 19 ? 4.710   -9.971  19.386  1.00 24.03 ? 36  ILE B CA  1 
ATOM   872  C C   . ILE B 1 19 ? 3.392   -10.326 18.701  1.00 23.12 ? 36  ILE B C   1 
ATOM   873  O O   . ILE B 1 19 ? 3.365   -10.600 17.501  1.00 23.95 ? 36  ILE B O   1 
ATOM   874  C CB  . ILE B 1 19 ? 5.250   -11.204 20.165  1.00 22.73 ? 36  ILE B CB  1 
ATOM   875  C CG1 . ILE B 1 19 ? 6.678   -10.922 20.648  1.00 21.62 ? 36  ILE B CG1 1 
ATOM   876  C CG2 . ILE B 1 19 ? 5.223   -12.451 19.272  1.00 23.36 ? 36  ILE B CG2 1 
ATOM   877  C CD1 . ILE B 1 19 ? 7.289   -12.040 21.474  1.00 24.65 ? 36  ILE B CD1 1 
ATOM   878  N N   . SER B 1 20 ? 2.298   -10.307 19.458  1.00 22.74 ? 37  SER B N   1 
ATOM   879  C CA  . SER B 1 20 ? 0.988   -10.617 18.890  1.00 24.38 ? 37  SER B CA  1 
ATOM   880  C C   . SER B 1 20 ? 0.663   -9.650  17.759  1.00 25.36 ? 37  SER B C   1 
ATOM   881  O O   . SER B 1 20 ? 0.146   -10.051 16.715  1.00 26.64 ? 37  SER B O   1 
ATOM   882  C CB  . SER B 1 20 ? -0.099  -10.537 19.965  1.00 28.70 ? 37  SER B CB  1 
ATOM   883  O OG  . SER B 1 20 ? 0.086   -11.545 20.944  1.00 35.62 ? 37  SER B OG  1 
ATOM   884  N N   . GLY B 1 21 ? 0.965   -8.372  17.971  1.00 24.07 ? 38  GLY B N   1 
ATOM   885  C CA  . GLY B 1 21 ? 0.708   -7.377  16.949  1.00 22.99 ? 38  GLY B CA  1 
ATOM   886  C C   . GLY B 1 21 ? 1.602   -7.600  15.747  1.00 26.73 ? 38  GLY B C   1 
ATOM   887  O O   . GLY B 1 21 ? 1.170   -7.455  14.603  1.00 26.40 ? 38  GLY B O   1 
ATOM   888  N N   . THR B 1 22 ? 2.858   -7.952  16.007  1.00 24.14 ? 39  THR B N   1 
ATOM   889  C CA  . THR B 1 22 ? 3.816   -8.205  14.938  1.00 25.72 ? 39  THR B CA  1 
ATOM   890  C C   . THR B 1 22 ? 3.310   -9.350  14.061  1.00 26.24 ? 39  THR B C   1 
ATOM   891  O O   . THR B 1 22 ? 3.341   -9.263  12.834  1.00 28.03 ? 39  THR B O   1 
ATOM   892  C CB  . THR B 1 22 ? 5.200   -8.580  15.508  1.00 26.87 ? 39  THR B CB  1 
ATOM   893  O OG1 . THR B 1 22 ? 5.687   -7.501  16.317  1.00 25.75 ? 39  THR B OG1 1 
ATOM   894  C CG2 . THR B 1 22 ? 6.193   -8.840  14.383  1.00 27.20 ? 39  THR B CG2 1 
ATOM   895  N N   . ILE B 1 23 ? 2.836   -10.414 14.700  1.00 24.06 ? 40  ILE B N   1 
ATOM   896  C CA  . ILE B 1 23 ? 2.324   -11.571 13.976  1.00 27.23 ? 40  ILE B CA  1 
ATOM   897  C C   . ILE B 1 23 ? 1.056   -11.232 13.200  1.00 30.41 ? 40  ILE B C   1 
ATOM   898  O O   . ILE B 1 23 ? 0.900   -11.638 12.048  1.00 31.12 ? 40  ILE B O   1 
ATOM   899  C CB  . ILE B 1 23 ? 2.018   -12.744 14.937  1.00 28.03 ? 40  ILE B CB  1 
ATOM   900  C CG1 . ILE B 1 23 ? 3.318   -13.247 15.570  1.00 28.76 ? 40  ILE B CG1 1 
ATOM   901  C CG2 . ILE B 1 23 ? 1.313   -13.873 14.182  1.00 31.46 ? 40  ILE B CG2 1 
ATOM   902  C CD1 . ILE B 1 23 ? 3.121   -14.344 16.600  1.00 25.63 ? 40  ILE B CD1 1 
ATOM   903  N N   . PHE B 1 24 ? 0.153   -10.480 13.820  1.00 26.98 ? 41  PHE B N   1 
ATOM   904  C CA  . PHE B 1 24 ? -1.090  -10.126 13.150  1.00 27.78 ? 41  PHE B CA  1 
ATOM   905  C C   . PHE B 1 24 ? -0.902  -9.222  11.937  1.00 31.02 ? 41  PHE B C   1 
ATOM   906  O O   . PHE B 1 24 ? -1.404  -9.517  10.851  1.00 30.49 ? 41  PHE B O   1 
ATOM   907  C CB  . PHE B 1 24 ? -2.061  -9.445  14.116  1.00 29.47 ? 41  PHE B CB  1 
ATOM   908  C CG  . PHE B 1 24 ? -3.399  -9.147  13.499  1.00 30.33 ? 41  PHE B CG  1 
ATOM   909  C CD1 . PHE B 1 24 ? -4.408  -10.104 13.502  1.00 31.43 ? 41  PHE B CD1 1 
ATOM   910  C CD2 . PHE B 1 24 ? -3.627  -7.935  12.853  1.00 27.98 ? 41  PHE B CD2 1 
ATOM   911  C CE1 . PHE B 1 24 ? -5.625  -9.860  12.868  1.00 33.11 ? 41  PHE B CE1 1 
ATOM   912  C CE2 . PHE B 1 24 ? -4.838  -7.682  12.217  1.00 34.81 ? 41  PHE B CE2 1 
ATOM   913  C CZ  . PHE B 1 24 ? -5.839  -8.648  12.224  1.00 33.08 ? 41  PHE B CZ  1 
ATOM   914  N N   . TYR B 1 25 ? -0.184  -8.118  12.120  1.00 28.42 ? 42  TYR B N   1 
ATOM   915  C CA  . TYR B 1 25 ? 0.024   -7.168  11.034  1.00 27.59 ? 42  TYR B CA  1 
ATOM   916  C C   . TYR B 1 25 ? 0.957   -7.661  9.934   1.00 30.20 ? 42  TYR B C   1 
ATOM   917  O O   . TYR B 1 25 ? 0.859   -7.217  8.788   1.00 31.84 ? 42  TYR B O   1 
ATOM   918  C CB  . TYR B 1 25 ? 0.526   -5.830  11.596  1.00 28.18 ? 42  TYR B CB  1 
ATOM   919  C CG  . TYR B 1 25 ? -0.501  -5.130  12.467  1.00 28.25 ? 42  TYR B CG  1 
ATOM   920  C CD1 . TYR B 1 25 ? -0.263  -4.907  13.823  1.00 28.36 ? 42  TYR B CD1 1 
ATOM   921  C CD2 . TYR B 1 25 ? -1.727  -4.723  11.938  1.00 24.93 ? 42  TYR B CD2 1 
ATOM   922  C CE1 . TYR B 1 25 ? -1.226  -4.298  14.636  1.00 26.63 ? 42  TYR B CE1 1 
ATOM   923  C CE2 . TYR B 1 25 ? -2.696  -4.115  12.739  1.00 27.28 ? 42  TYR B CE2 1 
ATOM   924  C CZ  . TYR B 1 25 ? -2.439  -3.907  14.088  1.00 27.08 ? 42  TYR B CZ  1 
ATOM   925  O OH  . TYR B 1 25 ? -3.399  -3.318  14.883  1.00 26.04 ? 42  TYR B OH  1 
ATOM   926  N N   . SER B 1 26 ? 1.855   -8.580  10.272  1.00 30.18 ? 43  SER B N   1 
ATOM   927  C CA  . SER B 1 26 ? 2.790   -9.108  9.286   1.00 34.77 ? 43  SER B CA  1 
ATOM   928  C C   . SER B 1 26 ? 2.120   -10.136 8.379   1.00 38.14 ? 43  SER B C   1 
ATOM   929  O O   . SER B 1 26 ? 2.584   -10.384 7.267   1.00 42.28 ? 43  SER B O   1 
ATOM   930  C CB  . SER B 1 26 ? 3.996   -9.745  9.981   1.00 32.49 ? 43  SER B CB  1 
ATOM   931  O OG  . SER B 1 26 ? 3.616   -10.887 10.729  1.00 36.58 ? 43  SER B OG  1 
ATOM   932  N N   . THR B 1 27 ? 1.025   -10.725 8.850   1.00 39.14 ? 44  THR B N   1 
ATOM   933  C CA  . THR B 1 27 ? 0.318   -11.736 8.072   1.00 41.96 ? 44  THR B CA  1 
ATOM   934  C C   . THR B 1 27 ? -1.007  -11.261 7.483   1.00 42.91 ? 44  THR B C   1 
ATOM   935  O O   . THR B 1 27 ? -1.352  -11.621 6.358   1.00 44.36 ? 44  THR B O   1 
ATOM   936  C CB  . THR B 1 27 ? 0.053   -12.998 8.917   1.00 41.46 ? 44  THR B CB  1 
ATOM   937  O OG1 . THR B 1 27 ? -0.758  -12.659 10.048  1.00 40.37 ? 44  THR B OG1 1 
ATOM   938  C CG2 . THR B 1 27 ? 1.363   -13.598 9.401   1.00 44.57 ? 44  THR B CG2 1 
ATOM   939  N N   . VAL B 1 28 ? -1.747  -10.453 8.237   1.00 40.18 ? 45  VAL B N   1 
ATOM   940  C CA  . VAL B 1 28 ? -3.037  -9.954  7.773   1.00 38.51 ? 45  VAL B CA  1 
ATOM   941  C C   . VAL B 1 28 ? -2.930  -8.676  6.943   1.00 38.83 ? 45  VAL B C   1 
ATOM   942  O O   . VAL B 1 28 ? -3.712  -8.464  6.015   1.00 38.20 ? 45  VAL B O   1 
ATOM   943  C CB  . VAL B 1 28 ? -3.989  -9.699  8.964   1.00 35.50 ? 45  VAL B CB  1 
ATOM   944  C CG1 . VAL B 1 28 ? -5.328  -9.184  8.465   1.00 39.06 ? 45  VAL B CG1 1 
ATOM   945  C CG2 . VAL B 1 28 ? -4.175  -10.979 9.758   1.00 40.60 ? 45  VAL B CG2 1 
ATOM   946  N N   . GLU B 1 29 ? -1.964  -7.824  7.273   1.00 36.14 ? 46  GLU B N   1 
ATOM   947  C CA  . GLU B 1 29 ? -1.776  -6.575  6.544   1.00 33.16 ? 46  GLU B CA  1 
ATOM   948  C C   . GLU B 1 29 ? -0.567  -6.627  5.613   1.00 34.17 ? 46  GLU B C   1 
ATOM   949  O O   . GLU B 1 29 ? -0.226  -5.640  4.965   1.00 35.28 ? 46  GLU B O   1 
ATOM   950  C CB  . GLU B 1 29 ? -1.651  -5.408  7.531   1.00 33.83 ? 46  GLU B CB  1 
ATOM   951  C CG  . GLU B 1 29 ? -2.964  -5.077  8.234   1.00 30.78 ? 46  GLU B CG  1 
ATOM   952  C CD  . GLU B 1 29 ? -3.985  -4.447  7.300   1.00 29.65 ? 46  GLU B CD  1 
ATOM   953  O OE1 . GLU B 1 29 ? -5.201  -4.593  7.549   1.00 29.64 ? 46  GLU B OE1 1 
ATOM   954  O OE2 . GLU B 1 29 ? -3.571  -3.794  6.321   1.00 31.38 ? 46  GLU B OE2 1 
ATOM   955  N N   . GLY B 1 30 ? 0.075   -7.790  5.555   1.00 35.96 ? 47  GLY B N   1 
ATOM   956  C CA  . GLY B 1 30 ? 1.224   -7.973  4.685   1.00 36.86 ? 47  GLY B CA  1 
ATOM   957  C C   . GLY B 1 30 ? 2.445   -7.117  4.962   1.00 39.04 ? 47  GLY B C   1 
ATOM   958  O O   . GLY B 1 30 ? 3.171   -6.752  4.035   1.00 40.23 ? 47  GLY B O   1 
ATOM   959  N N   . LEU B 1 31 ? 2.687   -6.791  6.226   1.00 35.59 ? 48  LEU B N   1 
ATOM   960  C CA  . LEU B 1 31 ? 3.847   -5.982  6.575   1.00 32.34 ? 48  LEU B CA  1 
ATOM   961  C C   . LEU B 1 31 ? 5.031   -6.864  6.955   1.00 29.15 ? 48  LEU B C   1 
ATOM   962  O O   . LEU B 1 31 ? 4.853   -7.997  7.403   1.00 29.84 ? 48  LEU B O   1 
ATOM   963  C CB  . LEU B 1 31 ? 3.525   -5.054  7.755   1.00 33.75 ? 48  LEU B CB  1 
ATOM   964  C CG  . LEU B 1 31 ? 2.709   -3.779  7.525   1.00 35.39 ? 48  LEU B CG  1 
ATOM   965  C CD1 . LEU B 1 31 ? 1.369   -4.112  6.901   1.00 36.24 ? 48  LEU B CD1 1 
ATOM   966  C CD2 . LEU B 1 31 ? 2.516   -3.067  8.858   1.00 34.55 ? 48  LEU B CD2 1 
ATOM   967  N N   . ARG B 1 32 ? 6.239   -6.347  6.763   1.00 28.41 ? 49  ARG B N   1 
ATOM   968  C CA  . ARG B 1 32 ? 7.432   -7.087  7.148   1.00 30.73 ? 49  ARG B CA  1 
ATOM   969  C C   . ARG B 1 32 ? 7.392   -7.122  8.673   1.00 31.67 ? 49  ARG B C   1 
ATOM   970  O O   . ARG B 1 32 ? 6.876   -6.196  9.300   1.00 30.59 ? 49  ARG B O   1 
ATOM   971  C CB  . ARG B 1 32 ? 8.702   -6.357  6.714   1.00 29.63 ? 49  ARG B CB  1 
ATOM   972  C CG  . ARG B 1 32 ? 8.907   -6.219  5.219   1.00 36.81 ? 49  ARG B CG  1 
ATOM   973  C CD  . ARG B 1 32 ? 10.289  -5.644  4.952   1.00 37.89 ? 49  ARG B CD  1 
ATOM   974  N NE  . ARG B 1 32 ? 10.451  -4.320  5.545   1.00 43.48 ? 49  ARG B NE  1 
ATOM   975  C CZ  . ARG B 1 32 ? 11.623  -3.785  5.874   1.00 42.83 ? 49  ARG B CZ  1 
ATOM   976  N NH1 . ARG B 1 32 ? 12.745  -4.461  5.671   1.00 45.28 ? 49  ARG B NH1 1 
ATOM   977  N NH2 . ARG B 1 32 ? 11.672  -2.571  6.405   1.00 44.73 ? 49  ARG B NH2 1 
ATOM   978  N N   . PRO B 1 33 ? 7.928   -8.187  9.289   1.00 31.31 ? 50  PRO B N   1 
ATOM   979  C CA  . PRO B 1 33 ? 7.931   -8.297  10.751  1.00 31.16 ? 50  PRO B CA  1 
ATOM   980  C C   . PRO B 1 33 ? 8.404   -7.023  11.460  1.00 32.88 ? 50  PRO B C   1 
ATOM   981  O O   . PRO B 1 33 ? 7.746   -6.540  12.381  1.00 29.40 ? 50  PRO B O   1 
ATOM   982  C CB  . PRO B 1 33 ? 8.856   -9.483  10.996  1.00 30.62 ? 50  PRO B CB  1 
ATOM   983  C CG  . PRO B 1 33 ? 8.526   -10.378 9.836   1.00 33.53 ? 50  PRO B CG  1 
ATOM   984  C CD  . PRO B 1 33 ? 8.481   -9.405  8.669   1.00 30.34 ? 50  PRO B CD  1 
ATOM   985  N N   . ILE B 1 34 ? 9.536   -6.478  11.024  1.00 30.92 ? 51  ILE B N   1 
ATOM   986  C CA  . ILE B 1 34 ? 10.081  -5.268  11.636  1.00 32.46 ? 51  ILE B CA  1 
ATOM   987  C C   . ILE B 1 34 ? 9.110   -4.090  11.556  1.00 33.66 ? 51  ILE B C   1 
ATOM   988  O O   . ILE B 1 34 ? 8.946   -3.347  12.524  1.00 30.98 ? 51  ILE B O   1 
ATOM   989  C CB  . ILE B 1 34 ? 11.424  -4.860  10.985  1.00 36.19 ? 51  ILE B CB  1 
ATOM   990  C CG1 . ILE B 1 34 ? 11.972  -3.605  11.670  1.00 32.24 ? 51  ILE B CG1 1 
ATOM   991  C CG2 . ILE B 1 34 ? 11.238  -4.621  9.492   1.00 35.60 ? 51  ILE B CG2 1 
ATOM   992  C CD1 . ILE B 1 34 ? 13.342  -3.184  11.184  1.00 38.23 ? 51  ILE B CD1 1 
ATOM   993  N N   . ASP B 1 35 ? 8.472   -3.919  10.403  1.00 30.78 ? 52  ASP B N   1 
ATOM   994  C CA  . ASP B 1 35 ? 7.515   -2.834  10.223  1.00 28.83 ? 52  ASP B CA  1 
ATOM   995  C C   . ASP B 1 35 ? 6.277   -3.081  11.081  1.00 28.33 ? 52  ASP B C   1 
ATOM   996  O O   . ASP B 1 35 ? 5.704   -2.146  11.639  1.00 27.11 ? 52  ASP B O   1 
ATOM   997  C CB  . ASP B 1 35 ? 7.114   -2.716  8.751   1.00 29.54 ? 52  ASP B CB  1 
ATOM   998  C CG  . ASP B 1 35 ? 8.209   -2.110  7.897   1.00 34.67 ? 52  ASP B CG  1 
ATOM   999  O OD1 . ASP B 1 35 ? 8.150   -2.258  6.658   1.00 36.40 ? 52  ASP B OD1 1 
ATOM   1000 O OD2 . ASP B 1 35 ? 9.125   -1.476  8.463   1.00 35.49 ? 52  ASP B OD2 1 
ATOM   1001 N N   . ALA B 1 36 ? 5.875   -4.342  11.187  1.00 25.14 ? 53  ALA B N   1 
ATOM   1002 C CA  . ALA B 1 36 ? 4.707   -4.702  11.987  1.00 25.13 ? 53  ALA B CA  1 
ATOM   1003 C C   . ALA B 1 36 ? 4.971   -4.408  13.464  1.00 24.80 ? 53  ALA B C   1 
ATOM   1004 O O   . ALA B 1 36 ? 4.091   -3.915  14.173  1.00 25.22 ? 53  ALA B O   1 
ATOM   1005 C CB  . ALA B 1 36 ? 4.374   -6.178  11.790  1.00 27.33 ? 53  ALA B CB  1 
ATOM   1006 N N   . LEU B 1 37 ? 6.183   -4.713  13.922  1.00 25.31 ? 54  LEU B N   1 
ATOM   1007 C CA  . LEU B 1 37 ? 6.560   -4.468  15.312  1.00 24.64 ? 54  LEU B CA  1 
ATOM   1008 C C   . LEU B 1 37 ? 6.584   -2.964  15.547  1.00 27.23 ? 54  LEU B C   1 
ATOM   1009 O O   . LEU B 1 37 ? 6.021   -2.457  16.521  1.00 23.04 ? 54  LEU B O   1 
ATOM   1010 C CB  . LEU B 1 37 ? 7.945   -5.051  15.603  1.00 24.15 ? 54  LEU B CB  1 
ATOM   1011 C CG  . LEU B 1 37 ? 8.559   -4.666  16.954  1.00 22.62 ? 54  LEU B CG  1 
ATOM   1012 C CD1 . LEU B 1 37 ? 7.689   -5.196  18.088  1.00 26.40 ? 54  LEU B CD1 1 
ATOM   1013 C CD2 . LEU B 1 37 ? 9.972   -5.226  17.056  1.00 21.68 ? 54  LEU B CD2 1 
ATOM   1014 N N   . TYR B 1 38 ? 7.251   -2.263  14.639  1.00 23.68 ? 55  TYR B N   1 
ATOM   1015 C CA  . TYR B 1 38 ? 7.367   -0.812  14.694  1.00 25.79 ? 55  TYR B CA  1 
ATOM   1016 C C   . TYR B 1 38 ? 5.980   -0.174  14.715  1.00 25.94 ? 55  TYR B C   1 
ATOM   1017 O O   . TYR B 1 38 ? 5.717   0.740   15.501  1.00 24.98 ? 55  TYR B O   1 
ATOM   1018 C CB  . TYR B 1 38 ? 8.186   -0.339  13.485  1.00 24.52 ? 55  TYR B CB  1 
ATOM   1019 C CG  . TYR B 1 38 ? 8.069   1.122   13.133  1.00 20.98 ? 55  TYR B CG  1 
ATOM   1020 C CD1 . TYR B 1 38 ? 7.324   1.526   12.023  1.00 23.60 ? 55  TYR B CD1 1 
ATOM   1021 C CD2 . TYR B 1 38 ? 8.731   2.104   13.878  1.00 22.10 ? 55  TYR B CD2 1 
ATOM   1022 C CE1 . TYR B 1 38 ? 7.241   2.866   11.659  1.00 22.57 ? 55  TYR B CE1 1 
ATOM   1023 C CE2 . TYR B 1 38 ? 8.653   3.454   13.523  1.00 20.10 ? 55  TYR B CE2 1 
ATOM   1024 C CZ  . TYR B 1 38 ? 7.905   3.824   12.409  1.00 22.79 ? 55  TYR B CZ  1 
ATOM   1025 O OH  . TYR B 1 38 ? 7.810   5.144   12.034  1.00 26.95 ? 55  TYR B OH  1 
ATOM   1026 N N   . PHE B 1 39 ? 5.086   -0.667  13.860  1.00 25.12 ? 56  PHE B N   1 
ATOM   1027 C CA  . PHE B 1 39 ? 3.726   -0.144  13.799  1.00 24.93 ? 56  PHE B CA  1 
ATOM   1028 C C   . PHE B 1 39 ? 2.981   -0.414  15.104  1.00 23.02 ? 56  PHE B C   1 
ATOM   1029 O O   . PHE B 1 39 ? 2.252   0.450   15.599  1.00 22.44 ? 56  PHE B O   1 
ATOM   1030 C CB  . PHE B 1 39 ? 2.954   -0.776  12.635  1.00 22.37 ? 56  PHE B CB  1 
ATOM   1031 C CG  . PHE B 1 39 ? 1.500   -0.398  12.602  1.00 23.58 ? 56  PHE B CG  1 
ATOM   1032 C CD1 . PHE B 1 39 ? 1.114   0.926   12.408  1.00 22.95 ? 56  PHE B CD1 1 
ATOM   1033 C CD2 . PHE B 1 39 ? 0.513   -1.359  12.799  1.00 23.78 ? 56  PHE B CD2 1 
ATOM   1034 C CE1 . PHE B 1 39 ? -0.235  1.286   12.412  1.00 24.13 ? 56  PHE B CE1 1 
ATOM   1035 C CE2 . PHE B 1 39 ? -0.839  -1.008  12.806  1.00 28.39 ? 56  PHE B CE2 1 
ATOM   1036 C CZ  . PHE B 1 39 ? -1.210  0.317   12.612  1.00 24.49 ? 56  PHE B CZ  1 
ATOM   1037 N N   . SER B 1 40 ? 3.158   -1.614  15.650  1.00 19.86 ? 57  SER B N   1 
ATOM   1038 C CA  . SER B 1 40 ? 2.496   -1.985  16.897  1.00 19.73 ? 57  SER B CA  1 
ATOM   1039 C C   . SER B 1 40 ? 2.919   -1.048  18.021  1.00 19.19 ? 57  SER B C   1 
ATOM   1040 O O   . SER B 1 40 ? 2.087   -0.611  18.817  1.00 19.36 ? 57  SER B O   1 
ATOM   1041 C CB  . SER B 1 40 ? 2.826   -3.432  17.275  1.00 21.40 ? 57  SER B CB  1 
ATOM   1042 O OG  . SER B 1 40 ? 2.265   -4.348  16.342  1.00 23.16 ? 57  SER B OG  1 
ATOM   1043 N N   . VAL B 1 41 ? 4.212   -0.742  18.080  1.00 18.57 ? 58  VAL B N   1 
ATOM   1044 C CA  . VAL B 1 41 ? 4.737   0.160   19.109  1.00 19.61 ? 58  VAL B CA  1 
ATOM   1045 C C   . VAL B 1 41 ? 4.203   1.579   18.923  1.00 19.95 ? 58  VAL B C   1 
ATOM   1046 O O   . VAL B 1 41 ? 3.764   2.217   19.878  1.00 18.97 ? 58  VAL B O   1 
ATOM   1047 C CB  . VAL B 1 41 ? 6.284   0.206   19.080  1.00 17.61 ? 58  VAL B CB  1 
ATOM   1048 C CG1 . VAL B 1 41 ? 6.796   1.309   20.012  1.00 18.36 ? 58  VAL B CG1 1 
ATOM   1049 C CG2 . VAL B 1 41 ? 6.851   -1.146  19.505  1.00 19.51 ? 58  VAL B CG2 1 
ATOM   1050 N N   . VAL B 1 42 ? 4.248   2.071   17.689  1.00 19.36 ? 59  VAL B N   1 
ATOM   1051 C CA  . VAL B 1 42 ? 3.774   3.413   17.371  1.00 18.76 ? 59  VAL B CA  1 
ATOM   1052 C C   . VAL B 1 42 ? 2.285   3.557   17.683  1.00 18.39 ? 59  VAL B C   1 
ATOM   1053 O O   . VAL B 1 42 ? 1.815   4.640   18.027  1.00 18.69 ? 59  VAL B O   1 
ATOM   1054 C CB  . VAL B 1 42 ? 4.050   3.741   15.873  1.00 20.97 ? 59  VAL B CB  1 
ATOM   1055 C CG1 . VAL B 1 42 ? 3.273   4.976   15.432  1.00 23.22 ? 59  VAL B CG1 1 
ATOM   1056 C CG2 . VAL B 1 42 ? 5.542   3.975   15.676  1.00 23.87 ? 59  VAL B CG2 1 
ATOM   1057 N N   . THR B 1 43 ? 1.553   2.454   17.578  1.00 16.72 ? 60  THR B N   1 
ATOM   1058 C CA  . THR B 1 43 ? 0.121   2.452   17.850  1.00 15.54 ? 60  THR B CA  1 
ATOM   1059 C C   . THR B 1 43 ? -0.199  2.451   19.349  1.00 15.15 ? 60  THR B C   1 
ATOM   1060 O O   . THR B 1 43 ? -0.907  3.334   19.834  1.00 18.72 ? 60  THR B O   1 
ATOM   1061 C CB  . THR B 1 43 ? -0.565  1.225   17.194  1.00 18.32 ? 60  THR B CB  1 
ATOM   1062 O OG1 . THR B 1 43 ? -0.493  1.350   15.767  1.00 21.26 ? 60  THR B OG1 1 
ATOM   1063 C CG2 . THR B 1 43 ? -2.030  1.127   17.617  1.00 19.59 ? 60  THR B CG2 1 
ATOM   1064 N N   . LEU B 1 44 ? 0.338   1.475   20.078  1.00 17.06 ? 61  LEU B N   1 
ATOM   1065 C CA  . LEU B 1 44 ? 0.054   1.359   21.509  1.00 16.07 ? 61  LEU B CA  1 
ATOM   1066 C C   . LEU B 1 44 ? 0.608   2.485   22.380  1.00 18.72 ? 61  LEU B C   1 
ATOM   1067 O O   . LEU B 1 44 ? 0.085   2.733   23.467  1.00 18.25 ? 61  LEU B O   1 
ATOM   1068 C CB  . LEU B 1 44 ? 0.513   -0.007  22.035  1.00 16.85 ? 61  LEU B CB  1 
ATOM   1069 C CG  . LEU B 1 44 ? -0.228  -1.206  21.420  1.00 18.92 ? 61  LEU B CG  1 
ATOM   1070 C CD1 . LEU B 1 44 ? 0.183   -2.479  22.154  1.00 19.22 ? 61  LEU B CD1 1 
ATOM   1071 C CD2 . LEU B 1 44 ? -1.745  -1.006  21.517  1.00 19.62 ? 61  LEU B CD2 1 
ATOM   1072 N N   . THR B 1 45 ? 1.659   3.163   21.922  1.00 16.45 ? 62  THR B N   1 
ATOM   1073 C CA  . THR B 1 45 ? 2.200   4.286   22.697  1.00 14.73 ? 62  THR B CA  1 
ATOM   1074 C C   . THR B 1 45 ? 1.451   5.564   22.312  1.00 16.83 ? 62  THR B C   1 
ATOM   1075 O O   . THR B 1 45 ? 1.729   6.643   22.840  1.00 17.59 ? 62  THR B O   1 
ATOM   1076 C CB  . THR B 1 45 ? 3.709   4.500   22.443  1.00 16.66 ? 62  THR B CB  1 
ATOM   1077 O OG1 . THR B 1 45 ? 3.938   4.728   21.045  1.00 18.47 ? 62  THR B OG1 1 
ATOM   1078 C CG2 . THR B 1 45 ? 4.510   3.281   22.913  1.00 17.28 ? 62  THR B CG2 1 
ATOM   1079 N N   . THR B 1 46 ? 0.499   5.416   21.388  1.00 16.06 ? 63  THR B N   1 
ATOM   1080 C CA  . THR B 1 46 ? -0.357  6.492   20.863  1.00 17.64 ? 63  THR B CA  1 
ATOM   1081 C C   . THR B 1 46 ? 0.324   7.575   20.031  1.00 16.61 ? 63  THR B C   1 
ATOM   1082 O O   . THR B 1 46 ? -0.223  8.661   19.870  1.00 16.92 ? 63  THR B O   1 
ATOM   1083 C CB  . THR B 1 46 ? -1.205  7.193   21.978  1.00 18.74 ? 63  THR B CB  1 
ATOM   1084 O OG1 . THR B 1 46 ? -0.379  8.067   22.764  1.00 18.01 ? 63  THR B OG1 1 
ATOM   1085 C CG2 . THR B 1 46 ? -1.865  6.149   22.874  1.00 18.89 ? 63  THR B CG2 1 
ATOM   1086 N N   . VAL B 1 47 ? 1.510   7.286   19.497  1.00 17.77 ? 64  VAL B N   1 
ATOM   1087 C CA  . VAL B 1 47 ? 2.210   8.259   18.657  1.00 16.55 ? 64  VAL B CA  1 
ATOM   1088 C C   . VAL B 1 47 ? 1.456   8.388   17.325  1.00 18.06 ? 64  VAL B C   1 
ATOM   1089 O O   . VAL B 1 47 ? 1.142   9.494   16.884  1.00 18.63 ? 64  VAL B O   1 
ATOM   1090 C CB  . VAL B 1 47 ? 3.672   7.821   18.411  1.00 17.36 ? 64  VAL B CB  1 
ATOM   1091 C CG1 . VAL B 1 47 ? 4.332   8.734   17.382  1.00 18.75 ? 64  VAL B CG1 1 
ATOM   1092 C CG2 . VAL B 1 47 ? 4.452   7.879   19.727  1.00 17.06 ? 64  VAL B CG2 1 
ATOM   1093 N N   . GLY B 1 48 ? 1.177   7.246   16.702  1.00 19.11 ? 65  GLY B N   1 
ATOM   1094 C CA  . GLY B 1 48 ? 0.423   7.198   15.454  1.00 19.60 ? 65  GLY B CA  1 
ATOM   1095 C C   . GLY B 1 48 ? 0.861   8.027   14.255  1.00 20.06 ? 65  GLY B C   1 
ATOM   1096 O O   . GLY B 1 48 ? 0.075   8.827   13.740  1.00 20.25 ? 65  GLY B O   1 
ATOM   1097 N N   . TYR B 1 49 ? 2.091   7.829   13.790  1.00 20.69 ? 66  TYR B N   1 
ATOM   1098 C CA  . TYR B 1 49 ? 2.593   8.574   12.635  1.00 21.87 ? 66  TYR B CA  1 
ATOM   1099 C C   . TYR B 1 49 ? 1.655   8.457   11.442  1.00 24.81 ? 66  TYR B C   1 
ATOM   1100 O O   . TYR B 1 49 ? 1.364   9.444   10.766  1.00 24.75 ? 66  TYR B O   1 
ATOM   1101 C CB  . TYR B 1 49 ? 3.965   8.060   12.197  1.00 19.68 ? 66  TYR B CB  1 
ATOM   1102 C CG  . TYR B 1 49 ? 5.075   8.256   13.201  1.00 20.98 ? 66  TYR B CG  1 
ATOM   1103 C CD1 . TYR B 1 49 ? 5.394   9.526   13.691  1.00 20.09 ? 66  TYR B CD1 1 
ATOM   1104 C CD2 . TYR B 1 49 ? 5.828   7.172   13.640  1.00 18.04 ? 66  TYR B CD2 1 
ATOM   1105 C CE1 . TYR B 1 49 ? 6.447   9.704   14.598  1.00 20.95 ? 66  TYR B CE1 1 
ATOM   1106 C CE2 . TYR B 1 49 ? 6.875   7.336   14.537  1.00 19.85 ? 66  TYR B CE2 1 
ATOM   1107 C CZ  . TYR B 1 49 ? 7.183   8.600   15.013  1.00 22.30 ? 66  TYR B CZ  1 
ATOM   1108 O OH  . TYR B 1 49 ? 8.231   8.744   15.893  1.00 24.44 ? 66  TYR B OH  1 
ATOM   1109 N N   . GLY B 1 50 ? 1.198   7.242   11.174  1.00 23.69 ? 67  GLY B N   1 
ATOM   1110 C CA  . GLY B 1 50 ? 0.314   7.035   10.045  1.00 27.74 ? 67  GLY B CA  1 
ATOM   1111 C C   . GLY B 1 50 ? 1.095   6.588   8.822   1.00 30.52 ? 67  GLY B C   1 
ATOM   1112 O O   . GLY B 1 50 ? 0.524   6.427   7.741   1.00 30.26 ? 67  GLY B O   1 
ATOM   1113 N N   . ASP B 1 51 ? 2.404   6.405   8.982   1.00 28.54 ? 68  ASP B N   1 
ATOM   1114 C CA  . ASP B 1 51 ? 3.235   5.951   7.872   1.00 31.06 ? 68  ASP B CA  1 
ATOM   1115 C C   . ASP B 1 51 ? 2.853   4.505   7.579   1.00 33.05 ? 68  ASP B C   1 
ATOM   1116 O O   . ASP B 1 51 ? 3.193   3.944   6.536   1.00 35.14 ? 68  ASP B O   1 
ATOM   1117 C CB  . ASP B 1 51 ? 4.730   6.095   8.210   1.00 29.38 ? 68  ASP B CB  1 
ATOM   1118 C CG  . ASP B 1 51 ? 5.127   5.412   9.509   1.00 30.30 ? 68  ASP B CG  1 
ATOM   1119 O OD1 . ASP B 1 51 ? 4.246   5.119   10.346  1.00 29.86 ? 68  ASP B OD1 1 
ATOM   1120 O OD2 . ASP B 1 51 ? 6.340   5.186   9.699   1.00 27.07 ? 68  ASP B OD2 1 
ATOM   1121 N N   . PHE B 1 52 ? 2.120   3.925   8.522   1.00 31.39 ? 69  PHE B N   1 
ATOM   1122 C CA  . PHE B 1 52 ? 1.599   2.568   8.433   1.00 29.63 ? 69  PHE B CA  1 
ATOM   1123 C C   . PHE B 1 52 ? 0.225   2.621   9.092   1.00 29.51 ? 69  PHE B C   1 
ATOM   1124 O O   . PHE B 1 52 ? 0.029   3.360   10.059  1.00 28.16 ? 69  PHE B O   1 
ATOM   1125 C CB  . PHE B 1 52 ? 2.495   1.581   9.191   1.00 31.12 ? 69  PHE B CB  1 
ATOM   1126 C CG  . PHE B 1 52 ? 3.763   1.230   8.469   1.00 30.68 ? 69  PHE B CG  1 
ATOM   1127 C CD1 . PHE B 1 52 ? 3.741   0.368   7.376   1.00 31.35 ? 69  PHE B CD1 1 
ATOM   1128 C CD2 . PHE B 1 52 ? 4.982   1.763   8.878   1.00 31.40 ? 69  PHE B CD2 1 
ATOM   1129 C CE1 . PHE B 1 52 ? 4.918   0.043   6.699   1.00 33.59 ? 69  PHE B CE1 1 
ATOM   1130 C CE2 . PHE B 1 52 ? 6.163   1.446   8.210   1.00 35.72 ? 69  PHE B CE2 1 
ATOM   1131 C CZ  . PHE B 1 52 ? 6.130   0.583   7.117   1.00 32.74 ? 69  PHE B CZ  1 
ATOM   1132 N N   . SER B 1 53 ? -0.723  1.860   8.559   1.00 28.40 ? 70  SER B N   1 
ATOM   1133 C CA  . SER B 1 53 ? -2.076  1.812   9.106   1.00 31.33 ? 70  SER B CA  1 
ATOM   1134 C C   . SER B 1 53 ? -2.837  0.672   8.440   1.00 33.40 ? 70  SER B C   1 
ATOM   1135 O O   . SER B 1 53 ? -2.585  0.349   7.277   1.00 34.57 ? 70  SER B O   1 
ATOM   1136 C CB  . SER B 1 53 ? -2.805  3.137   8.863   1.00 31.43 ? 70  SER B CB  1 
ATOM   1137 O OG  . SER B 1 53 ? -2.996  3.375   7.481   1.00 37.36 ? 70  SER B OG  1 
ATOM   1138 N N   . PRO B 1 54 ? -3.775  0.044   9.167   1.00 31.51 ? 71  PRO B N   1 
ATOM   1139 C CA  . PRO B 1 54 ? -4.546  -1.065  8.593   1.00 32.08 ? 71  PRO B CA  1 
ATOM   1140 C C   . PRO B 1 54 ? -5.334  -0.664  7.347   1.00 32.33 ? 71  PRO B C   1 
ATOM   1141 O O   . PRO B 1 54 ? -5.982  0.383   7.318   1.00 30.84 ? 71  PRO B O   1 
ATOM   1142 C CB  . PRO B 1 54 ? -5.447  -1.495  9.752   1.00 28.96 ? 71  PRO B CB  1 
ATOM   1143 C CG  . PRO B 1 54 ? -5.638  -0.221  10.524  1.00 29.38 ? 71  PRO B CG  1 
ATOM   1144 C CD  . PRO B 1 54 ? -4.243  0.353   10.531  1.00 29.20 ? 71  PRO B CD  1 
ATOM   1145 N N   . GLN B 1 55 ? -5.266  -1.506  6.319   1.00 34.26 ? 72  GLN B N   1 
ATOM   1146 C CA  . GLN B 1 55 ? -5.962  -1.254  5.062   1.00 36.13 ? 72  GLN B CA  1 
ATOM   1147 C C   . GLN B 1 55 ? -7.210  -2.121  4.914   1.00 36.39 ? 72  GLN B C   1 
ATOM   1148 O O   . GLN B 1 55 ? -8.144  -1.759  4.197   1.00 35.37 ? 72  GLN B O   1 
ATOM   1149 C CB  . GLN B 1 55 ? -5.025  -1.515  3.877   1.00 37.15 ? 72  GLN B CB  1 
ATOM   1150 C CG  . GLN B 1 55 ? -3.741  -0.703  3.903   1.00 42.77 ? 72  GLN B CG  1 
ATOM   1151 C CD  . GLN B 1 55 ? -3.993  0.791   3.856   1.00 51.75 ? 72  GLN B CD  1 
ATOM   1152 O OE1 . GLN B 1 55 ? -4.544  1.310   2.884   1.00 54.98 ? 72  GLN B OE1 1 
ATOM   1153 N NE2 . GLN B 1 55 ? -3.592  1.493   4.911   1.00 50.50 ? 72  GLN B NE2 1 
ATOM   1154 N N   . THR B 1 56 ? -7.223  -3.266  5.590   1.00 35.90 ? 73  THR B N   1 
ATOM   1155 C CA  . THR B 1 56 ? -8.360  -4.179  5.518   1.00 35.73 ? 73  THR B CA  1 
ATOM   1156 C C   . THR B 1 56 ? -9.327  -3.946  6.673   1.00 37.98 ? 73  THR B C   1 
ATOM   1157 O O   . THR B 1 56 ? -8.945  -3.410  7.716   1.00 33.54 ? 73  THR B O   1 
ATOM   1158 C CB  . THR B 1 56 ? -7.900  -5.649  5.563   1.00 36.22 ? 73  THR B CB  1 
ATOM   1159 O OG1 . THR B 1 56 ? -7.429  -5.968  6.878   1.00 36.52 ? 73  THR B OG1 1 
ATOM   1160 C CG2 . THR B 1 56 ? -6.776  -5.883  4.565   1.00 35.91 ? 73  THR B CG2 1 
ATOM   1161 N N   . ASP B 1 57 ? -10.581 -4.349  6.487   1.00 36.19 ? 74  ASP B N   1 
ATOM   1162 C CA  . ASP B 1 57 ? -11.585 -4.184  7.529   1.00 35.70 ? 74  ASP B CA  1 
ATOM   1163 C C   . ASP B 1 57 ? -11.220 -5.051  8.726   1.00 36.76 ? 74  ASP B C   1 
ATOM   1164 O O   . ASP B 1 57 ? -11.426 -4.661  9.876   1.00 35.36 ? 74  ASP B O   1 
ATOM   1165 C CB  . ASP B 1 57 ? -12.973 -4.576  7.014   1.00 37.55 ? 74  ASP B CB  1 
ATOM   1166 C CG  . ASP B 1 57 ? -13.451 -3.685  5.886   1.00 39.35 ? 74  ASP B CG  1 
ATOM   1167 O OD1 . ASP B 1 57 ? -12.852 -2.609  5.679   1.00 41.03 ? 74  ASP B OD1 1 
ATOM   1168 O OD2 . ASP B 1 57 ? -14.436 -4.055  5.211   1.00 46.25 ? 74  ASP B OD2 1 
ATOM   1169 N N   . PHE B 1 58 ? -10.678 -6.232  8.445   1.00 33.73 ? 75  PHE B N   1 
ATOM   1170 C CA  . PHE B 1 58 ? -10.272 -7.157  9.496   1.00 34.02 ? 75  PHE B CA  1 
ATOM   1171 C C   . PHE B 1 58 ? -9.202  -6.470  10.338  1.00 31.73 ? 75  PHE B C   1 
ATOM   1172 O O   . PHE B 1 58 ? -9.252  -6.493  11.569  1.00 32.11 ? 75  PHE B O   1 
ATOM   1173 C CB  . PHE B 1 58 ? -9.696  -8.435  8.880   1.00 35.01 ? 75  PHE B CB  1 
ATOM   1174 C CG  . PHE B 1 58 ? -9.409  -9.523  9.882   1.00 37.06 ? 75  PHE B CG  1 
ATOM   1175 C CD1 . PHE B 1 58 ? -8.554  -10.572 9.556   1.00 39.46 ? 75  PHE B CD1 1 
ATOM   1176 C CD2 . PHE B 1 58 ? -10.002 -9.513  11.141  1.00 37.69 ? 75  PHE B CD2 1 
ATOM   1177 C CE1 . PHE B 1 58 ? -8.294  -11.594 10.467  1.00 40.30 ? 75  PHE B CE1 1 
ATOM   1178 C CE2 . PHE B 1 58 ? -9.749  -10.531 12.059  1.00 41.34 ? 75  PHE B CE2 1 
ATOM   1179 C CZ  . PHE B 1 58 ? -8.893  -11.574 11.720  1.00 39.49 ? 75  PHE B CZ  1 
ATOM   1180 N N   . GLY B 1 59 ? -8.240  -5.858  9.655   1.00 29.90 ? 76  GLY B N   1 
ATOM   1181 C CA  . GLY B 1 59 ? -7.162  -5.164  10.332  1.00 31.16 ? 76  GLY B CA  1 
ATOM   1182 C C   . GLY B 1 59 ? -7.650  -3.990  11.156  1.00 31.08 ? 76  GLY B C   1 
ATOM   1183 O O   . GLY B 1 59 ? -7.149  -3.750  12.254  1.00 30.38 ? 76  GLY B O   1 
ATOM   1184 N N   . LYS B 1 60 ? -8.627  -3.255  10.636  1.00 29.74 ? 77  LYS B N   1 
ATOM   1185 C CA  . LYS B 1 60 ? -9.161  -2.104  11.356  1.00 30.61 ? 77  LYS B CA  1 
ATOM   1186 C C   . LYS B 1 60 ? -9.914  -2.545  12.609  1.00 31.97 ? 77  LYS B C   1 
ATOM   1187 O O   . LYS B 1 60 ? -9.849  -1.886  13.648  1.00 27.42 ? 77  LYS B O   1 
ATOM   1188 C CB  . LYS B 1 60 ? -10.073 -1.281  10.440  1.00 29.81 ? 77  LYS B CB  1 
ATOM   1189 C CG  . LYS B 1 60 ? -9.327  -0.621  9.291   1.00 27.81 ? 77  LYS B CG  1 
ATOM   1190 C CD  . LYS B 1 60 ? -10.274 0.058   8.312   1.00 32.06 ? 77  LYS B CD  1 
ATOM   1191 C CE  . LYS B 1 60 ? -9.507  0.671   7.149   1.00 35.65 ? 77  LYS B CE  1 
ATOM   1192 N NZ  . LYS B 1 60 ? -10.418 1.263   6.126   1.00 38.09 ? 77  LYS B NZ  1 
ATOM   1193 N N   . ILE B 1 61 ? -10.623 -3.665  12.512  1.00 28.79 ? 78  ILE B N   1 
ATOM   1194 C CA  . ILE B 1 61 ? -11.366 -4.193  13.649  1.00 28.40 ? 78  ILE B CA  1 
ATOM   1195 C C   . ILE B 1 61 ? -10.391 -4.673  14.720  1.00 27.52 ? 78  ILE B C   1 
ATOM   1196 O O   . ILE B 1 61 ? -10.586 -4.424  15.908  1.00 25.72 ? 78  ILE B O   1 
ATOM   1197 C CB  . ILE B 1 61 ? -12.273 -5.375  13.234  1.00 31.92 ? 78  ILE B CB  1 
ATOM   1198 C CG1 . ILE B 1 61 ? -13.386 -4.875  12.310  1.00 35.19 ? 78  ILE B CG1 1 
ATOM   1199 C CG2 . ILE B 1 61 ? -12.858 -6.049  14.471  1.00 32.52 ? 78  ILE B CG2 1 
ATOM   1200 C CD1 . ILE B 1 61 ? -14.288 -3.832  12.939  1.00 37.16 ? 78  ILE B CD1 1 
ATOM   1201 N N   . PHE B 1 62 ? -9.341  -5.370  14.300  1.00 24.05 ? 79  PHE B N   1 
ATOM   1202 C CA  . PHE B 1 62 ? -8.354  -5.855  15.254  1.00 27.00 ? 79  PHE B CA  1 
ATOM   1203 C C   . PHE B 1 62 ? -7.652  -4.669  15.904  1.00 26.23 ? 79  PHE B C   1 
ATOM   1204 O O   . PHE B 1 62 ? -7.391  -4.680  17.107  1.00 24.45 ? 79  PHE B O   1 
ATOM   1205 C CB  . PHE B 1 62 ? -7.325  -6.753  14.558  1.00 26.65 ? 79  PHE B CB  1 
ATOM   1206 C CG  . PHE B 1 62 ? -6.161  -7.138  15.434  1.00 25.90 ? 79  PHE B CG  1 
ATOM   1207 C CD1 . PHE B 1 62 ? -5.032  -6.324  15.512  1.00 27.60 ? 79  PHE B CD1 1 
ATOM   1208 C CD2 . PHE B 1 62 ? -6.195  -8.309  16.184  1.00 28.71 ? 79  PHE B CD2 1 
ATOM   1209 C CE1 . PHE B 1 62 ? -3.951  -6.671  16.323  1.00 26.69 ? 79  PHE B CE1 1 
ATOM   1210 C CE2 . PHE B 1 62 ? -5.121  -8.666  17.000  1.00 30.87 ? 79  PHE B CE2 1 
ATOM   1211 C CZ  . PHE B 1 62 ? -3.996  -7.845  17.069  1.00 28.04 ? 79  PHE B CZ  1 
ATOM   1212 N N   . THR B 1 63 ? -7.361  -3.648  15.104  1.00 24.96 ? 80  THR B N   1 
ATOM   1213 C CA  . THR B 1 63 ? -6.683  -2.459  15.606  1.00 23.75 ? 80  THR B CA  1 
ATOM   1214 C C   . THR B 1 63 ? -7.499  -1.775  16.700  1.00 24.97 ? 80  THR B C   1 
ATOM   1215 O O   . THR B 1 63 ? -6.941  -1.298  17.687  1.00 21.65 ? 80  THR B O   1 
ATOM   1216 C CB  . THR B 1 63 ? -6.387  -1.466  14.459  1.00 23.81 ? 80  THR B CB  1 
ATOM   1217 O OG1 . THR B 1 63 ? -5.517  -2.094  13.507  1.00 22.14 ? 80  THR B OG1 1 
ATOM   1218 C CG2 . THR B 1 63 ? -5.707  -0.207  14.994  1.00 23.52 ? 80  THR B CG2 1 
ATOM   1219 N N   . ILE B 1 64 ? -8.817  -1.733  16.533  1.00 22.28 ? 81  ILE B N   1 
ATOM   1220 C CA  . ILE B 1 64 ? -9.680  -1.126  17.544  1.00 22.69 ? 81  ILE B CA  1 
ATOM   1221 C C   . ILE B 1 64 ? -9.514  -1.866  18.871  1.00 24.01 ? 81  ILE B C   1 
ATOM   1222 O O   . ILE B 1 64 ? -9.315  -1.250  19.922  1.00 22.77 ? 81  ILE B O   1 
ATOM   1223 C CB  . ILE B 1 64 ? -11.169 -1.196  17.134  1.00 23.34 ? 81  ILE B CB  1 
ATOM   1224 C CG1 . ILE B 1 64 ? -11.429 -0.267  15.948  1.00 25.98 ? 81  ILE B CG1 1 
ATOM   1225 C CG2 . ILE B 1 64 ? -12.054 -0.816  18.317  1.00 25.94 ? 81  ILE B CG2 1 
ATOM   1226 C CD1 . ILE B 1 64 ? -12.834 -0.394  15.369  1.00 28.85 ? 81  ILE B CD1 1 
ATOM   1227 N N   . LEU B 1 65 ? -9.591  -3.193  18.815  1.00 21.55 ? 82  LEU B N   1 
ATOM   1228 C CA  . LEU B 1 65 ? -9.461  -4.020  20.012  1.00 23.60 ? 82  LEU B CA  1 
ATOM   1229 C C   . LEU B 1 65 ? -8.053  -3.962  20.598  1.00 20.18 ? 82  LEU B C   1 
ATOM   1230 O O   . LEU B 1 65 ? -7.882  -3.866  21.814  1.00 22.20 ? 82  LEU B O   1 
ATOM   1231 C CB  . LEU B 1 65 ? -9.812  -5.473  19.684  1.00 26.14 ? 82  LEU B CB  1 
ATOM   1232 C CG  . LEU B 1 65 ? -11.243 -5.724  19.200  1.00 32.08 ? 82  LEU B CG  1 
ATOM   1233 C CD1 . LEU B 1 65 ? -11.386 -7.172  18.749  1.00 33.80 ? 82  LEU B CD1 1 
ATOM   1234 C CD2 . LEU B 1 65 ? -12.224 -5.403  20.316  1.00 31.16 ? 82  LEU B CD2 1 
ATOM   1235 N N   . TYR B 1 66 ? -7.056  -4.026  19.723  1.00 20.26 ? 83  TYR B N   1 
ATOM   1236 C CA  . TYR B 1 66 ? -5.650  -3.998  20.118  1.00 20.28 ? 83  TYR B CA  1 
ATOM   1237 C C   . TYR B 1 66 ? -5.340  -2.721  20.899  1.00 19.87 ? 83  TYR B C   1 
ATOM   1238 O O   . TYR B 1 66 ? -4.661  -2.759  21.927  1.00 19.71 ? 83  TYR B O   1 
ATOM   1239 C CB  . TYR B 1 66 ? -4.776  -4.082  18.862  1.00 19.29 ? 83  TYR B CB  1 
ATOM   1240 C CG  . TYR B 1 66 ? -3.306  -4.349  19.098  1.00 19.31 ? 83  TYR B CG  1 
ATOM   1241 C CD1 . TYR B 1 66 ? -2.340  -3.501  18.564  1.00 19.07 ? 83  TYR B CD1 1 
ATOM   1242 C CD2 . TYR B 1 66 ? -2.875  -5.472  19.810  1.00 18.58 ? 83  TYR B CD2 1 
ATOM   1243 C CE1 . TYR B 1 66 ? -0.983  -3.759  18.725  1.00 17.52 ? 83  TYR B CE1 1 
ATOM   1244 C CE2 . TYR B 1 66 ? -1.513  -5.742  19.976  1.00 17.69 ? 83  TYR B CE2 1 
ATOM   1245 C CZ  . TYR B 1 66 ? -0.574  -4.878  19.428  1.00 18.81 ? 83  TYR B CZ  1 
ATOM   1246 O OH  . TYR B 1 66 ? 0.776   -5.126  19.562  1.00 20.93 ? 83  TYR B OH  1 
ATOM   1247 N N   . ILE B 1 67 ? -5.838  -1.590  20.410  1.00 19.08 ? 84  ILE B N   1 
ATOM   1248 C CA  . ILE B 1 67 ? -5.609  -0.315  21.081  1.00 18.50 ? 84  ILE B CA  1 
ATOM   1249 C C   . ILE B 1 67 ? -6.232  -0.310  22.476  1.00 19.86 ? 84  ILE B C   1 
ATOM   1250 O O   . ILE B 1 67 ? -5.559  -0.010  23.463  1.00 18.91 ? 84  ILE B O   1 
ATOM   1251 C CB  . ILE B 1 67 ? -6.192  0.860   20.266  1.00 16.54 ? 84  ILE B CB  1 
ATOM   1252 C CG1 . ILE B 1 67 ? -5.381  1.060   18.983  1.00 20.30 ? 84  ILE B CG1 1 
ATOM   1253 C CG2 . ILE B 1 67 ? -6.180  2.140   21.104  1.00 20.51 ? 84  ILE B CG2 1 
ATOM   1254 C CD1 . ILE B 1 67 ? -5.980  2.094   18.028  1.00 21.15 ? 84  ILE B CD1 1 
ATOM   1255 N N   . PHE B 1 68 ? -7.513  -0.651  22.563  1.00 17.37 ? 85  PHE B N   1 
ATOM   1256 C CA  . PHE B 1 68 ? -8.188  -0.656  23.857  1.00 19.50 ? 85  PHE B CA  1 
ATOM   1257 C C   . PHE B 1 68 ? -7.603  -1.636  24.862  1.00 20.04 ? 85  PHE B C   1 
ATOM   1258 O O   . PHE B 1 68 ? -7.569  -1.353  26.059  1.00 21.60 ? 85  PHE B O   1 
ATOM   1259 C CB  . PHE B 1 68 ? -9.677  -0.940  23.676  1.00 19.22 ? 85  PHE B CB  1 
ATOM   1260 C CG  . PHE B 1 68 ? -10.495 0.289   23.441  1.00 19.78 ? 85  PHE B CG  1 
ATOM   1261 C CD1 . PHE B 1 68 ? -10.733 1.187   24.477  1.00 20.10 ? 85  PHE B CD1 1 
ATOM   1262 C CD2 . PHE B 1 68 ? -11.009 0.569   22.180  1.00 24.50 ? 85  PHE B CD2 1 
ATOM   1263 C CE1 . PHE B 1 68 ? -11.468 2.348   24.259  1.00 19.75 ? 85  PHE B CE1 1 
ATOM   1264 C CE2 . PHE B 1 68 ? -11.744 1.726   21.951  1.00 24.08 ? 85  PHE B CE2 1 
ATOM   1265 C CZ  . PHE B 1 68 ? -11.974 2.617   22.992  1.00 23.80 ? 85  PHE B CZ  1 
ATOM   1266 N N   . ILE B 1 69 ? -7.144  -2.786  24.382  1.00 20.23 ? 86  ILE B N   1 
ATOM   1267 C CA  . ILE B 1 69 ? -6.575  -3.794  25.269  1.00 23.27 ? 86  ILE B CA  1 
ATOM   1268 C C   . ILE B 1 69 ? -5.095  -3.571  25.555  1.00 23.21 ? 86  ILE B C   1 
ATOM   1269 O O   . ILE B 1 69 ? -4.602  -3.964  26.612  1.00 26.73 ? 86  ILE B O   1 
ATOM   1270 C CB  . ILE B 1 69 ? -6.746  -5.218  24.670  1.00 28.84 ? 86  ILE B CB  1 
ATOM   1271 C CG1 . ILE B 1 69 ? -8.232  -5.560  24.554  1.00 32.10 ? 86  ILE B CG1 1 
ATOM   1272 C CG2 . ILE B 1 69 ? -6.048  -6.253  25.549  1.00 34.90 ? 86  ILE B CG2 1 
ATOM   1273 C CD1 . ILE B 1 69 ? -8.956  -5.601  25.884  1.00 44.13 ? 86  ILE B CD1 1 
ATOM   1274 N N   . GLY B 1 70 ? -4.395  -2.926  24.627  1.00 18.91 ? 87  GLY B N   1 
ATOM   1275 C CA  . GLY B 1 70 ? -2.965  -2.727  24.797  1.00 20.06 ? 87  GLY B CA  1 
ATOM   1276 C C   . GLY B 1 70 ? -2.445  -1.429  25.389  1.00 20.03 ? 87  GLY B C   1 
ATOM   1277 O O   . GLY B 1 70 ? -1.350  -1.420  25.960  1.00 19.85 ? 87  GLY B O   1 
ATOM   1278 N N   . ILE B 1 71 ? -3.193  -0.339  25.255  1.00 19.61 ? 88  ILE B N   1 
ATOM   1279 C CA  . ILE B 1 71 ? -2.740  0.945   25.792  1.00 18.31 ? 88  ILE B CA  1 
ATOM   1280 C C   . ILE B 1 71 ? -2.525  0.895   27.302  1.00 20.31 ? 88  ILE B C   1 
ATOM   1281 O O   . ILE B 1 71 ? -1.510  1.385   27.804  1.00 18.39 ? 88  ILE B O   1 
ATOM   1282 C CB  . ILE B 1 71 ? -3.741  2.093   25.478  1.00 21.79 ? 88  ILE B CB  1 
ATOM   1283 C CG1 . ILE B 1 71 ? -3.614  2.517   24.014  1.00 25.62 ? 88  ILE B CG1 1 
ATOM   1284 C CG2 . ILE B 1 71 ? -3.463  3.299   26.381  1.00 25.40 ? 88  ILE B CG2 1 
ATOM   1285 C CD1 . ILE B 1 71 ? -4.521  3.683   23.631  1.00 26.82 ? 88  ILE B CD1 1 
ATOM   1286 N N   . GLY B 1 72 ? -3.477  0.306   28.019  1.00 18.57 ? 89  GLY B N   1 
ATOM   1287 C CA  . GLY B 1 72 ? -3.370  0.217   29.467  1.00 22.28 ? 89  GLY B CA  1 
ATOM   1288 C C   . GLY B 1 72 ? -2.099  -0.474  29.914  1.00 22.42 ? 89  GLY B C   1 
ATOM   1289 O O   . GLY B 1 72 ? -1.392  0.001   30.807  1.00 22.10 ? 89  GLY B O   1 
ATOM   1290 N N   . LEU B 1 73 ? -1.809  -1.604  29.284  1.00 19.11 ? 90  LEU B N   1 
ATOM   1291 C CA  . LEU B 1 73 ? -0.620  -2.381  29.595  1.00 20.01 ? 90  LEU B CA  1 
ATOM   1292 C C   . LEU B 1 73 ? 0.662   -1.624  29.265  1.00 21.26 ? 90  LEU B C   1 
ATOM   1293 O O   . LEU B 1 73 ? 1.573   -1.536  30.091  1.00 20.61 ? 90  LEU B O   1 
ATOM   1294 C CB  . LEU B 1 73 ? -0.644  -3.692  28.810  1.00 20.39 ? 90  LEU B CB  1 
ATOM   1295 C CG  . LEU B 1 73 ? 0.669   -4.470  28.808  1.00 26.42 ? 90  LEU B CG  1 
ATOM   1296 C CD1 . LEU B 1 73 ? 1.035   -4.873  30.231  1.00 25.61 ? 90  LEU B CD1 1 
ATOM   1297 C CD2 . LEU B 1 73 ? 0.524   -5.688  27.915  1.00 27.13 ? 90  LEU B CD2 1 
ATOM   1298 N N   . VAL B 1 74 ? 0.734   -1.091  28.051  1.00 17.93 ? 91  VAL B N   1 
ATOM   1299 C CA  . VAL B 1 74 ? 1.918   -0.363  27.614  1.00 18.07 ? 91  VAL B CA  1 
ATOM   1300 C C   . VAL B 1 74 ? 2.212   0.852   28.483  1.00 18.76 ? 91  VAL B C   1 
ATOM   1301 O O   . VAL B 1 74 ? 3.363   1.092   28.849  1.00 17.47 ? 91  VAL B O   1 
ATOM   1302 C CB  . VAL B 1 74 ? 1.787   0.060   26.133  1.00 17.74 ? 91  VAL B CB  1 
ATOM   1303 C CG1 . VAL B 1 74 ? 2.879   1.048   25.756  1.00 19.38 ? 91  VAL B CG1 1 
ATOM   1304 C CG2 . VAL B 1 74 ? 1.882   -1.182  25.247  1.00 20.82 ? 91  VAL B CG2 1 
ATOM   1305 N N   . PHE B 1 75 ? 1.194   1.630   28.828  1.00 18.03 ? 92  PHE B N   1 
ATOM   1306 C CA  . PHE B 1 75 ? 1.483   2.778   29.669  1.00 18.40 ? 92  PHE B CA  1 
ATOM   1307 C C   . PHE B 1 75 ? 1.714   2.371   31.113  1.00 19.15 ? 92  PHE B C   1 
ATOM   1308 O O   . PHE B 1 75 ? 2.380   3.082   31.863  1.00 19.57 ? 92  PHE B O   1 
ATOM   1309 C CB  . PHE B 1 75 ? 0.401   3.832   29.517  1.00 18.70 ? 92  PHE B CB  1 
ATOM   1310 C CG  . PHE B 1 75 ? 0.620   4.713   28.330  1.00 24.33 ? 92  PHE B CG  1 
ATOM   1311 C CD1 . PHE B 1 75 ? 1.481   5.803   28.414  1.00 21.91 ? 92  PHE B CD1 1 
ATOM   1312 C CD2 . PHE B 1 75 ? 0.045   4.405   27.105  1.00 23.20 ? 92  PHE B CD2 1 
ATOM   1313 C CE1 . PHE B 1 75 ? 1.772   6.572   27.289  1.00 28.63 ? 92  PHE B CE1 1 
ATOM   1314 C CE2 . PHE B 1 75 ? 0.328   5.166   25.973  1.00 25.12 ? 92  PHE B CE2 1 
ATOM   1315 C CZ  . PHE B 1 75 ? 1.195   6.251   26.064  1.00 26.42 ? 92  PHE B CZ  1 
ATOM   1316 N N   . GLY B 1 76 ? 1.186   1.213   31.494  1.00 17.79 ? 93  GLY B N   1 
ATOM   1317 C CA  . GLY B 1 76 ? 1.418   0.725   32.839  1.00 19.12 ? 93  GLY B CA  1 
ATOM   1318 C C   . GLY B 1 76 ? 2.893   0.366   32.907  1.00 19.17 ? 93  GLY B C   1 
ATOM   1319 O O   . GLY B 1 76 ? 3.572   0.637   33.900  1.00 19.29 ? 93  GLY B O   1 
ATOM   1320 N N   . PHE B 1 77 ? 3.393   -0.246  31.835  1.00 17.68 ? 94  PHE B N   1 
ATOM   1321 C CA  . PHE B 1 77 ? 4.799   -0.627  31.762  1.00 17.42 ? 94  PHE B CA  1 
ATOM   1322 C C   . PHE B 1 77 ? 5.694   0.608   31.734  1.00 19.27 ? 94  PHE B C   1 
ATOM   1323 O O   . PHE B 1 77 ? 6.695   0.666   32.448  1.00 18.88 ? 94  PHE B O   1 
ATOM   1324 C CB  . PHE B 1 77 ? 5.063   -1.490  30.520  1.00 16.79 ? 94  PHE B CB  1 
ATOM   1325 C CG  . PHE B 1 77 ? 6.524   -1.666  30.205  1.00 17.90 ? 94  PHE B CG  1 
ATOM   1326 C CD1 . PHE B 1 77 ? 7.120   -0.934  29.180  1.00 19.24 ? 94  PHE B CD1 1 
ATOM   1327 C CD2 . PHE B 1 77 ? 7.314   -2.532  30.957  1.00 17.91 ? 94  PHE B CD2 1 
ATOM   1328 C CE1 . PHE B 1 77 ? 8.483   -1.061  28.911  1.00 21.33 ? 94  PHE B CE1 1 
ATOM   1329 C CE2 . PHE B 1 77 ? 8.679   -2.663  30.694  1.00 16.47 ? 94  PHE B CE2 1 
ATOM   1330 C CZ  . PHE B 1 77 ? 9.261   -1.927  29.671  1.00 19.00 ? 94  PHE B CZ  1 
ATOM   1331 N N   . ILE B 1 78 ? 5.336   1.591   30.911  1.00 16.68 ? 95  ILE B N   1 
ATOM   1332 C CA  . ILE B 1 78 ? 6.129   2.816   30.823  1.00 17.02 ? 95  ILE B CA  1 
ATOM   1333 C C   . ILE B 1 78 ? 6.189   3.487   32.189  1.00 17.93 ? 95  ILE B C   1 
ATOM   1334 O O   . ILE B 1 78 ? 7.245   3.980   32.602  1.00 18.69 ? 95  ILE B O   1 
ATOM   1335 C CB  . ILE B 1 78 ? 5.538   3.785   29.778  1.00 17.93 ? 95  ILE B CB  1 
ATOM   1336 C CG1 . ILE B 1 78 ? 5.803   3.228   28.375  1.00 18.91 ? 95  ILE B CG1 1 
ATOM   1337 C CG2 . ILE B 1 78 ? 6.148   5.182   29.931  1.00 19.44 ? 95  ILE B CG2 1 
ATOM   1338 C CD1 . ILE B 1 78 ? 5.140   4.005   27.264  1.00 23.59 ? 95  ILE B CD1 1 
ATOM   1339 N N   . HIS B 1 79 ? 5.066   3.489   32.899  1.00 17.03 ? 96  HIS B N   1 
ATOM   1340 C CA  . HIS B 1 79 ? 5.020   4.092   34.232  1.00 18.09 ? 96  HIS B CA  1 
ATOM   1341 C C   . HIS B 1 79 ? 5.985   3.378   35.175  1.00 19.63 ? 96  HIS B C   1 
ATOM   1342 O O   . HIS B 1 79 ? 6.788   4.019   35.858  1.00 19.90 ? 96  HIS B O   1 
ATOM   1343 C CB  . HIS B 1 79 ? 3.607   4.014   34.817  1.00 20.92 ? 96  HIS B CB  1 
ATOM   1344 C CG  . HIS B 1 79 ? 3.516   4.504   36.231  1.00 24.52 ? 96  HIS B CG  1 
ATOM   1345 N ND1 . HIS B 1 79 ? 3.485   5.841   36.557  1.00 28.98 ? 96  HIS B ND1 1 
ATOM   1346 C CD2 . HIS B 1 79 ? 3.488   3.830   37.406  1.00 26.77 ? 96  HIS B CD2 1 
ATOM   1347 C CE1 . HIS B 1 79 ? 3.440   5.972   37.872  1.00 28.42 ? 96  HIS B CE1 1 
ATOM   1348 N NE2 . HIS B 1 79 ? 3.442   4.768   38.410  1.00 28.83 ? 96  HIS B NE2 1 
ATOM   1349 N N   . LYS B 1 80 ? 5.903   2.052   35.214  1.00 18.59 ? 97  LYS B N   1 
ATOM   1350 C CA  . LYS B 1 80 ? 6.776   1.266   36.076  1.00 20.13 ? 97  LYS B CA  1 
ATOM   1351 C C   . LYS B 1 80 ? 8.238   1.426   35.680  1.00 20.74 ? 97  LYS B C   1 
ATOM   1352 O O   . LYS B 1 80 ? 9.113   1.500   36.540  1.00 22.12 ? 97  LYS B O   1 
ATOM   1353 C CB  . LYS B 1 80 ? 6.372   -0.209  36.041  1.00 24.13 ? 97  LYS B CB  1 
ATOM   1354 C CG  . LYS B 1 80 ? 5.262   -0.563  37.023  1.00 34.75 ? 97  LYS B CG  1 
ATOM   1355 C CD  . LYS B 1 80 ? 4.053   0.343   36.865  1.00 44.24 ? 97  LYS B CD  1 
ATOM   1356 C CE  . LYS B 1 80 ? 2.993   0.036   37.912  1.00 52.00 ? 97  LYS B CE  1 
ATOM   1357 N NZ  . LYS B 1 80 ? 1.826   0.952   37.800  1.00 54.31 ? 97  LYS B NZ  1 
ATOM   1358 N N   . LEU B 1 81 ? 8.500   1.482   34.379  1.00 18.55 ? 98  LEU B N   1 
ATOM   1359 C CA  . LEU B 1 81 ? 9.868   1.662   33.896  1.00 16.55 ? 98  LEU B CA  1 
ATOM   1360 C C   . LEU B 1 81 ? 10.404  2.989   34.421  1.00 19.70 ? 98  LEU B C   1 
ATOM   1361 O O   . LEU B 1 81 ? 11.527  3.072   34.922  1.00 19.58 ? 98  LEU B O   1 
ATOM   1362 C CB  . LEU B 1 81 ? 9.893   1.688   32.367  1.00 18.64 ? 98  LEU B CB  1 
ATOM   1363 C CG  . LEU B 1 81 ? 11.221  2.075   31.704  1.00 17.33 ? 98  LEU B CG  1 
ATOM   1364 C CD1 . LEU B 1 81 ? 12.270  0.991   31.952  1.00 20.56 ? 98  LEU B CD1 1 
ATOM   1365 C CD2 . LEU B 1 81 ? 11.000  2.264   30.208  1.00 19.93 ? 98  LEU B CD2 1 
ATOM   1366 N N   . ALA B 1 82 ? 9.583   4.025   34.313  1.00 19.04 ? 99  ALA B N   1 
ATOM   1367 C CA  . ALA B 1 82 ? 9.984   5.358   34.748  1.00 18.95 ? 99  ALA B CA  1 
ATOM   1368 C C   . ALA B 1 82 ? 10.231  5.500   36.244  1.00 23.22 ? 99  ALA B C   1 
ATOM   1369 O O   . ALA B 1 82 ? 11.269  6.018   36.656  1.00 22.76 ? 99  ALA B O   1 
ATOM   1370 C CB  . ALA B 1 82 ? 8.945   6.385   34.294  1.00 19.49 ? 99  ALA B CB  1 
ATOM   1371 N N   . VAL B 1 83 ? 9.294   5.034   37.064  1.00 22.95 ? 100 VAL B N   1 
ATOM   1372 C CA  . VAL B 1 83 ? 9.433   5.181   38.511  1.00 24.36 ? 100 VAL B CA  1 
ATOM   1373 C C   . VAL B 1 83 ? 10.232  4.108   39.245  1.00 25.56 ? 100 VAL B C   1 
ATOM   1374 O O   . VAL B 1 83 ? 10.840  4.389   40.278  1.00 26.07 ? 100 VAL B O   1 
ATOM   1375 C CB  . VAL B 1 83 ? 8.048   5.296   39.189  1.00 28.82 ? 100 VAL B CB  1 
ATOM   1376 C CG1 . VAL B 1 83 ? 7.260   6.437   38.560  1.00 26.52 ? 100 VAL B CG1 1 
ATOM   1377 C CG2 . VAL B 1 83 ? 7.296   3.984   39.065  1.00 30.22 ? 100 VAL B CG2 1 
ATOM   1378 N N   . ASN B 1 84 ? 10.249  2.888   38.720  1.00 22.10 ? 101 ASN B N   1 
ATOM   1379 C CA  . ASN B 1 84 ? 10.964  1.806   39.382  1.00 24.84 ? 101 ASN B CA  1 
ATOM   1380 C C   . ASN B 1 84 ? 12.314  1.432   38.776  1.00 24.00 ? 101 ASN B C   1 
ATOM   1381 O O   . ASN B 1 84 ? 13.072  0.663   39.370  1.00 26.32 ? 101 ASN B O   1 
ATOM   1382 C CB  . ASN B 1 84 ? 10.056  0.577   39.463  1.00 31.15 ? 101 ASN B CB  1 
ATOM   1383 C CG  . ASN B 1 84 ? 8.830   0.823   40.327  1.00 33.53 ? 101 ASN B CG  1 
ATOM   1384 O OD1 . ASN B 1 84 ? 7.880   0.042   40.316  1.00 43.12 ? 101 ASN B OD1 1 
ATOM   1385 N ND2 . ASN B 1 84 ? 8.851   1.912   41.089  1.00 30.64 ? 101 ASN B ND2 1 
ATOM   1386 N N   . VAL B 1 85 ? 12.622  1.972   37.602  1.00 21.50 ? 102 VAL B N   1 
ATOM   1387 C CA  . VAL B 1 85 ? 13.903  1.681   36.971  1.00 19.30 ? 102 VAL B CA  1 
ATOM   1388 C C   . VAL B 1 85 ? 14.681  2.955   36.663  1.00 22.79 ? 102 VAL B C   1 
ATOM   1389 O O   . VAL B 1 85 ? 15.808  3.128   37.131  1.00 23.55 ? 102 VAL B O   1 
ATOM   1390 C CB  . VAL B 1 85 ? 13.726  0.882   35.665  1.00 21.23 ? 102 VAL B CB  1 
ATOM   1391 C CG1 . VAL B 1 85 ? 15.085  0.651   35.010  1.00 24.21 ? 102 VAL B CG1 1 
ATOM   1392 C CG2 . VAL B 1 85 ? 13.050  -0.455  35.961  1.00 25.49 ? 102 VAL B CG2 1 
ATOM   1393 N N   . GLN B 1 86 ? 14.080  3.850   35.886  1.00 20.74 ? 103 GLN B N   1 
ATOM   1394 C CA  . GLN B 1 86 ? 14.752  5.093   35.520  1.00 20.86 ? 103 GLN B CA  1 
ATOM   1395 C C   . GLN B 1 86 ? 14.996  6.031   36.698  1.00 20.55 ? 103 GLN B C   1 
ATOM   1396 O O   . GLN B 1 86 ? 16.101  6.558   36.856  1.00 19.89 ? 103 GLN B O   1 
ATOM   1397 C CB  . GLN B 1 86 ? 13.959  5.814   34.427  1.00 20.95 ? 103 GLN B CB  1 
ATOM   1398 C CG  . GLN B 1 86 ? 13.886  5.018   33.135  1.00 22.04 ? 103 GLN B CG  1 
ATOM   1399 C CD  . GLN B 1 86 ? 13.094  5.714   32.049  1.00 26.53 ? 103 GLN B CD  1 
ATOM   1400 O OE1 . GLN B 1 86 ? 11.914  6.006   32.220  1.00 28.78 ? 103 GLN B OE1 1 
ATOM   1401 N NE2 . GLN B 1 86 ? 13.742  5.977   30.921  1.00 31.96 ? 103 GLN B NE2 1 
ATOM   1402 N N   . LEU B 1 87 ? 13.984  6.243   37.533  1.00 19.84 ? 104 LEU B N   1 
ATOM   1403 C CA  . LEU B 1 87 ? 14.153  7.137   38.674  1.00 22.00 ? 104 LEU B CA  1 
ATOM   1404 C C   . LEU B 1 87 ? 15.290  6.682   39.596  1.00 23.56 ? 104 LEU B C   1 
ATOM   1405 O O   . LEU B 1 87 ? 16.163  7.478   39.944  1.00 20.18 ? 104 LEU B O   1 
ATOM   1406 C CB  . LEU B 1 87 ? 12.845  7.267   39.462  1.00 24.21 ? 104 LEU B CB  1 
ATOM   1407 C CG  . LEU B 1 87 ? 12.895  8.148   40.718  1.00 26.61 ? 104 LEU B CG  1 
ATOM   1408 C CD1 . LEU B 1 87 ? 13.472  9.518   40.381  1.00 28.08 ? 104 LEU B CD1 1 
ATOM   1409 C CD2 . LEU B 1 87 ? 11.492  8.287   41.297  1.00 24.68 ? 104 LEU B CD2 1 
ATOM   1410 N N   . PRO B 1 88 ? 15.296  5.400   40.006  1.00 20.06 ? 105 PRO B N   1 
ATOM   1411 C CA  . PRO B 1 88 ? 16.373  4.926   40.884  1.00 22.28 ? 105 PRO B CA  1 
ATOM   1412 C C   . PRO B 1 88 ? 17.749  5.076   40.228  1.00 23.57 ? 105 PRO B C   1 
ATOM   1413 O O   . PRO B 1 88 ? 18.735  5.408   40.891  1.00 22.05 ? 105 PRO B O   1 
ATOM   1414 C CB  . PRO B 1 88 ? 16.008  3.461   41.117  1.00 24.63 ? 105 PRO B CB  1 
ATOM   1415 C CG  . PRO B 1 88 ? 14.518  3.476   41.044  1.00 28.67 ? 105 PRO B CG  1 
ATOM   1416 C CD  . PRO B 1 88 ? 14.251  4.369   39.861  1.00 25.33 ? 105 PRO B CD  1 
ATOM   1417 N N   . SER B 1 89 ? 17.808  4.828   38.923  1.00 19.28 ? 106 SER B N   1 
ATOM   1418 C CA  . SER B 1 89 ? 19.059  4.936   38.179  1.00 19.46 ? 106 SER B CA  1 
ATOM   1419 C C   . SER B 1 89 ? 19.538  6.384   38.170  1.00 22.16 ? 106 SER B C   1 
ATOM   1420 O O   . SER B 1 89 ? 20.731  6.657   38.339  1.00 24.18 ? 106 SER B O   1 
ATOM   1421 C CB  . SER B 1 89 ? 18.861  4.442   36.744  1.00 24.16 ? 106 SER B CB  1 
ATOM   1422 O OG  . SER B 1 89 ? 20.049  4.589   35.988  1.00 31.27 ? 106 SER B OG  1 
ATOM   1423 N N   . ILE B 1 90 ? 18.603  7.307   37.967  1.00 19.56 ? 107 ILE B N   1 
ATOM   1424 C CA  . ILE B 1 90 ? 18.916  8.733   37.946  1.00 21.95 ? 107 ILE B CA  1 
ATOM   1425 C C   . ILE B 1 90 ? 19.439  9.166   39.311  1.00 22.56 ? 107 ILE B C   1 
ATOM   1426 O O   . ILE B 1 90 ? 20.456  9.855   39.410  1.00 21.66 ? 107 ILE B O   1 
ATOM   1427 C CB  . ILE B 1 90 ? 17.663  9.567   37.589  1.00 22.60 ? 107 ILE B CB  1 
ATOM   1428 C CG1 . ILE B 1 90 ? 17.303  9.340   36.118  1.00 26.71 ? 107 ILE B CG1 1 
ATOM   1429 C CG2 . ILE B 1 90 ? 17.910  11.046  37.868  1.00 27.62 ? 107 ILE B CG2 1 
ATOM   1430 C CD1 . ILE B 1 90 ? 16.006  10.001  35.687  1.00 33.18 ? 107 ILE B CD1 1 
ATOM   1431 N N   . LEU B 1 91 ? 18.746  8.751   40.366  1.00 18.73 ? 108 LEU B N   1 
ATOM   1432 C CA  . LEU B 1 91 ? 19.165  9.103   41.717  1.00 20.90 ? 108 LEU B CA  1 
ATOM   1433 C C   . LEU B 1 91 ? 20.565  8.579   42.018  1.00 22.14 ? 108 LEU B C   1 
ATOM   1434 O O   . LEU B 1 91 ? 21.384  9.286   42.608  1.00 22.02 ? 108 LEU B O   1 
ATOM   1435 C CB  . LEU B 1 91 ? 18.178  8.551   42.747  1.00 22.18 ? 108 LEU B CB  1 
ATOM   1436 C CG  . LEU B 1 91 ? 16.784  9.184   42.744  1.00 29.97 ? 108 LEU B CG  1 
ATOM   1437 C CD1 . LEU B 1 91 ? 15.928  8.521   43.808  1.00 27.63 ? 108 LEU B CD1 1 
ATOM   1438 C CD2 . LEU B 1 91 ? 16.890  10.682  43.002  1.00 27.39 ? 108 LEU B CD2 1 
ATOM   1439 N N   . SER B 1 92 ? 20.843  7.343   41.614  1.00 19.63 ? 109 SER B N   1 
ATOM   1440 C CA  . SER B 1 92 ? 22.158  6.763   41.865  1.00 20.93 ? 109 SER B CA  1 
ATOM   1441 C C   . SER B 1 92 ? 23.225  7.532   41.097  1.00 21.89 ? 109 SER B C   1 
ATOM   1442 O O   . SER B 1 92 ? 24.345  7.708   41.579  1.00 24.11 ? 109 SER B O   1 
ATOM   1443 C CB  . SER B 1 92 ? 22.190  5.289   41.450  1.00 26.70 ? 109 SER B CB  1 
ATOM   1444 O OG  . SER B 1 92 ? 22.091  5.150   40.045  1.00 42.77 ? 109 SER B OG  1 
ATOM   1445 N N   . ASN B 1 93 ? 22.871  7.991   39.901  1.00 21.16 ? 110 ASN B N   1 
ATOM   1446 C CA  . ASN B 1 93 ? 23.809  8.732   39.066  1.00 21.69 ? 110 ASN B CA  1 
ATOM   1447 C C   . ASN B 1 93 ? 23.995  10.186  39.499  1.00 22.52 ? 110 ASN B C   1 
ATOM   1448 O O   . ASN B 1 93 ? 24.838  10.896  38.950  1.00 21.06 ? 110 ASN B O   1 
ATOM   1449 C CB  . ASN B 1 93 ? 23.377  8.665   37.598  1.00 23.65 ? 110 ASN B CB  1 
ATOM   1450 C CG  . ASN B 1 93 ? 23.585  7.285   36.996  1.00 29.33 ? 110 ASN B CG  1 
ATOM   1451 O OD1 . ASN B 1 93 ? 24.644  6.683   37.163  1.00 35.91 ? 110 ASN B OD1 1 
ATOM   1452 N ND2 . ASN B 1 93 ? 22.581  6.783   36.289  1.00 37.32 ? 110 ASN B ND2 1 
ATOM   1453 N N   . LEU B 1 94 ? 23.215  10.628  40.481  1.00 20.71 ? 111 LEU B N   1 
ATOM   1454 C CA  . LEU B 1 94 ? 23.333  11.998  40.986  1.00 19.92 ? 111 LEU B CA  1 
ATOM   1455 C C   . LEU B 1 94 ? 24.120  12.049  42.295  1.00 21.89 ? 111 LEU B C   1 
ATOM   1456 O O   . LEU B 1 94 ? 24.379  13.125  42.835  1.00 24.64 ? 111 LEU B O   1 
ATOM   1457 C CB  . LEU B 1 94 ? 21.948  12.617  41.202  1.00 20.45 ? 111 LEU B CB  1 
ATOM   1458 C CG  . LEU B 1 94 ? 21.186  13.090  39.965  1.00 22.03 ? 111 LEU B CG  1 
ATOM   1459 C CD1 . LEU B 1 94 ? 19.781  13.516  40.371  1.00 22.99 ? 111 LEU B CD1 1 
ATOM   1460 C CD2 . LEU B 1 94 ? 21.933  14.249  39.314  1.00 24.17 ? 111 LEU B CD2 1 
ATOM   1461 N N   . VAL B 1 95 ? 24.502  10.884  42.806  1.00 23.13 ? 112 VAL B N   1 
ATOM   1462 C CA  . VAL B 1 95 ? 25.264  10.815  44.049  1.00 24.11 ? 112 VAL B CA  1 
ATOM   1463 C C   . VAL B 1 95 ? 26.694  11.310  43.833  1.00 23.13 ? 112 VAL B C   1 
ATOM   1464 O O   . VAL B 1 95 ? 27.383  10.850  42.928  1.00 21.92 ? 112 VAL B O   1 
ATOM   1465 C CB  . VAL B 1 95 ? 25.336  9.372   44.582  1.00 26.01 ? 112 VAL B CB  1 
ATOM   1466 C CG1 . VAL B 1 95 ? 26.273  9.303   45.780  1.00 32.61 ? 112 VAL B CG1 1 
ATOM   1467 C CG2 . VAL B 1 95 ? 23.944  8.892   44.967  1.00 29.99 ? 112 VAL B CG2 1 
ATOM   1468 N N   . PRO B 1 96 ? 27.155  12.260  44.661  1.00 23.50 ? 113 PRO B N   1 
ATOM   1469 C CA  . PRO B 1 96 ? 28.521  12.763  44.498  1.00 24.06 ? 113 PRO B CA  1 
ATOM   1470 C C   . PRO B 1 96 ? 29.546  11.864  45.183  1.00 27.55 ? 113 PRO B C   1 
ATOM   1471 O O   . PRO B 1 96 ? 29.288  11.320  46.259  1.00 26.21 ? 113 PRO B O   1 
ATOM   1472 C CB  . PRO B 1 96 ? 28.450  14.145  45.137  1.00 25.14 ? 113 PRO B CB  1 
ATOM   1473 C CG  . PRO B 1 96 ? 27.510  13.911  46.279  1.00 26.94 ? 113 PRO B CG  1 
ATOM   1474 C CD  . PRO B 1 96 ? 26.408  13.078  45.636  1.00 29.05 ? 113 PRO B CD  1 
ATOM   1475 N N   . ARG B 1 97 ? 30.704  11.705  44.549  1.00 26.48 ? 114 ARG B N   1 
ATOM   1476 C CA  . ARG B 1 97 ? 31.785  10.890  45.095  1.00 33.44 ? 114 ARG B CA  1 
ATOM   1477 C C   . ARG B 1 97 ? 33.093  11.666  45.045  1.00 35.43 ? 114 ARG B C   1 
ATOM   1478 O O   . ARG B 1 97 ? 33.810  11.681  46.068  1.00 41.44 ? 114 ARG B O   1 
ATOM   1479 C CB  . ARG B 1 97 ? 31.948  9.592   44.306  1.00 34.68 ? 114 ARG B CB  1 
ATOM   1480 C CG  . ARG B 1 97 ? 30.789  8.631   44.422  1.00 34.84 ? 114 ARG B CG  1 
ATOM   1481 C CD  . ARG B 1 97 ? 31.190  7.256   43.912  1.00 36.93 ? 114 ARG B CD  1 
ATOM   1482 N NE  . ARG B 1 97 ? 30.082  6.313   43.988  1.00 36.84 ? 114 ARG B NE  1 
ATOM   1483 C CZ  . ARG B 1 97 ? 28.968  6.417   43.272  1.00 39.57 ? 114 ARG B CZ  1 
ATOM   1484 N NH1 . ARG B 1 97 ? 28.816  7.421   42.420  1.00 36.44 ? 114 ARG B NH1 1 
ATOM   1485 N NH2 . ARG B 1 97 ? 28.004  5.519   43.413  1.00 32.19 ? 114 ARG B NH2 1 
ATOM   1486 O OXT . ARG B 1 97 ? 33.392  12.239  43.975  1.00 32.38 ? 114 ARG B OXT 1 
HETATM 1487 C C1  . MPD C 2 .  ? 5.492   -6.155  -22.414 1.00 28.39 ? 501 MPD A C1  1 
HETATM 1488 C C2  . MPD C 2 .  ? 5.957   -7.592  -22.703 1.00 31.54 ? 501 MPD A C2  1 
HETATM 1489 O O2  . MPD C 2 .  ? 4.858   -8.495  -22.540 1.00 29.69 ? 501 MPD A O2  1 
HETATM 1490 C CM  . MPD C 2 .  ? 6.473   -7.661  -24.139 1.00 34.54 ? 501 MPD A CM  1 
HETATM 1491 C C3  . MPD C 2 .  ? 7.115   -7.983  -21.749 1.00 27.31 ? 501 MPD A C3  1 
HETATM 1492 C C4  . MPD C 2 .  ? 7.798   -9.316  -22.136 1.00 26.88 ? 501 MPD A C4  1 
HETATM 1493 O O4  . MPD C 2 .  ? 8.736   -9.699  -21.121 1.00 34.04 ? 501 MPD A O4  1 
HETATM 1494 C C5  . MPD C 2 .  ? 6.745   -10.409 -22.277 1.00 20.55 ? 501 MPD A C5  1 
HETATM 1495 C C1  . MPD D 2 .  ? -10.744 1.763   -27.443 1.00 52.60 ? 503 MPD A C1  1 
HETATM 1496 C C2  . MPD D 2 .  ? -11.531 0.671   -26.713 1.00 56.28 ? 503 MPD A C2  1 
HETATM 1497 O O2  . MPD D 2 .  ? -12.916 1.025   -26.668 1.00 55.57 ? 503 MPD A O2  1 
HETATM 1498 C CM  . MPD D 2 .  ? -11.362 -0.657  -27.446 1.00 53.41 ? 503 MPD A CM  1 
HETATM 1499 C C3  . MPD D 2 .  ? -11.007 0.526   -25.281 1.00 54.32 ? 503 MPD A C3  1 
HETATM 1500 C C4  . MPD D 2 .  ? -11.764 -0.061  -24.086 1.00 57.37 ? 503 MPD A C4  1 
HETATM 1501 O O4  . MPD D 2 .  ? -12.682 -1.059  -24.539 1.00 54.18 ? 503 MPD A O4  1 
HETATM 1502 C C5  . MPD D 2 .  ? -10.769 -0.679  -23.103 1.00 54.45 ? 503 MPD A C5  1 
HETATM 1503 K K   . K   E 3 .  ? 2.098   12.773  -22.082 0.25 15.77 ? 5   K   A K   1 
HETATM 1504 K K   . K   F 3 .  ? 1.842   12.605  -18.606 0.25 12.97 ? 6   K   A K   1 
HETATM 1505 K K   . K   G 3 .  ? 1.618   12.459  -15.564 0.25 12.93 ? 7   K   A K   1 
HETATM 1506 K K   . K   H 3 .  ? 1.363   12.292  -12.100 0.25 13.93 ? 8   K   A K   1 
HETATM 1507 K K   . K   I 3 .  ? 0.860   11.963  -5.264  0.25 61.67 ? 9   K   A K   1 
HETATM 1508 C C1  . MPD J 2 .  ? 13.983  -2.283  26.298  1.00 49.44 ? 502 MPD B C1  1 
HETATM 1509 C C2  . MPD J 2 .  ? 13.018  -1.152  26.663  1.00 51.97 ? 502 MPD B C2  1 
HETATM 1510 O O2  . MPD J 2 .  ? 12.992  -0.984  28.082  1.00 56.08 ? 502 MPD B O2  1 
HETATM 1511 C CM  . MPD J 2 .  ? 13.477  0.143   25.999  1.00 54.01 ? 502 MPD B CM  1 
HETATM 1512 C C3  . MPD J 2 .  ? 11.608  -1.505  26.174  1.00 49.48 ? 502 MPD B C3  1 
HETATM 1513 C C4  . MPD J 2 .  ? 11.252  -2.395  24.985  1.00 50.98 ? 502 MPD B C4  1 
HETATM 1514 O O4  . MPD J 2 .  ? 11.904  -3.660  25.118  1.00 49.97 ? 502 MPD B O4  1 
HETATM 1515 C C5  . MPD J 2 .  ? 9.736   -2.593  24.921  1.00 48.70 ? 502 MPD B C5  1 
HETATM 1516 C C1  . MPD K 2 .  ? -1.510  -4.524  34.784  1.00 53.24 ? 504 MPD B C1  1 
HETATM 1517 C C2  . MPD K 2 .  ? -1.924  -3.111  34.368  1.00 52.52 ? 504 MPD B C2  1 
HETATM 1518 O O2  . MPD K 2 .  ? -2.150  -3.074  32.955  1.00 52.58 ? 504 MPD B O2  1 
HETATM 1519 C CM  . MPD K 2 .  ? -3.204  -2.714  35.110  1.00 51.95 ? 504 MPD B CM  1 
HETATM 1520 C C3  . MPD K 2 .  ? -0.805  -2.126  34.720  1.00 54.15 ? 504 MPD B C3  1 
HETATM 1521 C C4  . MPD K 2 .  ? -0.135  -1.720  36.033  1.00 54.47 ? 504 MPD B C4  1 
HETATM 1522 O O4  . MPD K 2 .  ? 0.359   -0.383  35.921  1.00 60.31 ? 504 MPD B O4  1 
HETATM 1523 C C5  . MPD K 2 .  ? -1.146  -1.805  37.179  1.00 54.68 ? 504 MPD B C5  1 
HETATM 1524 C C1  . MPD L 2 .  ? 4.303   8.664   36.021  1.00 57.70 ? 505 MPD B C1  1 
HETATM 1525 C C2  . MPD L 2 .  ? 4.765   9.084   34.625  1.00 54.45 ? 505 MPD B C2  1 
HETATM 1526 O O2  . MPD L 2 .  ? 4.543   10.488  34.452  1.00 56.28 ? 505 MPD B O2  1 
HETATM 1527 C CM  . MPD L 2 .  ? 6.244   8.784   34.465  1.00 52.78 ? 505 MPD B CM  1 
HETATM 1528 C C3  . MPD L 2 .  ? 3.985   8.297   33.563  1.00 55.11 ? 505 MPD B C3  1 
HETATM 1529 C C4  . MPD L 2 .  ? 4.055   8.231   32.031  1.00 54.72 ? 505 MPD B C4  1 
HETATM 1530 O O4  . MPD L 2 .  ? 2.739   8.152   31.492  1.00 59.52 ? 505 MPD B O4  1 
HETATM 1531 C C5  . MPD L 2 .  ? 4.746   9.475   31.468  1.00 57.22 ? 505 MPD B C5  1 
HETATM 1532 K K   . K   M 3 .  ? -1.143  10.654  21.932  0.25 15.68 ? 1   K   B K   1 
HETATM 1533 K K   . K   N 3 .  ? -0.883  10.824  18.402  0.25 18.67 ? 2   K   B K   1 
HETATM 1534 K K   . K   O 3 .  ? -0.656  10.972  15.317  0.25 22.42 ? 3   K   B K   1 
HETATM 1535 K K   . K   P 3 .  ? -0.403  11.137  11.890  0.25 23.85 ? 4   K   B K   1 
HETATM 1536 O O   . HOH Q 4 .  ? -3.999  5.182   -13.288 1.00 15.69 ? 1   HOH A O   1 
HETATM 1537 O O   . HOH Q 4 .  ? 2.395   6.957   -7.862  1.00 29.11 ? 2   HOH A O   1 
HETATM 1538 O O   . HOH Q 4 .  ? -1.262  6.117   -13.157 1.00 14.71 ? 4   HOH A O   1 
HETATM 1539 O O   . HOH Q 4 .  ? -12.789 -5.414  -11.201 1.00 26.12 ? 10  HOH A O   1 
HETATM 1540 O O   . HOH Q 4 .  ? 9.991   -2.034  -6.312  1.00 21.76 ? 11  HOH A O   1 
HETATM 1541 O O   . HOH Q 4 .  ? 5.603   3.027   -7.645  1.00 27.33 ? 13  HOH A O   1 
HETATM 1542 O O   . HOH Q 4 .  ? -9.334  1.158   -6.131  1.00 26.78 ? 14  HOH A O   1 
HETATM 1543 O O   . HOH Q 4 .  ? 2.072   -7.677  -22.614 1.00 34.77 ? 15  HOH A O   1 
HETATM 1544 O O   . HOH Q 4 .  ? -0.698  10.878  -8.147  1.00 35.09 ? 115 HOH A O   1 
HETATM 1545 O O   . HOH Q 4 .  ? -7.084  -2.099  -7.059  1.00 20.34 ? 116 HOH A O   1 
HETATM 1546 O O   . HOH Q 4 .  ? -13.268 -5.667  -16.256 1.00 62.25 ? 117 HOH A O   1 
HETATM 1547 O O   . HOH Q 4 .  ? 0.194   -11.295 -18.786 1.00 45.73 ? 118 HOH A O   1 
HETATM 1548 O O   . HOH Q 4 .  ? 1.402   -6.922  -25.272 1.00 48.17 ? 119 HOH A O   1 
HETATM 1549 O O   . HOH Q 4 .  ? 0.423   -2.277  -6.661  1.00 40.94 ? 120 HOH A O   1 
HETATM 1550 O O   . HOH Q 4 .  ? -14.673 -0.814  -21.229 1.00 58.09 ? 121 HOH A O   1 
HETATM 1551 O O   . HOH Q 4 .  ? -24.559 14.885  -44.424 1.00 42.01 ? 122 HOH A O   1 
HETATM 1552 O O   . HOH Q 4 .  ? -20.077 9.122   -41.718 1.00 59.66 ? 123 HOH A O   1 
HETATM 1553 O O   . HOH Q 4 .  ? -3.980  -3.392  -4.264  1.00 58.09 ? 124 HOH A O   1 
HETATM 1554 O O   . HOH Q 4 .  ? -21.564 19.583  -35.221 1.00 57.24 ? 125 HOH A O   1 
HETATM 1555 O O   . HOH Q 4 .  ? 1.386   2.864   -6.142  1.00 54.74 ? 126 HOH A O   1 
HETATM 1556 O O   . HOH Q 4 .  ? -0.787  1.160   -7.330  1.00 37.08 ? 127 HOH A O   1 
HETATM 1557 O O   . HOH Q 4 .  ? 8.996   -8.763  -16.826 1.00 55.04 ? 128 HOH A O   1 
HETATM 1558 O O   . HOH Q 4 .  ? -19.049 11.008  -33.662 1.00 59.88 ? 129 HOH A O   1 
HETATM 1559 O O   . HOH Q 4 .  ? -5.102  -1.170  -5.053  1.00 46.67 ? 130 HOH A O   1 
HETATM 1560 O O   . HOH Q 4 .  ? 4.558   3.833   -5.389  1.00 43.34 ? 131 HOH A O   1 
HETATM 1561 O O   . HOH Q 4 .  ? -6.772  -8.716  -8.411  1.00 47.53 ? 132 HOH A O   1 
HETATM 1562 O O   . HOH Q 4 .  ? -2.141  -0.534  -41.251 1.00 63.58 ? 133 HOH A O   1 
HETATM 1563 O O   . HOH Q 4 .  ? 0.879   -6.557  -3.827  1.00 61.06 ? 134 HOH A O   1 
HETATM 1564 O O   . HOH Q 4 .  ? -15.219 -2.944  -17.962 1.00 58.17 ? 135 HOH A O   1 
HETATM 1565 O O   . HOH Q 4 .  ? -9.205  -10.880 -15.214 1.00 59.66 ? 136 HOH A O   1 
HETATM 1566 O O   . HOH Q 4 .  ? -0.415  -11.256 -21.208 1.00 51.17 ? 137 HOH A O   1 
HETATM 1567 O O   . HOH Q 4 .  ? -10.275 14.814  -35.947 1.00 58.58 ? 138 HOH A O   1 
HETATM 1568 O O   . HOH Q 4 .  ? -13.726 3.472   -27.937 1.00 62.83 ? 139 HOH A O   1 
HETATM 1569 O O   . HOH Q 4 .  ? 3.403   6.873   -5.426  1.00 45.39 ? 140 HOH A O   1 
HETATM 1570 O O   . HOH Q 4 .  ? -10.434 -9.954  -29.048 1.00 55.99 ? 141 HOH A O   1 
HETATM 1571 O O   . HOH Q 4 .  ? -17.504 19.285  -46.683 1.00 58.07 ? 142 HOH A O   1 
HETATM 1572 O O   . HOH Q 4 .  ? -11.246 18.443  -45.516 1.00 63.20 ? 143 HOH A O   1 
HETATM 1573 O O   . HOH Q 4 .  ? -9.413  0.557   -45.044 1.00 54.30 ? 144 HOH A O   1 
HETATM 1574 O O   . HOH Q 4 .  ? -2.533  -12.482 -23.344 1.00 59.33 ? 145 HOH A O   1 
HETATM 1575 O O   . HOH R 4 .  ? 4.049   3.303   12.306  1.00 25.05 ? 5   HOH B O   1 
HETATM 1576 O O   . HOH R 4 .  ? 1.549   10.167  7.871   1.00 51.55 ? 7   HOH B O   1 
HETATM 1577 O O   . HOH R 4 .  ? 26.831  9.114   41.004  1.00 19.20 ? 8   HOH B O   1 
HETATM 1578 O O   . HOH R 4 .  ? 34.816  11.352  41.813  1.00 28.71 ? 12  HOH B O   1 
HETATM 1579 O O   . HOH R 4 .  ? 6.326   -3.815  5.425   1.00 36.93 ? 16  HOH B O   1 
HETATM 1580 O O   . HOH R 4 .  ? -5.902  -1.265  28.145  1.00 27.68 ? 17  HOH B O   1 
HETATM 1581 O O   . HOH R 4 .  ? 1.420   4.558   12.315  1.00 21.77 ? 115 HOH B O   1 
HETATM 1582 O O   . HOH R 4 .  ? -3.816  -9.300  22.389  1.00 61.03 ? 116 HOH B O   1 
HETATM 1583 O O   . HOH R 4 .  ? -4.009  -2.979  28.750  1.00 36.30 ? 117 HOH B O   1 
HETATM 1584 O O   . HOH R 4 .  ? -11.241 -5.223  3.585   1.00 42.05 ? 118 HOH B O   1 
HETATM 1585 O O   . HOH R 4 .  ? 14.716  13.482  40.158  1.00 60.28 ? 119 HOH B O   1 
HETATM 1586 O O   . HOH R 4 .  ? 3.467   3.536   40.776  1.00 52.46 ? 120 HOH B O   1 
HETATM 1587 O O   . HOH R 4 .  ? -5.786  3.044   6.654   1.00 35.44 ? 121 HOH B O   1 
HETATM 1588 O O   . HOH R 4 .  ? 2.846   12.352  34.559  1.00 59.07 ? 123 HOH B O   1 
HETATM 1589 O O   . HOH R 4 .  ? -8.144  0.594   2.271   1.00 53.52 ? 124 HOH B O   1 
HETATM 1590 O O   . HOH R 4 .  ? 14.818  -12.567 39.334  1.00 58.26 ? 125 HOH B O   1 
HETATM 1591 O O   . HOH R 4 .  ? 7.609   -2.106  39.138  1.00 41.42 ? 126 HOH B O   1 
HETATM 1592 O O   . HOH R 4 .  ? -5.292  3.483   4.151   1.00 55.76 ? 127 HOH B O   1 
HETATM 1593 O O   . HOH R 4 .  ? 14.952  -1.573  29.702  1.00 53.01 ? 128 HOH B O   1 
HETATM 1594 O O   . HOH R 4 .  ? -8.548  2.739   4.553   1.00 44.99 ? 129 HOH B O   1 
HETATM 1595 O O   . HOH R 4 .  ? -6.238  -9.234  20.288  1.00 61.71 ? 130 HOH B O   1 
HETATM 1596 O O   . HOH R 4 .  ? 4.631   8.260   5.222   1.00 56.33 ? 131 HOH B O   1 
HETATM 1597 O O   . HOH R 4 .  ? 21.895  7.935   32.677  1.00 57.55 ? 132 HOH B O   1 
HETATM 1598 O O   . HOH R 4 .  ? 11.081  0.150   3.171   1.00 52.22 ? 133 HOH B O   1 
HETATM 1599 O O   . HOH R 4 .  ? 11.533  -8.221  14.012  1.00 58.91 ? 134 HOH B O   1 
HETATM 1600 O O   . HOH R 4 .  ? 9.099   -0.451  4.898   1.00 45.72 ? 135 HOH B O   1 
HETATM 1601 O O   . HOH R 4 .  ? -3.662  -9.370  28.159  1.00 64.06 ? 136 HOH B O   1 
HETATM 1602 O O   . HOH R 4 .  ? 4.008   -9.005  2.154   1.00 63.04 ? 137 HOH B O   1 
HETATM 1603 O O   . HOH R 4 .  ? 35.057  14.348  44.572  1.00 44.55 ? 138 HOH B O   1 
HETATM 1604 O O   . HOH R 4 .  ? -10.709 -10.396 15.866  1.00 65.40 ? 139 HOH B O   1 
HETATM 1605 O O   . HOH R 4 .  ? -1.772  -10.113 25.843  1.00 55.15 ? 140 HOH B O   1 
HETATM 1606 O O   . HOH R 4 .  ? -10.672 -1.128  4.724   1.00 47.42 ? 141 HOH B O   1 
HETATM 1607 O O   . HOH R 4 .  ? -15.096 -9.234  16.723  1.00 59.25 ? 142 HOH B O   1 
# 
